data_4A0R
#
_entry.id   4A0R
#
_cell.length_a   246.670
_cell.length_b   76.630
_cell.length_c   79.840
_cell.angle_alpha   90.00
_cell.angle_beta   108.02
_cell.angle_gamma   90.00
#
_symmetry.space_group_name_H-M   'C 1 2 1'
#
loop_
_entity.id
_entity.type
_entity.pdbx_description
1 polymer 'ADENOSYLMETHIONINE-8-AMINO-7-OXONONANOATE AMINOTRANSFERASE'
2 non-polymer "PYRIDOXAL-5'-PHOSPHATE"
3 non-polymer 'L(+)-TARTARIC ACID'
4 non-polymer '6-(5-METHYL-2-OXO-IMIDAZOLIDIN-4-YL)-HEXANOIC ACID'
5 water water
#
_entity_poly.entity_id   1
_entity_poly.type   'polypeptide(L)'
_entity_poly.pdbx_seq_one_letter_code
;GSSHHHHHHSSGLVPRGSHMKSTSVSPFHLPLNHPTYLIWSANTSLGKTLVSTGIAASFLLQQPSSSATKLLYLKPIQTG
FPSDSDSRFVFSKLDSLSLRRQIPISISNSVLHSSLPAAKSLGLNVEVSESGMCSLNFRDEKTVTGAPELLCKTLYAWEA
AISPHLAAERENATVEDSVVLQMIEKCLKEEMECGVKSEKSDLLCLVETAGGVASPGPSGTLQCDLYRPFRLPGILVGDG
RLGGISGTIAAYESLKLRGYDIAAVVFEDHGLVNEVPLTSYLRNKVPVLVLPPVPKDPSDDLIEWFVESDGVFKALKETM
VLANLERLERLNGMAKLAGEVFWWPFTQHKLVHQETVTVIDSRCGENFSIYKASDNSSLSQQFDACASWWTQGPDPTFQA
ELAREMGYTAARFGHVMFPENVYEPALKCAELLLDGVGKGWASRVYFSDNGSTAIEIALKMAFRKFCVDHNFCEATEEEK
HIVVKVIALRGSYHGDTLGAMEAQAPSPYTGFLQQPWYTGRGLFLDPPTVFLSNGSWNISLPESFSEIAPEYGTFTSRDE
IFDKSRDASTLARIYSAYLSKHLQEHSGVRQSAHVGALIIEPVIHGAGGMHMVDPLFQRVLVNECRNRKIPVIFDEVFTG
FWRLGVETTTELLGCKPDIACFAKLLTGGMVPLAVTLATDAVFDSFSGDSKLKALLHGHSYSAHAMGCATAAKAIQWFKD
PETNHNITSQGKTLRELWDEELVQQISSHSAVQRVVVIGTLFALELKADASNSGYASLYAKSLLIMLREDGIFTRPLGNV
IYLMCGPCTSPEICRRLLTKLYKRLGEFNRT
;
_entity_poly.pdbx_strand_id   A,B
#
loop_
_chem_comp.id
_chem_comp.type
_chem_comp.name
_chem_comp.formula
DTB non-polymer '6-(5-METHYL-2-OXO-IMIDAZOLIDIN-4-YL)-HEXANOIC ACID' 'C10 H18 N2 O3'
PLP non-polymer PYRIDOXAL-5'-PHOSPHATE 'C8 H10 N O6 P'
TLA non-polymer 'L(+)-TARTARIC ACID' 'C4 H6 O6'
#
# COMPACT_ATOMS: atom_id res chain seq x y z
N PRO A 27 16.78 -7.64 21.30
CA PRO A 27 15.33 -7.75 21.48
C PRO A 27 14.83 -6.98 22.71
N PHE A 28 14.24 -5.81 22.49
CA PHE A 28 13.77 -4.99 23.60
C PHE A 28 12.65 -5.66 24.38
N HIS A 29 12.30 -5.03 25.51
CA HIS A 29 11.14 -5.34 26.35
C HIS A 29 10.54 -4.04 26.88
N LEU A 30 9.75 -3.37 26.05
CA LEU A 30 9.14 -2.08 26.39
C LEU A 30 7.91 -2.26 27.25
N PRO A 31 7.90 -1.60 28.42
CA PRO A 31 6.76 -1.70 29.33
C PRO A 31 5.69 -0.70 28.96
N LEU A 32 4.43 -1.10 29.05
CA LEU A 32 3.33 -0.21 28.70
C LEU A 32 2.45 0.11 29.88
N ASN A 33 2.78 -0.46 31.04
CA ASN A 33 2.04 -0.18 32.27
C ASN A 33 1.93 1.31 32.46
N HIS A 34 2.95 2.01 31.97
CA HIS A 34 3.05 3.43 32.14
C HIS A 34 3.30 4.11 30.81
N PRO A 35 2.54 5.18 30.54
CA PRO A 35 2.62 5.93 29.29
C PRO A 35 4.03 6.50 29.07
N THR A 36 4.51 6.34 27.84
CA THR A 36 5.77 6.91 27.44
C THR A 36 5.48 7.48 26.07
N TYR A 37 5.76 8.77 25.89
CA TYR A 37 5.47 9.44 24.61
C TYR A 37 6.71 10.14 24.10
N LEU A 38 6.92 10.07 22.79
CA LEU A 38 7.91 10.94 22.16
C LEU A 38 7.34 12.34 21.94
N ILE A 39 8.18 13.35 22.10
CA ILE A 39 7.77 14.72 21.82
C ILE A 39 8.39 15.20 20.50
N TRP A 40 7.55 15.31 19.49
CA TRP A 40 8.00 15.68 18.14
C TRP A 40 7.70 17.14 17.84
N SER A 41 8.40 17.71 16.86
CA SER A 41 8.08 19.06 16.36
C SER A 41 8.33 19.19 14.87
N ALA A 42 7.66 20.17 14.26
CA ALA A 42 7.77 20.36 12.82
C ALA A 42 9.13 20.96 12.47
N ASN A 43 9.71 21.67 13.44
CA ASN A 43 10.98 22.33 13.29
C ASN A 43 11.61 22.52 14.68
N THR A 44 12.85 23.02 14.67
CA THR A 44 13.55 23.35 15.89
C THR A 44 13.04 24.67 16.43
N SER A 45 13.13 24.82 17.76
CA SER A 45 12.75 26.03 18.48
C SER A 45 11.27 26.44 18.33
N LEU A 46 10.39 25.45 18.39
CA LEU A 46 8.95 25.69 18.33
C LEU A 46 8.33 25.51 19.71
N GLY A 47 9.09 24.96 20.66
CA GLY A 47 8.62 24.87 22.02
C GLY A 47 8.44 23.47 22.59
N LYS A 48 9.09 22.47 21.98
CA LYS A 48 9.03 21.10 22.53
C LYS A 48 9.35 21.10 24.03
N THR A 49 10.33 21.90 24.45
CA THR A 49 10.76 21.89 25.84
C THR A 49 9.75 22.61 26.75
N LEU A 50 9.17 23.70 26.28
CA LEU A 50 8.05 24.36 26.95
C LEU A 50 6.85 23.44 27.16
N VAL A 51 6.57 22.61 26.16
CA VAL A 51 5.44 21.68 26.24
C VAL A 51 5.74 20.56 27.20
N SER A 52 6.95 20.01 27.11
CA SER A 52 7.39 18.99 28.05
C SER A 52 7.27 19.52 29.48
N THR A 53 7.69 20.76 29.69
CA THR A 53 7.64 21.36 31.02
C THR A 53 6.22 21.55 31.51
N GLY A 54 5.37 22.11 30.65
CA GLY A 54 3.93 22.22 30.94
C GLY A 54 3.26 20.90 31.28
N ILE A 55 3.51 19.84 30.50
CA ILE A 55 3.00 18.51 30.79
C ILE A 55 3.54 17.98 32.12
N ALA A 56 4.85 18.09 32.33
CA ALA A 56 5.46 17.70 33.61
C ALA A 56 4.80 18.40 34.82
N ALA A 57 4.63 19.71 34.74
CA ALA A 57 4.07 20.47 35.86
C ALA A 57 2.62 20.07 36.10
N SER A 58 1.89 19.86 35.01
CA SER A 58 0.48 19.50 35.13
C SER A 58 0.36 18.14 35.79
N PHE A 59 1.36 17.28 35.61
CA PHE A 59 1.34 15.92 36.12
C PHE A 59 1.80 15.86 37.58
N LEU A 60 2.92 16.51 37.87
CA LEU A 60 3.48 16.47 39.21
C LEU A 60 2.75 17.37 40.20
N LEU A 61 2.26 18.51 39.72
CA LEU A 61 1.71 19.51 40.63
C LEU A 61 0.20 19.41 40.77
N GLN A 62 -0.33 18.21 40.95
CA GLN A 62 -1.75 18.11 41.29
C GLN A 62 -2.03 18.05 42.81
N GLN A 63 -3.24 18.45 43.22
CA GLN A 63 -3.64 18.64 44.62
C GLN A 63 -3.13 17.59 45.62
N PRO A 64 -3.67 16.39 45.56
CA PRO A 64 -3.27 15.35 46.51
C PRO A 64 -1.92 14.75 46.10
N SER A 65 -0.87 15.21 46.78
CA SER A 65 0.50 14.87 46.40
C SER A 65 0.94 13.47 46.84
N SER A 66 0.92 12.52 45.90
CA SER A 66 1.30 11.13 46.18
C SER A 66 2.79 10.84 45.96
N SER A 67 3.36 10.03 46.83
CA SER A 67 4.77 9.65 46.71
C SER A 67 4.96 8.88 45.40
N ALA A 68 3.91 8.17 45.03
CA ALA A 68 3.93 7.28 43.87
C ALA A 68 4.02 8.02 42.54
N THR A 69 3.72 9.31 42.53
CA THR A 69 3.70 10.06 41.26
C THR A 69 5.12 10.42 40.85
N LYS A 70 5.45 10.07 39.62
CA LYS A 70 6.80 10.30 39.11
C LYS A 70 6.72 10.61 37.61
N LEU A 71 7.43 11.67 37.20
CA LEU A 71 7.59 11.97 35.79
C LEU A 71 9.03 11.80 35.34
N LEU A 72 9.26 10.88 34.38
CA LEU A 72 10.58 10.69 33.77
C LEU A 72 10.72 11.49 32.48
N TYR A 73 11.61 12.49 32.49
CA TYR A 73 11.86 13.29 31.30
C TYR A 73 13.23 12.96 30.72
N LEU A 74 13.22 12.48 29.48
CA LEU A 74 14.46 12.13 28.79
C LEU A 74 14.71 13.02 27.58
N LYS A 75 15.95 13.51 27.49
CA LYS A 75 16.47 14.16 26.30
C LYS A 75 17.63 13.32 25.81
N PRO A 76 17.34 12.35 24.93
CA PRO A 76 18.38 11.43 24.43
C PRO A 76 19.54 12.16 23.74
N ILE A 77 19.22 13.17 22.93
CA ILE A 77 20.21 13.92 22.16
C ILE A 77 20.12 15.42 22.45
N GLN A 78 21.24 16.01 22.85
CA GLN A 78 21.33 17.45 23.07
C GLN A 78 22.58 18.00 22.41
N THR A 79 22.45 19.17 21.78
CA THR A 79 23.62 19.93 21.34
C THR A 79 23.49 21.37 21.82
N GLY A 80 24.54 22.15 21.59
CA GLY A 80 24.54 23.54 22.03
C GLY A 80 24.72 23.56 23.53
N PHE A 81 25.21 22.44 24.02
CA PHE A 81 25.40 22.19 25.43
C PHE A 81 26.86 22.42 25.83
N PRO A 82 27.09 23.04 27.00
CA PRO A 82 26.17 23.31 28.11
C PRO A 82 25.39 24.62 28.08
N SER A 83 25.63 25.51 27.12
CA SER A 83 24.86 26.75 27.10
C SER A 83 23.38 26.44 26.84
N ASP A 84 23.11 25.42 26.01
CA ASP A 84 21.74 24.96 25.78
C ASP A 84 21.50 23.64 26.50
N SER A 85 20.64 23.65 27.52
CA SER A 85 20.25 22.38 28.13
C SER A 85 18.75 22.27 28.44
N ASP A 86 18.02 21.55 27.58
CA ASP A 86 16.58 21.39 27.77
C ASP A 86 16.23 20.71 29.11
N SER A 87 17.07 19.78 29.51
CA SER A 87 17.00 19.11 30.79
C SER A 87 17.08 20.04 32.01
N ARG A 88 17.97 21.03 31.94
CA ARG A 88 18.17 21.99 33.01
C ARG A 88 16.96 22.91 33.02
N PHE A 89 16.38 23.12 31.84
CA PHE A 89 15.24 24.01 31.70
C PHE A 89 14.05 23.40 32.39
N VAL A 90 13.85 22.11 32.13
CA VAL A 90 12.67 21.44 32.67
C VAL A 90 12.79 21.39 34.18
N PHE A 91 13.97 21.01 34.64
CA PHE A 91 14.32 20.97 36.05
C PHE A 91 14.09 22.32 36.72
N SER A 92 14.65 23.36 36.11
CA SER A 92 14.61 24.71 36.64
C SER A 92 13.15 25.21 36.79
N LYS A 93 12.37 25.14 35.71
CA LYS A 93 11.00 25.65 35.73
C LYS A 93 10.07 24.89 36.68
N LEU A 94 10.33 23.62 36.89
CA LEU A 94 9.51 22.86 37.81
C LEU A 94 9.83 23.20 39.25
N ASP A 95 11.09 23.51 39.52
CA ASP A 95 11.42 24.12 40.80
C ASP A 95 10.53 25.36 40.99
N SER A 96 10.57 26.29 40.02
CA SER A 96 9.83 27.53 40.15
C SER A 96 8.31 27.36 40.25
N LEU A 97 7.73 26.55 39.37
CA LEU A 97 6.31 26.34 39.41
C LEU A 97 5.87 25.67 40.71
N SER A 98 6.72 24.78 41.21
CA SER A 98 6.44 24.13 42.49
C SER A 98 6.18 25.19 43.56
N LEU A 99 7.17 26.06 43.74
CA LEU A 99 7.03 27.16 44.68
C LEU A 99 5.71 27.93 44.44
N ARG A 100 5.59 28.50 43.25
CA ARG A 100 4.39 29.20 42.83
C ARG A 100 3.10 28.46 43.26
N ARG A 101 3.09 27.14 43.13
CA ARG A 101 1.86 26.39 43.40
C ARG A 101 1.89 25.91 44.84
N GLN A 102 2.93 26.30 45.56
CA GLN A 102 3.12 25.77 46.90
C GLN A 102 2.85 24.26 46.97
N ILE A 103 3.46 23.52 46.05
CA ILE A 103 3.40 22.05 46.06
C ILE A 103 4.81 21.48 45.93
N PRO A 104 5.32 20.87 47.01
CA PRO A 104 6.66 20.27 47.05
C PRO A 104 6.82 19.07 46.12
N ILE A 105 8.02 18.91 45.56
CA ILE A 105 8.35 17.78 44.71
C ILE A 105 9.84 17.53 44.76
N SER A 106 10.25 16.27 44.63
CA SER A 106 11.66 15.95 44.44
C SER A 106 12.05 16.22 42.99
N ILE A 107 13.23 16.79 42.78
CA ILE A 107 13.71 17.01 41.42
C ILE A 107 15.17 16.61 41.28
N SER A 108 15.51 16.08 40.12
CA SER A 108 16.89 15.79 39.78
C SER A 108 17.15 16.00 38.30
N ASN A 109 18.38 16.35 37.98
CA ASN A 109 18.78 16.55 36.60
C ASN A 109 20.18 15.94 36.43
N SER A 110 20.32 15.00 35.50
CA SER A 110 21.59 14.37 35.23
C SER A 110 21.90 14.40 33.76
N VAL A 111 23.19 14.49 33.45
CA VAL A 111 23.69 14.34 32.10
C VAL A 111 24.63 13.15 32.10
N LEU A 112 24.32 12.15 31.27
CA LEU A 112 25.01 10.86 31.33
C LEU A 112 26.29 10.80 30.51
N HIS A 113 26.23 11.22 29.24
CA HIS A 113 27.44 11.26 28.43
C HIS A 113 27.59 12.60 27.70
N SER A 114 28.80 12.87 27.22
CA SER A 114 29.12 14.15 26.64
C SER A 114 30.35 14.02 25.77
N SER A 115 30.43 14.81 24.71
CA SER A 115 31.65 14.90 23.92
C SER A 115 32.72 15.51 24.83
N LEU A 116 33.98 15.27 24.52
CA LEU A 116 35.09 15.83 25.28
C LEU A 116 34.97 17.35 25.36
N PRO A 117 34.82 18.01 24.20
CA PRO A 117 34.66 19.47 24.22
C PRO A 117 33.63 19.89 25.25
N ALA A 118 32.41 19.37 25.12
CA ALA A 118 31.31 19.77 25.99
C ALA A 118 31.66 19.62 27.47
N ALA A 119 32.29 18.50 27.78
CA ALA A 119 32.72 18.22 29.14
C ALA A 119 33.70 19.27 29.66
N LYS A 120 34.65 19.67 28.83
CA LYS A 120 35.58 20.72 29.25
C LYS A 120 34.85 22.00 29.53
N SER A 121 33.74 22.20 28.84
CA SER A 121 32.91 23.32 29.21
C SER A 121 32.50 23.20 30.68
N LEU A 122 32.23 21.99 31.15
CA LEU A 122 32.05 21.73 32.58
C LEU A 122 33.40 21.43 33.23
N GLY A 123 34.47 21.63 32.46
CA GLY A 123 35.81 21.33 32.91
C GLY A 123 35.85 20.10 33.79
N LEU A 124 35.75 18.92 33.18
CA LEU A 124 35.67 17.70 33.98
C LEU A 124 36.85 16.79 33.79
N ASN A 125 37.75 17.10 32.86
CA ASN A 125 38.85 16.19 32.55
C ASN A 125 38.41 14.76 32.88
N VAL A 126 37.61 14.20 31.97
CA VAL A 126 36.99 12.90 32.14
C VAL A 126 37.83 11.90 31.36
N GLU A 127 37.36 10.66 31.25
CA GLU A 127 38.01 9.66 30.39
C GLU A 127 37.19 9.41 29.11
N VAL A 128 37.87 9.08 28.01
CA VAL A 128 37.22 8.97 26.69
C VAL A 128 37.09 7.56 26.11
N SER A 129 35.90 7.27 25.61
CA SER A 129 35.60 5.95 25.08
C SER A 129 36.21 5.74 23.70
N GLU A 130 36.20 4.49 23.24
CA GLU A 130 36.63 4.13 21.90
C GLU A 130 35.95 5.02 20.85
N SER A 131 34.74 5.48 21.17
CA SER A 131 33.92 6.22 20.22
C SER A 131 33.85 7.70 20.55
N GLY A 132 34.81 8.18 21.34
CA GLY A 132 34.94 9.59 21.65
C GLY A 132 33.96 10.15 22.66
N MET A 133 33.12 9.28 23.21
CA MET A 133 32.11 9.68 24.19
C MET A 133 32.62 9.55 25.66
N CYS A 134 32.17 10.45 26.52
CA CYS A 134 32.57 10.42 27.93
C CYS A 134 31.41 10.18 28.88
N SER A 135 31.64 9.39 29.93
CA SER A 135 30.65 9.26 31.02
C SER A 135 30.84 10.34 32.09
N LEU A 136 29.83 11.19 32.25
CA LEU A 136 29.85 12.32 33.18
C LEU A 136 29.27 11.97 34.54
N ASN A 137 30.00 12.35 35.58
CA ASN A 137 29.46 12.38 36.93
C ASN A 137 28.82 13.76 37.15
N PHE A 138 27.59 13.93 36.66
CA PHE A 138 26.93 15.24 36.74
C PHE A 138 25.45 15.16 37.10
N ARG A 139 25.13 15.65 38.30
CA ARG A 139 23.77 15.61 38.79
C ARG A 139 23.43 16.85 39.61
N ASP A 140 22.15 17.21 39.58
CA ASP A 140 21.61 18.22 40.45
C ASP A 140 20.38 17.61 41.07
N GLU A 141 20.33 17.61 42.39
CA GLU A 141 19.19 17.07 43.12
C GLU A 141 18.66 18.05 44.14
N LYS A 142 17.41 17.89 44.49
CA LYS A 142 16.84 18.72 45.54
C LYS A 142 15.62 17.95 45.97
N THR A 143 15.86 17.06 46.93
CA THR A 143 14.92 16.03 47.34
C THR A 143 13.92 16.47 48.39
N VAL A 144 12.69 16.00 48.20
CA VAL A 144 11.72 15.97 49.26
C VAL A 144 11.24 14.52 49.37
N THR A 145 11.39 13.93 50.55
CA THR A 145 11.00 12.54 50.69
C THR A 145 9.50 12.49 50.79
N GLY A 146 8.88 11.69 49.93
CA GLY A 146 7.45 11.48 49.98
C GLY A 146 6.69 12.35 49.02
N ALA A 147 7.39 13.32 48.42
CA ALA A 147 6.81 14.17 47.39
C ALA A 147 6.84 13.47 46.02
N PRO A 148 5.96 13.90 45.09
CA PRO A 148 6.03 13.40 43.72
C PRO A 148 7.41 13.72 43.15
N GLU A 149 7.82 13.07 42.07
CA GLU A 149 9.23 13.15 41.66
C GLU A 149 9.47 13.51 40.19
N LEU A 150 10.33 14.49 39.96
CA LEU A 150 10.82 14.82 38.63
C LEU A 150 12.22 14.24 38.42
N LEU A 151 12.39 13.42 37.40
CA LEU A 151 13.72 12.94 37.00
C LEU A 151 14.05 13.34 35.59
N CYS A 152 14.88 14.36 35.42
CA CYS A 152 15.34 14.74 34.10
C CYS A 152 16.70 14.14 33.79
N LYS A 153 16.84 13.56 32.60
CA LYS A 153 18.11 12.99 32.17
C LYS A 153 18.45 13.36 30.75
N THR A 154 19.66 13.85 30.51
CA THR A 154 20.18 14.03 29.15
C THR A 154 21.17 12.87 28.89
N LEU A 155 20.89 12.09 27.86
CA LEU A 155 21.68 10.88 27.62
C LEU A 155 23.02 11.18 26.95
N TYR A 156 22.99 11.99 25.89
CA TYR A 156 24.22 12.36 25.19
C TYR A 156 24.20 13.79 24.71
N ALA A 157 25.28 14.53 24.95
CA ALA A 157 25.29 15.94 24.63
C ALA A 157 26.57 16.35 23.93
N TRP A 158 26.44 17.20 22.91
CA TRP A 158 27.58 17.74 22.18
C TRP A 158 27.67 19.23 22.44
N GLU A 159 28.86 19.79 22.27
CA GLU A 159 29.10 21.20 22.52
C GLU A 159 28.49 22.06 21.41
N ALA A 160 28.82 21.71 20.17
CA ALA A 160 28.40 22.52 19.03
C ALA A 160 26.89 22.60 18.97
N ALA A 161 26.37 23.82 19.04
CA ALA A 161 24.95 24.04 18.78
C ALA A 161 24.60 23.81 17.31
N ILE A 162 24.65 22.56 16.86
CA ILE A 162 24.35 22.27 15.46
C ILE A 162 23.63 20.94 15.36
N SER A 163 23.42 20.44 14.14
CA SER A 163 22.78 19.14 14.01
C SER A 163 23.65 18.06 14.63
N PRO A 164 23.01 17.07 15.27
CA PRO A 164 23.68 15.98 15.96
C PRO A 164 24.63 15.21 15.05
N HIS A 165 24.31 15.07 13.77
CA HIS A 165 25.17 14.28 12.88
C HIS A 165 26.44 15.06 12.59
N LEU A 166 26.29 16.38 12.55
CA LEU A 166 27.42 17.26 12.28
C LEU A 166 28.32 17.41 13.49
N ALA A 167 27.73 17.56 14.68
CA ALA A 167 28.52 17.80 15.89
C ALA A 167 29.31 16.56 16.24
N ALA A 168 28.73 15.39 15.95
CA ALA A 168 29.40 14.12 16.15
C ALA A 168 30.70 14.07 15.33
N GLU A 169 30.62 14.52 14.07
CA GLU A 169 31.80 14.61 13.19
C GLU A 169 32.85 15.54 13.75
N ARG A 170 32.48 16.81 13.93
CA ARG A 170 33.40 17.84 14.41
C ARG A 170 34.03 17.48 15.75
N GLU A 171 33.27 16.90 16.65
CA GLU A 171 33.77 16.73 18.00
C GLU A 171 34.25 15.32 18.26
N ASN A 172 34.27 14.51 17.20
CA ASN A 172 34.79 13.15 17.28
C ASN A 172 34.15 12.35 18.39
N ALA A 173 32.86 12.57 18.60
CA ALA A 173 32.12 11.89 19.63
C ALA A 173 30.95 11.26 18.93
N THR A 174 30.94 9.95 18.91
CA THR A 174 29.93 9.26 18.14
C THR A 174 29.16 8.28 19.02
N VAL A 175 27.93 8.03 18.61
CA VAL A 175 27.07 7.08 19.31
C VAL A 175 26.13 6.42 18.31
N GLU A 176 26.28 5.12 18.19
CA GLU A 176 25.55 4.36 17.20
C GLU A 176 24.11 4.24 17.63
N ASP A 177 23.23 4.04 16.65
CA ASP A 177 21.79 4.03 16.89
C ASP A 177 21.30 3.05 17.94
N SER A 178 21.89 1.86 17.98
CA SER A 178 21.37 0.85 18.90
C SER A 178 21.78 1.18 20.34
N VAL A 179 22.92 1.85 20.50
CA VAL A 179 23.41 2.26 21.82
C VAL A 179 22.42 3.26 22.40
N VAL A 180 21.99 4.20 21.56
CA VAL A 180 21.01 5.20 21.95
C VAL A 180 19.69 4.55 22.38
N LEU A 181 19.22 3.58 21.60
CA LEU A 181 18.00 2.87 21.96
C LEU A 181 18.16 2.07 23.24
N GLN A 182 19.33 1.44 23.40
CA GLN A 182 19.64 0.73 24.63
C GLN A 182 19.67 1.66 25.85
N MET A 183 20.32 2.81 25.72
CA MET A 183 20.37 3.76 26.82
C MET A 183 18.96 4.09 27.28
N ILE A 184 18.07 4.35 26.32
CA ILE A 184 16.69 4.76 26.60
C ILE A 184 15.96 3.60 27.26
N GLU A 185 16.14 2.41 26.72
CA GLU A 185 15.51 1.22 27.29
C GLU A 185 15.94 1.03 28.73
N LYS A 186 17.25 1.11 28.98
CA LYS A 186 17.78 1.02 30.32
C LYS A 186 17.07 2.03 31.23
N CYS A 187 17.02 3.30 30.84
CA CYS A 187 16.36 4.32 31.68
C CYS A 187 14.91 3.99 31.97
N LEU A 188 14.17 3.54 30.96
CA LEU A 188 12.76 3.20 31.14
C LEU A 188 12.55 2.08 32.14
N LYS A 189 13.17 0.93 31.90
CA LYS A 189 13.04 -0.21 32.81
C LYS A 189 13.58 0.10 34.21
N GLU A 190 14.67 0.86 34.29
CA GLU A 190 15.26 1.30 35.55
C GLU A 190 14.20 1.95 36.44
N GLU A 191 13.14 2.47 35.81
CA GLU A 191 12.07 3.14 36.54
C GLU A 191 10.71 2.43 36.43
N MET A 192 10.69 1.20 35.92
CA MET A 192 9.46 0.41 35.89
C MET A 192 9.72 -1.08 35.75
N ASP A 202 0.30 7.78 38.63
CA ASP A 202 1.59 7.15 38.93
C ASP A 202 2.74 7.66 38.02
N LEU A 203 3.11 6.91 36.98
CA LEU A 203 4.27 7.29 36.17
C LEU A 203 3.97 7.75 34.76
N LEU A 204 4.61 8.84 34.36
CA LEU A 204 4.52 9.34 32.98
C LEU A 204 5.92 9.65 32.45
N CYS A 205 6.25 9.15 31.26
CA CYS A 205 7.58 9.36 30.70
C CYS A 205 7.55 10.09 29.38
N LEU A 206 8.30 11.18 29.31
CA LEU A 206 8.41 11.96 28.08
C LEU A 206 9.80 11.82 27.46
N VAL A 207 9.86 11.59 26.16
CA VAL A 207 11.15 11.53 25.49
C VAL A 207 11.25 12.62 24.44
N GLU A 208 12.00 13.69 24.76
CA GLU A 208 12.05 14.85 23.88
C GLU A 208 13.10 14.68 22.81
N THR A 209 12.66 14.76 21.58
CA THR A 209 13.57 14.66 20.45
C THR A 209 14.38 15.93 20.27
N ALA A 210 15.18 15.97 19.20
CA ALA A 210 16.07 17.08 18.99
C ALA A 210 15.91 17.62 17.57
N GLY A 211 15.27 18.76 17.43
CA GLY A 211 15.08 19.32 16.11
C GLY A 211 13.78 18.82 15.53
N GLY A 212 13.70 18.82 14.21
CA GLY A 212 12.53 18.31 13.54
C GLY A 212 12.42 16.79 13.50
N VAL A 213 11.19 16.35 13.23
CA VAL A 213 10.83 14.96 13.01
C VAL A 213 11.87 14.20 12.18
N ALA A 214 12.50 14.89 11.23
CA ALA A 214 13.36 14.25 10.25
C ALA A 214 14.75 14.83 10.25
N SER A 215 15.12 15.45 11.37
CA SER A 215 16.50 15.84 11.65
C SER A 215 17.36 14.61 11.95
N PRO A 216 18.59 14.60 11.41
CA PRO A 216 19.51 13.47 11.65
C PRO A 216 19.93 13.38 13.12
N GLY A 217 20.00 12.17 13.62
CA GLY A 217 20.66 11.91 14.88
C GLY A 217 22.16 11.81 14.65
N PRO A 218 22.92 11.43 15.68
CA PRO A 218 24.40 11.49 15.67
C PRO A 218 24.98 10.77 14.47
N SER A 219 24.43 9.61 14.17
CA SER A 219 24.98 8.73 13.17
C SER A 219 24.55 9.13 11.78
N GLY A 220 23.62 10.07 11.68
CA GLY A 220 23.09 10.47 10.39
C GLY A 220 21.66 10.02 10.15
N THR A 221 21.30 8.87 10.71
CA THR A 221 19.95 8.33 10.66
C THR A 221 18.91 9.38 11.08
N LEU A 222 17.87 9.52 10.28
CA LEU A 222 16.83 10.46 10.61
C LEU A 222 16.18 10.02 11.92
N GLN A 223 15.85 11.00 12.78
CA GLN A 223 15.29 10.66 14.08
C GLN A 223 14.00 9.87 14.01
N CYS A 224 13.11 10.22 13.08
CA CYS A 224 11.89 9.44 12.90
C CYS A 224 12.16 7.97 12.59
N ASP A 225 13.35 7.67 12.07
CA ASP A 225 13.69 6.29 11.72
C ASP A 225 14.45 5.63 12.87
N LEU A 226 15.32 6.39 13.51
CA LEU A 226 16.10 5.90 14.63
C LEU A 226 15.23 5.30 15.75
N TYR A 227 14.14 6.00 16.09
CA TYR A 227 13.25 5.57 17.15
C TYR A 227 12.20 4.56 16.65
N ARG A 228 12.16 4.35 15.35
CA ARG A 228 11.13 3.49 14.81
C ARG A 228 10.99 2.13 15.50
N PRO A 229 12.12 1.45 15.79
CA PRO A 229 12.01 0.11 16.42
C PRO A 229 11.15 0.08 17.68
N PHE A 230 11.08 1.18 18.43
CA PHE A 230 10.18 1.26 19.57
C PHE A 230 8.73 1.57 19.18
N ARG A 231 8.52 2.29 18.08
CA ARG A 231 7.19 2.76 17.70
C ARG A 231 6.42 3.28 18.92
N LEU A 232 7.01 4.22 19.64
CA LEU A 232 6.33 4.87 20.76
C LEU A 232 5.28 5.81 20.22
N PRO A 233 4.17 5.97 20.96
CA PRO A 233 3.17 6.97 20.61
C PRO A 233 3.80 8.32 20.86
N GLY A 234 3.15 9.37 20.42
CA GLY A 234 3.80 10.65 20.44
C GLY A 234 2.84 11.83 20.35
N ILE A 235 3.38 13.02 20.59
CA ILE A 235 2.68 14.24 20.27
C ILE A 235 3.59 15.12 19.41
N LEU A 236 2.97 16.10 18.76
CA LEU A 236 3.64 16.91 17.76
C LEU A 236 3.44 18.41 18.01
N VAL A 237 4.51 19.07 18.41
CA VAL A 237 4.47 20.50 18.59
C VAL A 237 4.51 21.15 17.22
N GLY A 238 3.43 21.82 16.83
CA GLY A 238 3.34 22.44 15.52
C GLY A 238 3.82 23.89 15.47
N ASP A 239 3.48 24.56 14.38
CA ASP A 239 3.97 25.89 14.09
C ASP A 239 2.82 26.88 13.86
N GLY A 240 2.70 27.88 14.73
CA GLY A 240 1.55 28.78 14.70
C GLY A 240 1.91 30.03 13.92
N ARG A 241 3.08 30.00 13.31
CA ARG A 241 3.57 31.12 12.51
C ARG A 241 3.08 30.98 11.09
N LEU A 242 3.15 32.06 10.32
CA LEU A 242 2.77 32.00 8.92
C LEU A 242 3.65 30.98 8.22
N GLY A 243 3.00 30.01 7.58
CA GLY A 243 3.69 28.93 6.95
C GLY A 243 3.68 27.70 7.82
N GLY A 244 3.13 27.84 9.03
CA GLY A 244 3.12 26.77 10.00
C GLY A 244 2.15 25.65 9.68
N ILE A 245 1.11 25.93 8.89
CA ILE A 245 0.09 24.92 8.58
C ILE A 245 0.74 23.80 7.78
N SER A 246 1.46 24.20 6.73
CA SER A 246 2.20 23.29 5.87
C SER A 246 3.31 22.57 6.65
N GLY A 247 4.14 23.34 7.35
CA GLY A 247 5.15 22.77 8.21
C GLY A 247 4.62 21.63 9.07
N THR A 248 3.47 21.88 9.71
CA THR A 248 2.91 20.96 10.69
C THR A 248 2.33 19.70 10.01
N ILE A 249 1.57 19.91 8.94
CA ILE A 249 1.03 18.78 8.20
C ILE A 249 2.12 17.88 7.62
N ALA A 250 3.16 18.45 7.03
CA ALA A 250 4.27 17.66 6.50
C ALA A 250 4.94 16.84 7.59
N ALA A 251 5.36 17.49 8.66
CA ALA A 251 5.85 16.77 9.82
C ALA A 251 4.91 15.64 10.26
N TYR A 252 3.62 15.94 10.39
CA TYR A 252 2.66 14.93 10.79
C TYR A 252 2.70 13.73 9.86
N GLU A 253 2.80 14.04 8.57
CA GLU A 253 2.74 13.02 7.54
C GLU A 253 4.00 12.18 7.46
N SER A 254 5.13 12.76 7.82
CA SER A 254 6.39 12.03 7.82
C SER A 254 6.38 11.00 8.95
N LEU A 255 5.74 11.36 10.06
CA LEU A 255 5.53 10.46 11.19
C LEU A 255 4.60 9.30 10.89
N LYS A 256 3.45 9.59 10.27
CA LYS A 256 2.49 8.54 9.96
C LYS A 256 3.10 7.58 8.95
N LEU A 257 3.83 8.14 8.00
CA LEU A 257 4.47 7.35 6.96
C LEU A 257 5.54 6.41 7.52
N ARG A 258 5.91 6.61 8.79
CA ARG A 258 6.86 5.77 9.49
C ARG A 258 6.10 4.76 10.34
N GLY A 259 4.79 4.88 10.41
CA GLY A 259 3.96 3.99 11.20
C GLY A 259 3.69 4.46 12.64
N TYR A 260 3.96 5.73 12.91
CA TYR A 260 3.80 6.27 14.26
C TYR A 260 2.35 6.72 14.48
N ASP A 261 1.97 6.77 15.75
CA ASP A 261 0.69 7.35 16.14
C ASP A 261 0.91 8.68 16.88
N ILE A 262 0.04 9.64 16.60
CA ILE A 262 0.10 10.94 17.27
C ILE A 262 -1.18 11.23 18.04
N ALA A 263 -1.07 11.38 19.36
CA ALA A 263 -2.24 11.54 20.21
C ALA A 263 -2.79 12.94 20.13
N ALA A 264 -1.91 13.89 19.82
CA ALA A 264 -2.31 15.29 19.90
C ALA A 264 -1.31 16.18 19.20
N VAL A 265 -1.79 17.37 18.85
CA VAL A 265 -0.97 18.40 18.22
C VAL A 265 -1.16 19.65 19.05
N VAL A 266 -0.10 20.43 19.20
CA VAL A 266 -0.16 21.65 19.99
C VAL A 266 0.82 22.67 19.41
N PHE A 267 0.46 23.96 19.48
CA PHE A 267 1.35 25.01 19.00
C PHE A 267 1.01 26.34 19.64
N GLU A 268 1.98 27.25 19.60
CA GLU A 268 1.79 28.57 20.15
C GLU A 268 1.00 29.40 19.15
N ASP A 269 0.04 30.14 19.68
CA ASP A 269 -0.76 31.05 18.90
C ASP A 269 0.08 32.24 18.42
N HIS A 270 -0.02 32.56 17.12
CA HIS A 270 0.58 33.79 16.58
C HIS A 270 -0.48 34.65 15.91
N GLY A 271 -1.75 34.37 16.23
CA GLY A 271 -2.86 35.16 15.74
C GLY A 271 -3.37 34.84 14.36
N LEU A 272 -2.90 33.74 13.77
CA LEU A 272 -3.28 33.35 12.41
C LEU A 272 -4.35 32.27 12.31
N VAL A 273 -4.95 31.91 13.43
CA VAL A 273 -6.00 30.90 13.43
C VAL A 273 -5.60 29.63 12.69
N ASN A 274 -4.35 29.21 12.87
CA ASN A 274 -3.83 28.01 12.21
C ASN A 274 -4.56 26.70 12.55
N GLU A 275 -5.22 26.67 13.72
CA GLU A 275 -5.80 25.41 14.17
C GLU A 275 -6.94 24.93 13.29
N VAL A 276 -7.59 25.86 12.60
CA VAL A 276 -8.79 25.50 11.89
C VAL A 276 -8.44 24.57 10.74
N PRO A 277 -7.56 25.03 9.84
CA PRO A 277 -7.10 24.13 8.77
C PRO A 277 -6.60 22.78 9.30
N LEU A 278 -5.86 22.79 10.38
CA LEU A 278 -5.29 21.57 10.93
C LEU A 278 -6.36 20.62 11.45
N THR A 279 -7.31 21.15 12.21
CA THR A 279 -8.41 20.34 12.72
C THR A 279 -9.20 19.77 11.56
N SER A 280 -9.35 20.58 10.54
CA SER A 280 -10.10 20.16 9.37
C SER A 280 -9.39 19.00 8.67
N TYR A 281 -8.10 19.17 8.43
CA TYR A 281 -7.25 18.17 7.79
C TYR A 281 -7.24 16.92 8.63
N LEU A 282 -7.14 17.09 9.94
CA LEU A 282 -7.15 15.96 10.85
C LEU A 282 -8.56 15.40 11.01
N ARG A 283 -9.54 16.08 10.42
CA ARG A 283 -10.94 15.67 10.52
C ARG A 283 -11.34 15.51 11.98
N ASN A 284 -10.78 16.39 12.82
CA ASN A 284 -11.04 16.38 14.24
C ASN A 284 -10.82 15.03 14.93
N LYS A 285 -9.99 14.16 14.34
CA LYS A 285 -9.74 12.82 14.92
C LYS A 285 -8.60 12.85 15.94
N VAL A 286 -7.90 13.97 15.97
CA VAL A 286 -6.79 14.22 16.88
C VAL A 286 -6.96 15.64 17.41
N PRO A 287 -6.92 15.80 18.74
CA PRO A 287 -7.05 17.17 19.27
C PRO A 287 -5.88 18.06 18.85
N VAL A 288 -6.22 19.31 18.54
CA VAL A 288 -5.28 20.35 18.17
C VAL A 288 -5.37 21.45 19.24
N LEU A 289 -4.33 21.58 20.06
CA LEU A 289 -4.37 22.53 21.17
C LEU A 289 -3.54 23.77 20.93
N VAL A 290 -4.05 24.91 21.36
CA VAL A 290 -3.40 26.19 21.11
C VAL A 290 -2.94 26.93 22.39
N LEU A 291 -1.63 26.96 22.59
CA LEU A 291 -1.02 27.75 23.65
C LEU A 291 -1.14 29.26 23.42
N PRO A 292 -1.29 30.05 24.49
CA PRO A 292 -1.31 31.53 24.35
C PRO A 292 0.05 32.05 23.85
N PRO A 293 0.10 33.26 23.28
CA PRO A 293 1.39 33.73 22.78
C PRO A 293 2.44 33.80 23.90
N VAL A 294 3.67 33.38 23.57
CA VAL A 294 4.80 33.28 24.49
C VAL A 294 5.61 34.57 24.51
N PRO A 295 6.05 35.00 25.70
CA PRO A 295 6.79 36.25 25.88
C PRO A 295 8.09 36.37 25.09
N LYS A 296 8.16 37.37 24.22
CA LYS A 296 9.36 37.64 23.44
C LYS A 296 10.49 38.23 24.29
N ASP A 297 10.13 39.01 25.30
CA ASP A 297 11.10 39.55 26.26
C ASP A 297 11.94 38.41 26.85
N PRO A 298 13.24 38.43 26.57
CA PRO A 298 14.09 37.28 26.88
C PRO A 298 14.38 37.16 28.37
N SER A 299 14.21 38.25 29.10
CA SER A 299 14.40 38.22 30.54
C SER A 299 13.23 37.44 31.21
N ASP A 300 12.05 37.43 30.58
CA ASP A 300 10.86 36.85 31.15
C ASP A 300 10.95 35.46 31.76
N ASP A 301 10.42 35.32 32.97
N ASP A 301 10.36 35.28 32.94
CA ASP A 301 10.36 34.04 33.66
CA ASP A 301 10.42 34.01 33.67
C ASP A 301 9.70 32.96 32.82
C ASP A 301 9.53 32.92 33.07
N LEU A 302 8.56 33.29 32.23
CA LEU A 302 7.65 32.31 31.63
C LEU A 302 6.74 31.63 32.67
N ILE A 303 6.98 31.92 33.95
CA ILE A 303 6.19 31.32 35.02
C ILE A 303 4.70 31.66 34.89
N GLU A 304 4.37 32.92 34.59
CA GLU A 304 2.96 33.33 34.53
C GLU A 304 2.32 32.76 33.29
N TRP A 305 3.16 32.59 32.27
CA TRP A 305 2.73 32.01 31.01
C TRP A 305 2.40 30.55 31.22
N PHE A 306 3.26 29.85 31.97
CA PHE A 306 2.95 28.46 32.30
C PHE A 306 1.59 28.37 33.00
N VAL A 307 1.42 29.21 34.03
CA VAL A 307 0.20 29.28 34.79
C VAL A 307 -0.97 29.52 33.86
N GLU A 308 -0.79 30.50 32.99
CA GLU A 308 -1.81 30.83 31.99
C GLU A 308 -2.12 29.67 31.03
N SER A 309 -1.20 28.74 30.85
CA SER A 309 -1.38 27.68 29.88
C SER A 309 -1.80 26.37 30.52
N ASP A 310 -2.04 26.40 31.84
CA ASP A 310 -2.40 25.20 32.58
C ASP A 310 -3.51 24.38 31.88
N GLY A 311 -4.51 25.08 31.39
CA GLY A 311 -5.63 24.42 30.77
C GLY A 311 -5.22 23.57 29.59
N VAL A 312 -4.39 24.15 28.75
CA VAL A 312 -3.88 23.42 27.59
C VAL A 312 -3.00 22.21 27.96
N PHE A 313 -2.06 22.41 28.88
CA PHE A 313 -1.21 21.31 29.28
C PHE A 313 -2.03 20.22 29.97
N LYS A 314 -3.04 20.64 30.73
CA LYS A 314 -3.96 19.70 31.36
C LYS A 314 -4.59 18.81 30.29
N ALA A 315 -5.25 19.44 29.33
CA ALA A 315 -5.87 18.71 28.25
C ALA A 315 -4.90 17.73 27.63
N LEU A 316 -3.72 18.25 27.31
CA LEU A 316 -2.63 17.48 26.69
C LEU A 316 -2.26 16.22 27.50
N LYS A 317 -2.02 16.42 28.80
CA LYS A 317 -1.75 15.31 29.71
C LYS A 317 -2.90 14.31 29.72
N GLU A 318 -4.12 14.80 29.90
CA GLU A 318 -5.29 13.93 29.85
C GLU A 318 -5.24 13.09 28.57
N THR A 319 -5.11 13.76 27.42
CA THR A 319 -5.06 13.07 26.14
C THR A 319 -4.00 11.99 26.10
N MET A 320 -2.84 12.27 26.67
CA MET A 320 -1.76 11.29 26.68
C MET A 320 -2.10 10.07 27.52
N VAL A 321 -2.52 10.33 28.76
CA VAL A 321 -2.89 9.30 29.72
C VAL A 321 -4.03 8.40 29.23
N LEU A 322 -5.06 9.02 28.66
CA LEU A 322 -6.23 8.29 28.15
C LEU A 322 -5.89 7.42 26.95
N ALA A 323 -5.30 8.05 25.93
CA ALA A 323 -4.88 7.33 24.73
C ALA A 323 -4.17 6.05 25.09
N ASN A 324 -3.28 6.12 26.09
CA ASN A 324 -2.51 4.96 26.51
C ASN A 324 -3.39 3.90 27.16
N LEU A 325 -4.31 4.32 28.02
CA LEU A 325 -5.19 3.36 28.67
C LEU A 325 -6.00 2.64 27.62
N GLU A 326 -6.67 3.43 26.79
CA GLU A 326 -7.39 2.91 25.63
C GLU A 326 -6.59 1.95 24.76
N ARG A 327 -5.33 2.28 24.48
CA ARG A 327 -4.46 1.41 23.70
C ARG A 327 -4.25 0.10 24.43
N LEU A 328 -4.00 0.21 25.72
CA LEU A 328 -3.82 -0.96 26.55
C LEU A 328 -5.11 -1.78 26.65
N GLU A 329 -6.25 -1.11 26.57
CA GLU A 329 -7.51 -1.78 26.83
C GLU A 329 -7.82 -2.66 25.62
N ARG A 330 -7.85 -2.03 24.45
CA ARG A 330 -7.83 -2.76 23.18
C ARG A 330 -6.79 -3.95 23.13
N LEU A 331 -5.49 -3.67 23.32
CA LEU A 331 -4.45 -4.72 23.40
C LEU A 331 -4.85 -5.94 24.25
N ASN A 332 -5.39 -5.66 25.44
CA ASN A 332 -5.79 -6.75 26.33
C ASN A 332 -7.01 -7.54 25.86
N GLY A 333 -7.78 -6.98 24.93
CA GLY A 333 -8.95 -7.68 24.43
C GLY A 333 -8.86 -8.30 23.04
N MET A 334 -7.71 -8.18 22.39
CA MET A 334 -7.60 -8.59 21.01
C MET A 334 -7.52 -10.09 20.84
N ALA A 335 -6.72 -10.76 21.66
CA ALA A 335 -6.63 -12.23 21.56
C ALA A 335 -8.01 -12.86 21.68
N LYS A 336 -8.76 -12.42 22.69
CA LYS A 336 -10.07 -13.03 22.92
C LYS A 336 -10.99 -12.74 21.75
N LEU A 337 -11.07 -11.48 21.36
CA LEU A 337 -11.88 -11.08 20.21
C LEU A 337 -11.54 -11.89 18.94
N ALA A 338 -10.25 -11.97 18.61
CA ALA A 338 -9.81 -12.74 17.45
C ALA A 338 -10.42 -14.13 17.51
N GLY A 339 -10.39 -14.72 18.71
CA GLY A 339 -10.86 -16.08 18.87
C GLY A 339 -12.33 -16.24 18.51
N GLU A 340 -13.09 -15.17 18.69
CA GLU A 340 -14.54 -15.21 18.48
C GLU A 340 -14.89 -14.80 17.06
N VAL A 341 -14.05 -13.96 16.48
CA VAL A 341 -14.41 -13.26 15.26
C VAL A 341 -13.67 -13.77 14.00
N PHE A 342 -12.43 -14.21 14.14
CA PHE A 342 -11.65 -14.67 12.99
C PHE A 342 -11.96 -16.12 12.72
N TRP A 343 -11.86 -16.50 11.45
CA TRP A 343 -11.72 -17.91 11.10
C TRP A 343 -10.35 -18.03 10.42
N TRP A 344 -9.35 -18.44 11.19
CA TRP A 344 -7.95 -18.52 10.70
C TRP A 344 -7.79 -19.66 9.71
N PRO A 345 -6.93 -19.47 8.69
CA PRO A 345 -6.55 -20.50 7.73
C PRO A 345 -5.69 -21.61 8.37
N PHE A 346 -5.78 -22.84 7.85
CA PHE A 346 -5.02 -23.98 8.40
C PHE A 346 -4.96 -23.99 9.92
N THR A 347 -6.11 -23.81 10.57
CA THR A 347 -6.16 -23.75 12.03
C THR A 347 -7.35 -24.55 12.56
N GLN A 348 -7.07 -25.58 13.35
CA GLN A 348 -8.16 -26.26 14.04
C GLN A 348 -8.56 -25.45 15.28
N HIS A 349 -9.65 -24.68 15.15
CA HIS A 349 -10.01 -23.75 16.21
C HIS A 349 -10.21 -24.41 17.58
N LYS A 350 -10.82 -25.58 17.58
CA LYS A 350 -11.09 -26.27 18.83
C LYS A 350 -9.83 -26.32 19.70
N LEU A 351 -8.68 -26.46 19.03
CA LEU A 351 -7.41 -26.68 19.71
C LEU A 351 -6.67 -25.40 20.07
N VAL A 352 -7.25 -24.24 19.73
CA VAL A 352 -6.53 -22.99 19.96
C VAL A 352 -7.20 -22.14 21.03
N HIS A 353 -6.42 -21.73 22.03
CA HIS A 353 -6.96 -20.96 23.14
C HIS A 353 -6.27 -19.60 23.26
N GLN A 354 -6.99 -18.62 23.82
CA GLN A 354 -6.55 -17.23 23.94
C GLN A 354 -5.08 -17.07 24.33
N GLU A 355 -4.56 -18.01 25.11
CA GLU A 355 -3.17 -17.96 25.57
C GLU A 355 -2.15 -18.19 24.45
N THR A 356 -2.55 -18.83 23.35
CA THR A 356 -1.60 -19.08 22.26
C THR A 356 -1.85 -18.21 21.03
N VAL A 357 -2.81 -17.31 21.15
CA VAL A 357 -3.01 -16.28 20.16
C VAL A 357 -1.95 -15.20 20.37
N THR A 358 -1.29 -14.80 19.29
CA THR A 358 -0.19 -13.84 19.36
C THR A 358 -0.66 -12.45 18.93
N VAL A 359 -0.47 -11.47 19.81
CA VAL A 359 -0.90 -10.11 19.54
C VAL A 359 0.24 -9.33 18.94
N ILE A 360 0.11 -9.06 17.65
CA ILE A 360 1.18 -8.43 16.87
C ILE A 360 0.90 -6.93 16.65
N ASP A 361 1.53 -6.08 17.45
CA ASP A 361 1.29 -4.64 17.42
C ASP A 361 1.91 -3.93 16.21
N SER A 362 2.93 -4.52 15.61
CA SER A 362 3.64 -3.89 14.53
C SER A 362 4.77 -4.77 14.08
N ARG A 363 5.36 -4.41 12.95
CA ARG A 363 6.59 -5.06 12.50
C ARG A 363 7.69 -4.05 12.13
N CYS A 364 8.95 -4.44 12.31
CA CYS A 364 10.07 -3.58 11.93
C CYS A 364 11.17 -4.47 11.39
N GLY A 365 11.29 -4.51 10.07
CA GLY A 365 12.14 -5.49 9.41
C GLY A 365 11.70 -6.91 9.73
N GLU A 366 12.64 -7.72 10.18
CA GLU A 366 12.33 -9.11 10.47
C GLU A 366 11.64 -9.32 11.82
N ASN A 367 11.49 -8.26 12.61
CA ASN A 367 10.91 -8.41 13.95
C ASN A 367 9.44 -7.97 14.11
N PHE A 368 8.69 -8.82 14.80
CA PHE A 368 7.34 -8.50 15.20
C PHE A 368 7.50 -7.73 16.49
N SER A 369 6.54 -6.87 16.79
CA SER A 369 6.42 -6.35 18.14
C SER A 369 5.22 -7.04 18.77
N ILE A 370 5.52 -7.91 19.71
CA ILE A 370 4.53 -8.77 20.31
C ILE A 370 4.08 -8.20 21.65
N TYR A 371 2.77 -8.22 21.89
CA TYR A 371 2.23 -7.77 23.17
C TYR A 371 1.92 -8.96 24.08
N LYS A 372 2.45 -8.90 25.29
CA LYS A 372 2.12 -9.92 26.28
C LYS A 372 1.67 -9.23 27.57
N ALA A 373 0.37 -9.34 27.87
CA ALA A 373 -0.22 -8.71 29.03
C ALA A 373 0.16 -9.46 30.29
N SER A 374 0.06 -10.79 30.22
CA SER A 374 0.44 -11.70 31.31
C SER A 374 1.87 -11.46 31.73
N ASP A 375 2.53 -10.57 30.99
CA ASP A 375 3.85 -10.09 31.32
C ASP A 375 3.66 -8.99 32.37
N ASN A 376 4.19 -7.82 32.06
CA ASN A 376 3.87 -6.62 32.78
C ASN A 376 3.34 -5.73 31.69
N SER A 377 2.47 -6.29 30.86
CA SER A 377 1.80 -5.52 29.83
C SER A 377 2.82 -4.83 28.95
N SER A 378 3.66 -5.59 28.27
CA SER A 378 4.79 -5.01 27.55
C SER A 378 4.87 -5.42 26.07
N LEU A 379 5.73 -4.74 25.32
CA LEU A 379 6.00 -5.09 23.94
C LEU A 379 7.40 -5.65 23.88
N SER A 380 7.55 -6.78 23.20
CA SER A 380 8.86 -7.38 23.07
C SER A 380 9.06 -7.82 21.63
N GLN A 381 10.29 -7.89 21.19
CA GLN A 381 10.55 -8.25 19.81
C GLN A 381 10.55 -9.76 19.64
N GLN A 382 10.19 -10.18 18.44
CA GLN A 382 10.33 -11.57 18.06
C GLN A 382 10.70 -11.70 16.59
N PHE A 383 11.76 -12.46 16.31
CA PHE A 383 12.17 -12.68 14.93
C PHE A 383 11.14 -13.55 14.22
N ASP A 384 10.66 -13.05 13.09
CA ASP A 384 9.67 -13.76 12.29
C ASP A 384 10.37 -14.92 11.53
N ALA A 385 10.77 -15.95 12.26
CA ALA A 385 11.56 -17.05 11.72
C ALA A 385 10.83 -17.85 10.65
N CYS A 386 9.50 -17.70 10.58
CA CYS A 386 8.74 -18.37 9.54
C CYS A 386 8.54 -17.45 8.35
N ALA A 387 9.09 -16.23 8.45
CA ALA A 387 8.98 -15.24 7.37
C ALA A 387 7.53 -15.03 6.92
N SER A 388 6.62 -15.06 7.91
CA SER A 388 5.18 -14.96 7.69
C SER A 388 4.68 -15.81 6.49
N TRP A 389 4.80 -17.13 6.61
CA TRP A 389 4.53 -18.04 5.50
C TRP A 389 5.37 -17.77 4.29
N TRP A 390 6.65 -17.49 4.53
CA TRP A 390 7.66 -17.48 3.48
C TRP A 390 7.40 -16.35 2.48
N THR A 391 6.82 -15.27 2.99
CA THR A 391 6.67 -14.05 2.22
C THR A 391 7.79 -13.05 2.50
N GLN A 392 8.50 -13.24 3.62
CA GLN A 392 9.24 -12.14 4.23
C GLN A 392 10.64 -11.91 3.75
N GLY A 393 11.01 -10.62 3.77
CA GLY A 393 12.24 -10.13 3.17
C GLY A 393 12.84 -8.85 3.73
N PRO A 394 12.02 -7.77 3.88
CA PRO A 394 12.56 -6.43 4.14
C PRO A 394 13.25 -6.24 5.50
N ASP A 395 14.46 -5.66 5.50
CA ASP A 395 15.05 -5.17 6.73
C ASP A 395 14.29 -3.88 7.18
N PRO A 396 14.66 -3.31 8.34
CA PRO A 396 13.93 -2.07 8.68
C PRO A 396 14.05 -0.97 7.63
N THR A 397 15.25 -0.76 7.10
CA THR A 397 15.46 0.31 6.11
C THR A 397 14.58 0.13 4.87
N PHE A 398 14.57 -1.09 4.33
CA PHE A 398 13.80 -1.40 3.13
C PHE A 398 12.29 -1.32 3.38
N GLN A 399 11.84 -1.79 4.54
CA GLN A 399 10.44 -1.65 4.91
C GLN A 399 9.96 -0.21 4.82
N ALA A 400 10.78 0.73 5.27
CA ALA A 400 10.41 2.14 5.24
C ALA A 400 10.38 2.69 3.81
N GLU A 401 11.34 2.28 2.98
CA GLU A 401 11.39 2.65 1.56
C GLU A 401 10.13 2.24 0.84
N LEU A 402 9.72 1.00 1.09
CA LEU A 402 8.58 0.39 0.42
C LEU A 402 7.32 1.08 0.86
N ALA A 403 7.25 1.39 2.16
CA ALA A 403 6.10 2.10 2.72
C ALA A 403 5.81 3.35 1.90
N ARG A 404 6.86 4.10 1.59
CA ARG A 404 6.64 5.38 0.93
C ARG A 404 6.46 5.22 -0.57
N GLU A 405 6.95 4.12 -1.12
CA GLU A 405 6.73 3.86 -2.54
C GLU A 405 5.30 3.42 -2.70
N MET A 406 4.80 2.73 -1.67
CA MET A 406 3.43 2.27 -1.71
C MET A 406 2.48 3.46 -1.56
N GLY A 407 2.71 4.30 -0.56
CA GLY A 407 1.90 5.50 -0.43
C GLY A 407 1.81 6.27 -1.75
N TYR A 408 2.94 6.44 -2.42
CA TYR A 408 3.00 7.23 -3.63
C TYR A 408 2.24 6.58 -4.77
N THR A 409 2.34 5.27 -4.87
CA THR A 409 1.65 4.53 -5.92
C THR A 409 0.14 4.55 -5.70
N ALA A 410 -0.24 4.55 -4.42
CA ALA A 410 -1.62 4.71 -4.00
C ALA A 410 -2.16 6.05 -4.44
N ALA A 411 -1.43 7.10 -4.13
CA ALA A 411 -1.86 8.43 -4.50
C ALA A 411 -1.83 8.66 -6.01
N ARG A 412 -0.91 8.03 -6.71
CA ARG A 412 -0.79 8.26 -8.15
C ARG A 412 -1.73 7.40 -9.03
N PHE A 413 -1.96 6.16 -8.63
CA PHE A 413 -2.64 5.21 -9.52
C PHE A 413 -3.93 4.60 -8.95
N GLY A 414 -4.00 4.45 -7.63
CA GLY A 414 -4.99 3.59 -7.02
C GLY A 414 -4.88 2.23 -7.68
N HIS A 415 -6.03 1.67 -8.07
CA HIS A 415 -6.04 0.58 -9.04
C HIS A 415 -6.53 1.08 -10.39
N VAL A 416 -5.74 0.84 -11.41
CA VAL A 416 -6.17 1.14 -12.76
C VAL A 416 -6.32 -0.15 -13.61
N MET A 417 -7.32 -0.13 -14.48
CA MET A 417 -7.73 -1.24 -15.34
C MET A 417 -6.57 -1.81 -16.19
N PHE A 418 -6.28 -3.10 -16.08
CA PHE A 418 -5.12 -3.66 -16.80
C PHE A 418 -5.31 -4.01 -18.27
N PRO A 419 -6.31 -4.84 -18.58
CA PRO A 419 -6.50 -5.33 -19.95
C PRO A 419 -6.41 -4.24 -21.02
N GLU A 420 -5.48 -4.43 -21.93
CA GLU A 420 -5.23 -3.54 -23.06
C GLU A 420 -4.72 -2.15 -22.72
N ASN A 421 -4.47 -1.92 -21.44
CA ASN A 421 -3.88 -0.66 -20.99
C ASN A 421 -2.43 -0.90 -20.57
N VAL A 422 -1.66 0.18 -20.44
CA VAL A 422 -0.29 0.12 -19.93
C VAL A 422 -0.10 1.23 -18.91
N TYR A 423 0.61 0.94 -17.82
CA TYR A 423 0.96 1.96 -16.82
C TYR A 423 2.28 1.67 -16.14
N GLU A 424 3.04 2.72 -15.85
CA GLU A 424 4.44 2.56 -15.49
C GLU A 424 4.80 1.36 -14.61
N PRO A 425 4.22 1.26 -13.41
CA PRO A 425 4.69 0.20 -12.52
C PRO A 425 4.43 -1.22 -13.03
N ALA A 426 3.32 -1.44 -13.73
CA ALA A 426 3.11 -2.73 -14.38
C ALA A 426 4.22 -3.01 -15.41
N LEU A 427 4.50 -2.02 -16.26
CA LEU A 427 5.45 -2.17 -17.34
C LEU A 427 6.88 -2.36 -16.83
N LYS A 428 7.30 -1.50 -15.89
CA LYS A 428 8.60 -1.61 -15.26
C LYS A 428 8.78 -3.02 -14.67
N CYS A 429 7.82 -3.43 -13.85
CA CYS A 429 7.83 -4.73 -13.23
C CYS A 429 8.02 -5.84 -14.27
N ALA A 430 7.21 -5.82 -15.33
CA ALA A 430 7.33 -6.80 -16.41
C ALA A 430 8.74 -6.83 -17.03
N GLU A 431 9.25 -5.65 -17.38
CA GLU A 431 10.60 -5.55 -17.93
C GLU A 431 11.59 -6.19 -16.97
N LEU A 432 11.47 -5.81 -15.71
CA LEU A 432 12.36 -6.32 -14.66
C LEU A 432 12.29 -7.83 -14.48
N LEU A 433 11.10 -8.39 -14.67
CA LEU A 433 10.92 -9.83 -14.58
C LEU A 433 11.63 -10.53 -15.73
N LEU A 434 11.27 -10.14 -16.95
CA LEU A 434 11.95 -10.64 -18.15
C LEU A 434 13.48 -10.39 -18.23
N ASP A 435 13.98 -9.25 -17.75
CA ASP A 435 15.43 -8.96 -17.84
C ASP A 435 16.23 -9.72 -16.77
N GLY A 436 15.53 -10.32 -15.81
CA GLY A 436 16.19 -11.11 -14.79
C GLY A 436 15.80 -12.59 -14.77
N VAL A 437 14.81 -12.86 -13.96
CA VAL A 437 14.26 -14.17 -13.73
C VAL A 437 13.86 -14.90 -15.02
N GLY A 438 13.28 -14.18 -15.98
CA GLY A 438 12.86 -14.79 -17.22
C GLY A 438 13.85 -14.67 -18.37
N LYS A 439 15.08 -14.27 -18.05
CA LYS A 439 16.12 -14.01 -19.05
C LYS A 439 16.56 -15.28 -19.80
N GLY A 440 16.56 -15.22 -21.12
CA GLY A 440 16.99 -16.34 -21.93
C GLY A 440 15.95 -17.41 -22.19
N TRP A 441 14.68 -17.07 -21.97
CA TRP A 441 13.59 -18.02 -22.19
C TRP A 441 12.19 -17.38 -22.22
N ALA A 442 11.88 -16.59 -21.21
CA ALA A 442 10.54 -16.02 -21.10
C ALA A 442 10.44 -14.77 -21.95
N SER A 443 9.28 -14.57 -22.58
CA SER A 443 9.03 -13.32 -23.30
C SER A 443 7.68 -12.64 -22.99
N ARG A 444 6.84 -13.30 -22.19
CA ARG A 444 5.52 -12.80 -21.83
C ARG A 444 5.24 -12.87 -20.33
N VAL A 445 4.54 -11.87 -19.81
CA VAL A 445 4.20 -11.82 -18.38
C VAL A 445 2.69 -11.72 -18.14
N TYR A 446 2.17 -12.68 -17.37
CA TYR A 446 0.74 -12.75 -17.04
C TYR A 446 0.50 -12.52 -15.53
N PHE A 447 -0.22 -11.45 -15.22
CA PHE A 447 -0.42 -11.06 -13.84
C PHE A 447 -1.62 -11.75 -13.23
N SER A 448 -1.52 -12.08 -11.96
CA SER A 448 -2.56 -12.77 -11.22
C SER A 448 -2.39 -12.31 -9.80
N ASP A 449 -3.21 -12.82 -8.89
CA ASP A 449 -3.23 -12.23 -7.55
C ASP A 449 -2.34 -12.92 -6.55
N ASN A 450 -2.25 -14.25 -6.62
CA ASN A 450 -1.37 -15.01 -5.72
C ASN A 450 -0.75 -16.23 -6.38
N GLY A 451 0.06 -16.97 -5.62
CA GLY A 451 0.63 -18.22 -6.09
C GLY A 451 -0.39 -19.13 -6.75
N SER A 452 -1.41 -19.53 -6.00
CA SER A 452 -2.45 -20.40 -6.54
C SER A 452 -3.01 -19.95 -7.89
N THR A 453 -3.33 -18.67 -8.05
CA THR A 453 -3.92 -18.19 -9.30
C THR A 453 -2.90 -18.24 -10.44
N ALA A 454 -1.62 -18.14 -10.10
CA ALA A 454 -0.57 -18.16 -11.11
C ALA A 454 -0.38 -19.58 -11.62
N ILE A 455 -0.44 -20.54 -10.69
CA ILE A 455 -0.50 -21.96 -11.00
C ILE A 455 -1.73 -22.33 -11.86
N GLU A 456 -2.94 -21.99 -11.40
CA GLU A 456 -4.14 -22.26 -12.19
C GLU A 456 -3.97 -21.77 -13.63
N ILE A 457 -3.33 -20.62 -13.79
CA ILE A 457 -3.09 -20.02 -15.09
C ILE A 457 -1.98 -20.76 -15.86
N ALA A 458 -0.94 -21.19 -15.14
CA ALA A 458 0.14 -21.97 -15.75
C ALA A 458 -0.40 -23.26 -16.34
N LEU A 459 -1.20 -23.97 -15.56
CA LEU A 459 -1.83 -25.17 -16.03
C LEU A 459 -2.63 -24.95 -17.31
N LYS A 460 -3.33 -23.82 -17.41
CA LYS A 460 -4.11 -23.52 -18.62
C LYS A 460 -3.20 -23.26 -19.79
N MET A 461 -1.98 -22.78 -19.53
CA MET A 461 -1.04 -22.46 -20.60
C MET A 461 -0.37 -23.74 -21.11
N ALA A 462 0.08 -24.58 -20.19
CA ALA A 462 0.72 -25.85 -20.57
C ALA A 462 -0.21 -26.76 -21.37
N PHE A 463 -1.46 -26.89 -20.93
CA PHE A 463 -2.40 -27.79 -21.61
C PHE A 463 -2.76 -27.32 -23.03
N ARG A 464 -2.88 -26.00 -23.22
CA ARG A 464 -3.09 -25.48 -24.57
C ARG A 464 -1.90 -25.78 -25.43
N LYS A 465 -0.73 -25.49 -24.88
CA LYS A 465 0.46 -25.60 -25.66
C LYS A 465 0.55 -27.04 -26.08
N PHE A 466 0.26 -27.90 -25.12
CA PHE A 466 0.37 -29.33 -25.33
C PHE A 466 -0.61 -29.86 -26.35
N CYS A 467 -1.88 -29.48 -26.23
CA CYS A 467 -2.90 -29.94 -27.17
CA CYS A 467 -2.88 -29.96 -27.18
C CYS A 467 -2.69 -29.36 -28.56
N VAL A 468 -2.02 -28.21 -28.65
CA VAL A 468 -1.77 -27.60 -29.95
C VAL A 468 -0.71 -28.39 -30.69
N ASP A 469 0.31 -28.82 -29.95
CA ASP A 469 1.41 -29.56 -30.52
C ASP A 469 1.00 -31.01 -30.86
N HIS A 470 -0.03 -31.50 -30.19
CA HIS A 470 -0.50 -32.88 -30.42
C HIS A 470 -1.89 -32.93 -31.01
N ASN A 471 -2.28 -31.86 -31.71
CA ASN A 471 -3.56 -31.77 -32.38
C ASN A 471 -4.76 -32.31 -31.59
N PHE A 472 -4.78 -32.07 -30.28
CA PHE A 472 -5.89 -32.52 -29.46
C PHE A 472 -6.77 -31.36 -29.01
N ILE A 482 -10.52 -35.89 -24.99
CA ILE A 482 -9.36 -36.51 -24.37
C ILE A 482 -9.24 -36.09 -22.91
N VAL A 483 -8.46 -36.83 -22.15
CA VAL A 483 -8.23 -36.52 -20.74
C VAL A 483 -6.76 -36.18 -20.47
N VAL A 484 -6.54 -34.93 -20.07
CA VAL A 484 -5.18 -34.45 -19.87
C VAL A 484 -4.76 -34.56 -18.40
N LYS A 485 -3.70 -35.34 -18.17
CA LYS A 485 -3.09 -35.50 -16.85
C LYS A 485 -1.79 -34.68 -16.72
N VAL A 486 -1.44 -34.38 -15.47
CA VAL A 486 -0.21 -33.67 -15.14
C VAL A 486 0.81 -34.67 -14.58
N ILE A 487 2.10 -34.38 -14.71
CA ILE A 487 3.10 -35.19 -14.03
C ILE A 487 3.85 -34.32 -13.02
N ALA A 488 4.00 -34.82 -11.81
CA ALA A 488 4.56 -34.05 -10.71
C ALA A 488 5.26 -34.93 -9.70
N LEU A 489 5.89 -34.32 -8.70
CA LEU A 489 6.52 -35.09 -7.63
C LEU A 489 5.75 -35.09 -6.31
N ARG A 490 5.48 -36.28 -5.79
CA ARG A 490 4.75 -36.45 -4.53
C ARG A 490 5.41 -35.63 -3.45
N GLY A 491 4.63 -34.79 -2.80
CA GLY A 491 5.15 -33.90 -1.79
C GLY A 491 5.15 -32.45 -2.27
N SER A 492 5.02 -32.25 -3.57
CA SER A 492 5.00 -30.90 -4.07
C SER A 492 3.63 -30.26 -3.77
N TYR A 493 3.67 -28.96 -3.51
CA TYR A 493 2.50 -28.18 -3.15
C TYR A 493 2.42 -27.06 -4.17
N HIS A 494 1.21 -26.63 -4.51
CA HIS A 494 1.07 -25.69 -5.62
C HIS A 494 -0.11 -24.72 -5.50
N GLY A 495 -0.60 -24.53 -4.28
CA GLY A 495 -1.78 -23.70 -4.05
C GLY A 495 -2.99 -24.47 -3.55
N ASP A 496 -3.99 -23.76 -3.03
CA ASP A 496 -5.15 -24.38 -2.41
C ASP A 496 -6.48 -24.32 -3.18
N THR A 497 -6.54 -23.61 -4.29
CA THR A 497 -7.75 -23.60 -5.11
C THR A 497 -7.76 -24.90 -5.91
N LEU A 498 -8.92 -25.27 -6.45
CA LEU A 498 -9.15 -26.62 -6.99
C LEU A 498 -8.21 -27.07 -8.13
N GLY A 499 -7.90 -26.16 -9.04
CA GLY A 499 -6.94 -26.45 -10.10
C GLY A 499 -5.59 -26.77 -9.50
N ALA A 500 -5.13 -25.87 -8.63
CA ALA A 500 -3.86 -26.06 -7.92
C ALA A 500 -3.78 -27.34 -7.07
N MET A 501 -4.91 -27.83 -6.58
CA MET A 501 -4.93 -29.06 -5.77
C MET A 501 -4.74 -30.29 -6.65
N GLU A 502 -5.36 -30.28 -7.83
CA GLU A 502 -5.33 -31.42 -8.74
C GLU A 502 -3.90 -31.81 -9.09
N ALA A 503 -3.00 -30.83 -9.11
CA ALA A 503 -1.59 -31.07 -9.42
C ALA A 503 -0.82 -31.54 -8.19
N GLN A 504 -1.55 -31.73 -7.09
CA GLN A 504 -0.97 -32.21 -5.84
C GLN A 504 -1.34 -33.68 -5.58
N ALA A 505 -0.45 -34.43 -4.93
CA ALA A 505 -0.66 -35.87 -4.77
C ALA A 505 -1.70 -36.20 -3.71
N PRO A 506 -2.49 -37.25 -3.95
CA PRO A 506 -3.58 -37.63 -3.05
C PRO A 506 -3.08 -38.01 -1.67
N SER A 507 -3.10 -37.05 -0.75
CA SER A 507 -2.79 -37.35 0.64
C SER A 507 -4.01 -37.04 1.50
N PRO A 508 -3.98 -37.47 2.76
CA PRO A 508 -4.99 -37.05 3.75
C PRO A 508 -5.13 -35.53 3.85
N TYR A 509 -4.02 -34.81 3.65
CA TYR A 509 -4.06 -33.35 3.66
C TYR A 509 -4.52 -32.81 2.29
N THR A 510 -5.40 -33.55 1.62
CA THR A 510 -5.97 -33.19 0.30
C THR A 510 -6.83 -34.29 -0.33
N GLY A 511 -8.14 -34.27 -0.06
CA GLY A 511 -9.02 -35.28 -0.64
C GLY A 511 -10.52 -34.99 -0.52
N PHE A 512 -11.24 -35.87 0.17
CA PHE A 512 -12.69 -35.79 0.34
C PHE A 512 -13.18 -34.56 1.13
N LEU A 513 -12.86 -34.53 2.43
CA LEU A 513 -13.42 -33.56 3.35
C LEU A 513 -12.65 -32.25 3.38
N GLN A 514 -11.77 -32.07 2.39
CA GLN A 514 -11.12 -30.80 2.14
C GLN A 514 -11.53 -30.24 0.77
N GLN A 515 -11.66 -31.12 -0.21
CA GLN A 515 -12.21 -30.73 -1.51
C GLN A 515 -12.86 -31.91 -2.24
N PRO A 516 -14.19 -32.01 -2.08
CA PRO A 516 -15.09 -33.01 -2.67
C PRO A 516 -14.86 -33.23 -4.16
N TRP A 517 -14.37 -32.21 -4.86
CA TRP A 517 -14.16 -32.29 -6.31
C TRP A 517 -12.75 -32.74 -6.73
N TYR A 518 -11.81 -32.79 -5.78
CA TYR A 518 -10.46 -33.23 -6.05
C TYR A 518 -10.48 -34.66 -6.51
N THR A 519 -9.90 -34.94 -7.67
CA THR A 519 -9.92 -36.30 -8.18
C THR A 519 -8.56 -36.76 -8.67
N GLY A 520 -7.52 -36.47 -7.89
CA GLY A 520 -6.15 -36.84 -8.23
C GLY A 520 -5.87 -36.90 -9.73
N ARG A 521 -5.71 -35.73 -10.35
CA ARG A 521 -5.59 -35.66 -11.80
C ARG A 521 -4.14 -35.61 -12.26
N GLY A 522 -3.34 -36.52 -11.74
CA GLY A 522 -1.96 -36.56 -12.15
C GLY A 522 -1.24 -37.87 -11.90
N LEU A 523 -0.19 -38.07 -12.67
CA LEU A 523 0.79 -39.10 -12.45
C LEU A 523 1.84 -38.59 -11.48
N PHE A 524 1.86 -39.15 -10.27
CA PHE A 524 2.77 -38.65 -9.22
C PHE A 524 3.93 -39.60 -8.91
N LEU A 525 5.15 -39.08 -8.93
CA LEU A 525 6.36 -39.88 -8.69
C LEU A 525 7.06 -39.51 -7.38
N ASP A 526 7.79 -40.47 -6.79
CA ASP A 526 8.50 -40.20 -5.55
C ASP A 526 9.89 -39.69 -5.86
N PRO A 527 10.20 -38.45 -5.45
CA PRO A 527 11.51 -37.84 -5.72
C PRO A 527 12.57 -38.39 -4.78
N PRO A 528 13.81 -38.52 -5.28
CA PRO A 528 14.90 -38.75 -4.34
C PRO A 528 15.09 -37.46 -3.56
N THR A 529 15.54 -37.54 -2.32
CA THR A 529 15.82 -36.31 -1.59
C THR A 529 17.29 -36.23 -1.23
N VAL A 530 17.70 -35.04 -0.80
CA VAL A 530 19.05 -34.72 -0.44
C VAL A 530 19.01 -34.00 0.90
N PHE A 531 19.91 -34.36 1.80
CA PHE A 531 19.89 -33.80 3.15
C PHE A 531 21.27 -33.90 3.74
N LEU A 532 21.55 -32.98 4.66
CA LEU A 532 22.74 -33.03 5.48
C LEU A 532 22.44 -33.85 6.75
N SER A 533 23.41 -34.63 7.22
CA SER A 533 23.21 -35.47 8.38
C SER A 533 24.57 -35.81 8.93
N ASN A 534 24.74 -35.69 10.24
CA ASN A 534 26.03 -35.94 10.89
C ASN A 534 27.20 -35.33 10.12
N GLY A 535 27.03 -34.09 9.68
CA GLY A 535 28.11 -33.36 9.04
C GLY A 535 28.36 -33.72 7.58
N SER A 536 27.46 -34.50 6.98
CA SER A 536 27.65 -34.91 5.59
C SER A 536 26.37 -34.97 4.75
N TRP A 537 26.46 -34.43 3.53
CA TRP A 537 25.34 -34.48 2.60
C TRP A 537 25.12 -35.88 1.98
N ASN A 538 23.86 -36.27 1.83
CA ASN A 538 23.49 -37.61 1.42
C ASN A 538 22.30 -37.57 0.46
N ILE A 539 22.08 -38.67 -0.23
CA ILE A 539 20.89 -38.84 -1.05
C ILE A 539 20.02 -39.98 -0.48
N SER A 540 18.70 -39.87 -0.59
CA SER A 540 17.82 -40.93 -0.14
C SER A 540 16.86 -41.30 -1.26
N LEU A 541 17.04 -42.49 -1.83
CA LEU A 541 16.20 -42.95 -2.91
C LEU A 541 14.91 -43.53 -2.35
N THR A 554 27.05 -40.08 -0.86
CA THR A 554 27.64 -38.94 -0.16
C THR A 554 28.28 -37.92 -1.10
N PHE A 555 27.86 -36.68 -0.94
CA PHE A 555 28.38 -35.61 -1.77
C PHE A 555 29.53 -34.93 -1.07
N THR A 556 30.52 -34.54 -1.85
CA THR A 556 31.74 -33.94 -1.33
C THR A 556 31.39 -32.61 -0.65
N SER A 557 30.42 -31.91 -1.24
CA SER A 557 29.89 -30.68 -0.68
C SER A 557 28.54 -30.42 -1.31
N ARG A 558 27.82 -29.43 -0.80
CA ARG A 558 26.51 -29.06 -1.32
C ARG A 558 26.61 -28.65 -2.79
N ASP A 559 27.63 -27.84 -3.12
CA ASP A 559 27.89 -27.43 -4.50
C ASP A 559 27.99 -28.58 -5.50
N GLU A 560 28.58 -29.70 -5.09
CA GLU A 560 28.74 -30.85 -5.98
C GLU A 560 27.39 -31.46 -6.36
N ILE A 561 26.40 -31.30 -5.48
CA ILE A 561 25.06 -31.79 -5.76
C ILE A 561 24.55 -31.05 -6.96
N PHE A 562 24.82 -29.74 -6.98
CA PHE A 562 24.28 -28.87 -8.01
C PHE A 562 25.08 -28.89 -9.28
N ASP A 563 26.27 -29.46 -9.19
CA ASP A 563 27.15 -29.55 -10.33
C ASP A 563 26.47 -30.26 -11.50
N LYS A 564 26.69 -29.75 -12.71
CA LYS A 564 25.98 -30.25 -13.88
C LYS A 564 26.59 -31.52 -14.45
N SER A 565 27.86 -31.76 -14.14
CA SER A 565 28.50 -32.99 -14.59
C SER A 565 27.79 -34.28 -14.11
N ARG A 566 27.06 -34.21 -13.00
CA ARG A 566 26.29 -35.37 -12.52
C ARG A 566 25.36 -35.90 -13.62
N ASP A 567 25.23 -35.15 -14.70
CA ASP A 567 24.56 -35.67 -15.88
C ASP A 567 25.23 -36.94 -16.44
N ALA A 568 26.54 -37.08 -16.21
CA ALA A 568 27.30 -38.19 -16.77
C ALA A 568 27.26 -39.34 -15.79
N SER A 569 26.80 -39.06 -14.57
CA SER A 569 26.81 -40.01 -13.47
C SER A 569 25.87 -41.18 -13.72
N THR A 570 26.04 -42.23 -12.91
CA THR A 570 25.19 -43.41 -12.96
C THR A 570 23.74 -43.09 -12.57
N LEU A 571 23.54 -42.24 -11.56
CA LEU A 571 22.20 -41.84 -11.16
C LEU A 571 21.46 -41.10 -12.27
N ALA A 572 22.21 -40.45 -13.16
CA ALA A 572 21.58 -39.77 -14.28
C ALA A 572 20.96 -40.79 -15.23
N ARG A 573 21.65 -41.92 -15.41
CA ARG A 573 21.16 -42.99 -16.29
C ARG A 573 19.93 -43.63 -15.64
N ILE A 574 20.09 -43.99 -14.37
CA ILE A 574 19.04 -44.58 -13.54
C ILE A 574 17.74 -43.75 -13.58
N TYR A 575 17.89 -42.44 -13.37
CA TYR A 575 16.76 -41.53 -13.41
C TYR A 575 16.11 -41.58 -14.78
N SER A 576 16.90 -41.29 -15.82
CA SER A 576 16.40 -41.28 -17.20
C SER A 576 15.51 -42.47 -17.52
N ALA A 577 15.91 -43.64 -17.01
CA ALA A 577 15.18 -44.87 -17.27
C ALA A 577 13.89 -44.95 -16.44
N TYR A 578 14.02 -44.85 -15.12
CA TYR A 578 12.89 -44.79 -14.20
C TYR A 578 11.81 -43.85 -14.72
N LEU A 579 12.18 -42.63 -15.07
CA LEU A 579 11.22 -41.70 -15.65
C LEU A 579 10.73 -42.17 -17.01
N SER A 580 11.66 -42.50 -17.91
CA SER A 580 11.30 -42.86 -19.28
C SER A 580 10.20 -43.91 -19.29
N LYS A 581 10.20 -44.74 -18.26
CA LYS A 581 9.26 -45.82 -18.14
C LYS A 581 7.87 -45.24 -18.18
N HIS A 582 7.42 -44.83 -17.01
CA HIS A 582 6.10 -44.24 -16.82
C HIS A 582 5.72 -43.26 -17.93
N LEU A 583 6.61 -42.31 -18.19
CA LEU A 583 6.36 -41.26 -19.18
C LEU A 583 6.19 -41.81 -20.59
N ALA A 593 -5.96 -40.73 -21.52
CA ALA A 593 -5.17 -40.21 -20.41
C ALA A 593 -3.77 -39.84 -20.85
N HIS A 594 -3.56 -38.57 -21.19
CA HIS A 594 -2.27 -38.10 -21.69
C HIS A 594 -1.58 -37.14 -20.74
N VAL A 595 -0.27 -37.29 -20.59
CA VAL A 595 0.52 -36.37 -19.77
C VAL A 595 0.77 -35.07 -20.52
N GLY A 596 0.11 -34.00 -20.10
CA GLY A 596 0.10 -32.76 -20.86
C GLY A 596 0.89 -31.63 -20.26
N ALA A 597 1.55 -31.90 -19.13
CA ALA A 597 2.33 -30.90 -18.45
C ALA A 597 3.11 -31.48 -17.30
N LEU A 598 4.35 -31.04 -17.14
CA LEU A 598 5.15 -31.30 -15.94
C LEU A 598 5.20 -30.06 -15.01
N ILE A 599 4.97 -30.28 -13.71
CA ILE A 599 5.03 -29.19 -12.73
C ILE A 599 5.87 -29.59 -11.54
N ILE A 600 6.73 -28.68 -11.11
CA ILE A 600 7.63 -28.99 -10.03
C ILE A 600 7.86 -27.78 -9.12
N GLU A 601 8.24 -28.07 -7.89
CA GLU A 601 8.89 -27.11 -7.02
C GLU A 601 10.38 -27.41 -7.11
N PRO A 602 11.12 -26.62 -7.88
CA PRO A 602 12.57 -26.87 -7.98
C PRO A 602 13.29 -26.86 -6.62
N VAL A 603 14.25 -27.77 -6.45
CA VAL A 603 15.18 -27.78 -5.32
C VAL A 603 14.56 -28.01 -3.93
N ILE A 604 13.48 -27.31 -3.61
CA ILE A 604 12.79 -27.53 -2.34
C ILE A 604 11.31 -27.79 -2.47
N HIS A 605 10.86 -28.88 -1.84
CA HIS A 605 9.46 -29.09 -1.57
C HIS A 605 9.17 -28.39 -0.26
N GLY A 606 8.51 -27.24 -0.35
CA GLY A 606 8.33 -26.37 0.80
C GLY A 606 7.31 -26.87 1.80
N ALA A 607 6.03 -26.77 1.44
CA ALA A 607 4.96 -27.29 2.28
C ALA A 607 5.15 -28.79 2.59
N GLY A 608 5.78 -29.49 1.66
CA GLY A 608 6.03 -30.93 1.79
C GLY A 608 6.91 -31.26 2.99
N GLY A 609 7.45 -30.24 3.63
CA GLY A 609 8.25 -30.44 4.83
C GLY A 609 9.70 -30.02 4.64
N MET A 610 9.91 -28.95 3.89
CA MET A 610 11.25 -28.45 3.58
C MET A 610 12.21 -29.58 3.17
N HIS A 611 11.80 -30.37 2.18
CA HIS A 611 12.67 -31.41 1.65
C HIS A 611 13.47 -30.85 0.49
N MET A 612 14.76 -31.14 0.45
CA MET A 612 15.50 -30.84 -0.77
C MET A 612 15.40 -32.05 -1.69
N VAL A 613 14.93 -31.83 -2.91
CA VAL A 613 14.97 -32.85 -3.94
C VAL A 613 16.36 -32.89 -4.58
N ASP A 614 16.67 -33.99 -5.24
CA ASP A 614 17.90 -34.07 -6.00
C ASP A 614 17.75 -33.25 -7.28
N PRO A 615 18.52 -32.15 -7.39
CA PRO A 615 18.57 -31.29 -8.58
C PRO A 615 18.69 -32.16 -9.83
N LEU A 616 19.58 -33.14 -9.78
CA LEU A 616 19.80 -34.02 -10.92
C LEU A 616 18.50 -34.65 -11.36
N PHE A 617 17.72 -35.10 -10.37
CA PHE A 617 16.50 -35.80 -10.66
C PHE A 617 15.55 -34.89 -11.44
N GLN A 618 15.47 -33.63 -11.02
CA GLN A 618 14.55 -32.69 -11.64
C GLN A 618 14.97 -32.23 -13.06
N ARG A 619 16.25 -31.98 -13.24
CA ARG A 619 16.76 -31.59 -14.55
C ARG A 619 16.48 -32.70 -15.56
N VAL A 620 16.90 -33.92 -15.21
CA VAL A 620 16.60 -35.07 -16.05
C VAL A 620 15.13 -35.04 -16.46
N LEU A 621 14.25 -35.05 -15.46
CA LEU A 621 12.81 -35.03 -15.70
C LEU A 621 12.40 -33.92 -16.66
N VAL A 622 12.91 -32.72 -16.43
CA VAL A 622 12.65 -31.61 -17.33
C VAL A 622 13.05 -31.98 -18.76
N ASN A 623 14.23 -32.56 -18.89
CA ASN A 623 14.73 -32.94 -20.21
C ASN A 623 13.89 -34.05 -20.82
N GLU A 624 13.60 -35.09 -20.05
CA GLU A 624 12.71 -36.15 -20.51
C GLU A 624 11.37 -35.62 -21.06
N CYS A 625 10.73 -34.70 -20.33
CA CYS A 625 9.46 -34.13 -20.77
C CYS A 625 9.62 -33.24 -21.99
N ARG A 626 10.69 -32.45 -22.01
CA ARG A 626 10.93 -31.61 -23.16
C ARG A 626 11.13 -32.45 -24.45
N ASN A 627 11.76 -33.61 -24.31
CA ASN A 627 11.92 -34.52 -25.43
C ASN A 627 10.60 -35.03 -25.98
N ARG A 628 9.57 -35.03 -25.14
CA ARG A 628 8.25 -35.51 -25.55
C ARG A 628 7.25 -34.40 -25.86
N LYS A 629 7.73 -33.19 -26.11
CA LYS A 629 6.85 -32.01 -26.29
C LYS A 629 5.79 -31.84 -25.19
N ILE A 630 6.17 -32.16 -23.95
CA ILE A 630 5.36 -31.89 -22.76
C ILE A 630 5.86 -30.61 -22.10
N PRO A 631 5.03 -29.57 -22.11
CA PRO A 631 5.43 -28.28 -21.55
C PRO A 631 5.90 -28.42 -20.10
N VAL A 632 6.91 -27.65 -19.72
CA VAL A 632 7.47 -27.69 -18.38
C VAL A 632 7.10 -26.45 -17.53
N ILE A 633 6.57 -26.67 -16.33
CA ILE A 633 6.23 -25.57 -15.45
C ILE A 633 7.13 -25.51 -14.23
N PHE A 634 7.79 -24.37 -14.03
CA PHE A 634 8.50 -24.14 -12.78
C PHE A 634 7.67 -23.33 -11.78
N ASP A 635 7.29 -23.95 -10.67
CA ASP A 635 6.55 -23.25 -9.65
C ASP A 635 7.51 -22.67 -8.63
N GLU A 636 7.90 -21.42 -8.86
CA GLU A 636 8.87 -20.74 -8.03
C GLU A 636 8.25 -19.75 -7.04
N VAL A 637 7.00 -20.01 -6.67
CA VAL A 637 6.28 -19.17 -5.71
C VAL A 637 7.03 -19.12 -4.37
N PHE A 638 7.51 -20.28 -3.93
CA PHE A 638 8.44 -20.34 -2.79
C PHE A 638 9.90 -19.97 -3.16
N THR A 639 10.46 -20.60 -4.20
CA THR A 639 11.90 -20.47 -4.45
C THR A 639 12.36 -19.17 -5.06
N GLY A 640 11.48 -18.47 -5.77
CA GLY A 640 11.87 -17.27 -6.47
C GLY A 640 12.38 -16.16 -5.58
N PHE A 641 13.17 -15.26 -6.16
CA PHE A 641 13.61 -14.01 -5.51
C PHE A 641 14.39 -14.10 -4.21
N TRP A 642 15.38 -15.01 -4.21
CA TRP A 642 16.44 -15.03 -3.21
C TRP A 642 16.18 -15.93 -2.02
N ARG A 643 14.98 -16.50 -1.95
CA ARG A 643 14.65 -17.43 -0.88
C ARG A 643 15.77 -18.45 -0.70
N LEU A 644 16.32 -18.94 -1.81
CA LEU A 644 17.29 -20.03 -1.79
C LEU A 644 18.68 -19.54 -2.21
N GLY A 645 18.88 -18.24 -2.19
CA GLY A 645 20.18 -17.67 -2.47
C GLY A 645 20.40 -17.28 -3.91
N VAL A 646 19.42 -17.55 -4.77
CA VAL A 646 19.49 -17.08 -6.16
C VAL A 646 18.18 -16.39 -6.53
N GLU A 647 18.20 -15.64 -7.63
CA GLU A 647 16.98 -14.95 -8.08
C GLU A 647 15.95 -15.89 -8.73
N THR A 648 16.44 -16.95 -9.37
CA THR A 648 15.60 -18.02 -9.89
C THR A 648 16.37 -19.35 -9.84
N THR A 649 15.67 -20.41 -9.54
CA THR A 649 16.33 -21.71 -9.42
C THR A 649 16.77 -22.32 -10.76
N THR A 650 16.48 -21.65 -11.88
CA THR A 650 17.05 -22.06 -13.17
C THR A 650 18.55 -21.94 -13.04
N GLU A 651 18.97 -21.04 -12.15
CA GLU A 651 20.37 -20.92 -11.77
C GLU A 651 20.88 -22.18 -11.07
N LEU A 652 20.01 -22.89 -10.36
CA LEU A 652 20.43 -24.08 -9.61
C LEU A 652 20.20 -25.39 -10.37
N LEU A 653 19.10 -25.48 -11.10
CA LEU A 653 18.75 -26.67 -11.85
C LEU A 653 19.47 -26.73 -13.19
N GLY A 654 20.08 -25.61 -13.56
CA GLY A 654 20.77 -25.50 -14.83
C GLY A 654 19.91 -25.79 -16.04
N CYS A 655 18.62 -25.44 -15.97
CA CYS A 655 17.73 -25.63 -17.11
C CYS A 655 16.56 -24.65 -17.04
N LYS A 656 15.92 -24.41 -18.18
CA LYS A 656 14.85 -23.43 -18.30
C LYS A 656 13.48 -24.12 -18.41
N PRO A 657 12.43 -23.45 -17.95
CA PRO A 657 11.07 -23.94 -18.09
C PRO A 657 10.40 -23.30 -19.30
N ASP A 658 9.18 -23.70 -19.63
CA ASP A 658 8.40 -23.02 -20.66
C ASP A 658 7.50 -22.01 -19.99
N ILE A 659 7.24 -22.24 -18.71
CA ILE A 659 6.31 -21.47 -17.92
C ILE A 659 6.80 -21.46 -16.47
N ALA A 660 6.67 -20.32 -15.80
CA ALA A 660 7.10 -20.24 -14.41
C ALA A 660 6.24 -19.26 -13.63
N CYS A 661 6.06 -19.53 -12.34
CA CYS A 661 5.19 -18.75 -11.47
C CYS A 661 5.98 -18.17 -10.32
N PHE A 662 5.72 -16.92 -9.98
CA PHE A 662 6.37 -16.30 -8.83
C PHE A 662 5.35 -15.57 -7.98
N ALA A 663 5.62 -15.49 -6.69
CA ALA A 663 4.89 -14.62 -5.79
C ALA A 663 5.66 -14.52 -4.50
N LYS A 664 4.97 -14.65 -3.37
CA LYS A 664 5.60 -14.48 -2.06
C LYS A 664 6.66 -13.34 -2.05
N LEU A 665 7.95 -13.67 -2.16
CA LEU A 665 9.00 -12.63 -2.11
C LEU A 665 9.01 -11.71 -3.32
N LEU A 666 8.17 -12.00 -4.30
CA LEU A 666 8.11 -11.17 -5.49
C LEU A 666 7.82 -9.74 -5.09
N THR A 667 6.84 -9.57 -4.22
CA THR A 667 6.47 -8.24 -3.71
C THR A 667 7.27 -7.81 -2.46
N GLY A 668 8.30 -8.57 -2.11
CA GLY A 668 9.13 -8.19 -0.99
C GLY A 668 8.41 -8.33 0.34
N GLY A 669 7.38 -9.17 0.37
CA GLY A 669 6.68 -9.48 1.60
C GLY A 669 5.71 -8.42 2.09
N MET A 670 5.27 -7.54 1.18
CA MET A 670 4.48 -6.37 1.58
C MET A 670 3.00 -6.47 1.26
N VAL A 671 2.68 -7.23 0.22
CA VAL A 671 1.35 -7.23 -0.38
C VAL A 671 1.24 -8.37 -1.42
N PRO A 672 0.01 -8.84 -1.73
CA PRO A 672 -0.16 -9.88 -2.76
C PRO A 672 -0.02 -9.43 -4.23
N LEU A 673 0.76 -10.20 -4.98
CA LEU A 673 0.84 -10.09 -6.43
C LEU A 673 1.48 -11.36 -6.95
N ALA A 674 1.00 -11.85 -8.08
CA ALA A 674 1.59 -13.04 -8.63
C ALA A 674 1.83 -12.86 -10.09
N VAL A 675 2.69 -13.71 -10.63
CA VAL A 675 3.10 -13.55 -12.00
C VAL A 675 3.35 -14.92 -12.62
N THR A 676 2.99 -15.05 -13.88
CA THR A 676 3.23 -16.29 -14.61
C THR A 676 3.91 -15.94 -15.93
N LEU A 677 5.16 -16.33 -16.05
CA LEU A 677 5.97 -16.05 -17.25
C LEU A 677 5.93 -17.20 -18.26
N ALA A 678 5.81 -16.86 -19.54
CA ALA A 678 5.72 -17.90 -20.57
C ALA A 678 6.64 -17.65 -21.74
N THR A 679 6.91 -18.70 -22.48
CA THR A 679 7.64 -18.62 -23.75
C THR A 679 6.79 -17.91 -24.79
N ASP A 680 7.45 -17.40 -25.83
CA ASP A 680 6.74 -16.90 -27.02
C ASP A 680 5.85 -17.98 -27.62
N ALA A 681 6.33 -19.23 -27.64
CA ALA A 681 5.55 -20.31 -28.21
C ALA A 681 4.33 -20.70 -27.35
N VAL A 682 4.47 -20.67 -26.03
CA VAL A 682 3.32 -20.89 -25.18
C VAL A 682 2.32 -19.77 -25.42
N PHE A 683 2.84 -18.55 -25.58
CA PHE A 683 2.03 -17.37 -25.88
C PHE A 683 1.29 -17.51 -27.21
N ASP A 684 1.94 -18.15 -28.17
CA ASP A 684 1.42 -18.32 -29.53
C ASP A 684 0.23 -19.28 -29.67
N SER A 685 0.05 -20.18 -28.71
CA SER A 685 -1.03 -21.16 -28.82
C SER A 685 -2.40 -20.56 -28.48
N PHE A 686 -2.40 -19.28 -28.12
CA PHE A 686 -3.65 -18.56 -27.88
C PHE A 686 -3.87 -17.49 -28.94
N SER A 687 -2.99 -17.44 -29.93
CA SER A 687 -3.17 -16.45 -30.99
C SER A 687 -4.13 -16.97 -32.06
N GLY A 688 -5.22 -16.25 -32.25
CA GLY A 688 -6.24 -16.63 -33.20
C GLY A 688 -7.11 -15.44 -33.53
N ASP A 689 -8.15 -15.66 -34.33
CA ASP A 689 -9.07 -14.58 -34.72
C ASP A 689 -10.18 -14.44 -33.71
N SER A 690 -10.43 -15.50 -32.96
CA SER A 690 -11.53 -15.50 -32.02
C SER A 690 -11.12 -15.10 -30.61
N LYS A 691 -11.95 -14.26 -29.98
CA LYS A 691 -11.75 -13.93 -28.58
C LYS A 691 -11.87 -15.21 -27.74
N LEU A 692 -12.30 -16.29 -28.39
CA LEU A 692 -12.47 -17.57 -27.72
C LEU A 692 -11.18 -18.37 -27.66
N LYS A 693 -10.23 -18.08 -28.53
CA LYS A 693 -8.91 -18.71 -28.42
C LYS A 693 -8.14 -18.09 -27.25
N ALA A 694 -8.43 -16.81 -26.94
CA ALA A 694 -7.69 -16.11 -25.89
C ALA A 694 -7.76 -16.86 -24.54
N LEU A 695 -6.78 -16.57 -23.69
CA LEU A 695 -6.80 -17.09 -22.34
C LEU A 695 -7.75 -16.24 -21.51
N LEU A 696 -8.97 -16.76 -21.32
CA LEU A 696 -10.04 -16.02 -20.66
C LEU A 696 -9.98 -16.30 -19.19
N HIS A 697 -8.92 -15.80 -18.58
CA HIS A 697 -8.75 -15.87 -17.14
C HIS A 697 -8.37 -14.45 -16.72
N GLY A 698 -8.89 -13.99 -15.60
CA GLY A 698 -8.73 -12.60 -15.23
C GLY A 698 -9.30 -12.34 -13.86
N HIS A 699 -8.49 -11.74 -12.99
CA HIS A 699 -9.00 -11.26 -11.73
C HIS A 699 -9.07 -9.74 -11.80
N SER A 700 -10.15 -9.19 -11.25
CA SER A 700 -10.42 -7.77 -11.37
C SER A 700 -9.23 -6.90 -11.02
N TYR A 701 -8.41 -7.36 -10.06
CA TYR A 701 -7.24 -6.57 -9.64
C TYR A 701 -5.94 -7.00 -10.32
N SER A 702 -6.06 -7.59 -11.52
CA SER A 702 -4.91 -7.98 -12.31
C SER A 702 -3.91 -6.84 -12.47
N ALA A 703 -2.65 -7.11 -12.11
CA ALA A 703 -1.57 -6.14 -12.21
C ALA A 703 -1.86 -4.82 -11.48
N HIS A 704 -2.48 -4.93 -10.31
CA HIS A 704 -2.76 -3.72 -9.53
C HIS A 704 -1.48 -2.93 -9.31
N ALA A 705 -1.53 -1.64 -9.63
CA ALA A 705 -0.36 -0.79 -9.57
C ALA A 705 0.39 -0.96 -8.26
N MET A 706 -0.34 -1.21 -7.19
CA MET A 706 0.24 -1.32 -5.85
C MET A 706 1.30 -2.43 -5.75
N GLY A 707 0.90 -3.67 -6.00
CA GLY A 707 1.84 -4.78 -6.08
C GLY A 707 2.93 -4.62 -7.10
N CYS A 708 2.57 -4.19 -8.31
CA CYS A 708 3.54 -3.98 -9.40
C CYS A 708 4.71 -3.06 -8.99
N ALA A 709 4.35 -1.88 -8.49
CA ALA A 709 5.33 -0.92 -7.98
C ALA A 709 6.17 -1.55 -6.89
N THR A 710 5.50 -2.21 -5.96
CA THR A 710 6.17 -2.85 -4.84
C THR A 710 7.11 -3.94 -5.31
N ALA A 711 6.70 -4.67 -6.35
CA ALA A 711 7.53 -5.74 -6.90
C ALA A 711 8.74 -5.19 -7.63
N ALA A 712 8.54 -4.09 -8.34
CA ALA A 712 9.64 -3.48 -9.09
C ALA A 712 10.71 -2.97 -8.13
N LYS A 713 10.28 -2.54 -6.95
CA LYS A 713 11.18 -1.99 -5.98
C LYS A 713 11.96 -3.15 -5.37
N ALA A 714 11.24 -4.21 -5.00
CA ALA A 714 11.86 -5.41 -4.44
C ALA A 714 12.81 -6.12 -5.40
N ILE A 715 12.36 -6.39 -6.62
CA ILE A 715 13.22 -7.05 -7.61
C ILE A 715 14.58 -6.37 -7.71
N GLN A 716 14.56 -5.03 -7.73
CA GLN A 716 15.80 -4.26 -7.86
C GLN A 716 16.61 -4.30 -6.58
N TRP A 717 15.96 -3.93 -5.48
CA TRP A 717 16.57 -3.80 -4.19
C TRP A 717 17.27 -5.07 -3.68
N PHE A 718 16.65 -6.22 -3.87
CA PHE A 718 17.19 -7.48 -3.37
C PHE A 718 18.44 -7.87 -4.15
N LYS A 719 18.48 -7.44 -5.41
CA LYS A 719 19.41 -7.89 -6.44
C LYS A 719 20.65 -7.00 -6.45
N ASP A 720 20.56 -5.89 -5.73
CA ASP A 720 21.52 -4.82 -5.84
C ASP A 720 22.53 -4.77 -4.70
N PRO A 721 23.81 -5.01 -5.04
CA PRO A 721 24.90 -5.13 -4.07
C PRO A 721 25.03 -3.94 -3.12
N GLU A 722 24.50 -2.78 -3.50
CA GLU A 722 24.47 -1.63 -2.59
C GLU A 722 23.29 -1.60 -1.64
N THR A 723 22.15 -2.17 -2.04
CA THR A 723 21.00 -2.21 -1.16
C THR A 723 20.93 -3.49 -0.35
N ASN A 724 21.58 -4.54 -0.85
CA ASN A 724 21.61 -5.83 -0.19
C ASN A 724 23.04 -6.33 -0.06
N HIS A 725 23.60 -6.14 1.12
CA HIS A 725 24.98 -6.51 1.35
C HIS A 725 25.26 -8.00 1.33
N ASN A 726 24.25 -8.82 1.05
CA ASN A 726 24.46 -10.25 0.95
C ASN A 726 24.77 -10.68 -0.48
N ILE A 727 24.65 -9.74 -1.39
CA ILE A 727 24.87 -10.05 -2.79
C ILE A 727 26.37 -10.30 -3.07
N THR A 728 26.67 -11.42 -3.71
CA THR A 728 28.05 -11.82 -4.05
C THR A 728 28.80 -10.80 -4.90
N SER A 729 30.05 -11.12 -5.24
CA SER A 729 30.89 -10.24 -6.03
C SER A 729 30.41 -10.20 -7.49
N GLN A 730 29.72 -11.26 -7.89
CA GLN A 730 29.24 -11.40 -9.25
C GLN A 730 27.74 -11.14 -9.29
N GLY A 731 27.18 -10.86 -8.10
CA GLY A 731 25.84 -10.37 -7.96
C GLY A 731 24.74 -11.29 -8.44
N LYS A 732 25.00 -12.58 -8.42
CA LYS A 732 23.97 -13.53 -8.86
C LYS A 732 23.57 -14.43 -7.70
N THR A 733 24.24 -14.21 -6.58
CA THR A 733 24.06 -15.04 -5.41
C THR A 733 24.32 -14.27 -4.13
N LEU A 734 23.74 -14.76 -3.04
CA LEU A 734 23.92 -14.19 -1.71
C LEU A 734 25.13 -14.83 -1.01
N ARG A 735 25.80 -14.08 -0.13
CA ARG A 735 26.85 -14.70 0.69
C ARG A 735 26.20 -15.70 1.64
N GLU A 736 26.97 -16.66 2.11
CA GLU A 736 26.37 -17.64 3.00
C GLU A 736 25.99 -16.91 4.26
N LEU A 737 24.80 -17.23 4.74
CA LEU A 737 24.22 -16.50 5.86
C LEU A 737 24.28 -17.33 7.14
N TRP A 738 24.25 -18.64 6.98
CA TRP A 738 24.15 -19.55 8.12
C TRP A 738 25.53 -20.07 8.50
N ASP A 739 25.98 -19.69 9.70
CA ASP A 739 27.30 -20.09 10.23
C ASP A 739 27.66 -21.56 10.01
N GLU A 740 28.76 -21.83 9.30
CA GLU A 740 29.13 -23.20 8.93
C GLU A 740 29.20 -24.14 10.13
N GLU A 741 29.97 -23.75 11.13
CA GLU A 741 30.14 -24.52 12.35
C GLU A 741 28.80 -24.91 12.95
N LEU A 742 28.07 -23.91 13.43
CA LEU A 742 26.75 -24.17 14.03
C LEU A 742 25.87 -25.05 13.15
N VAL A 743 26.00 -24.89 11.84
CA VAL A 743 25.27 -25.75 10.90
C VAL A 743 25.74 -27.19 11.04
N GLN A 744 27.05 -27.41 10.97
CA GLN A 744 27.60 -28.73 11.15
C GLN A 744 27.16 -29.36 12.46
N GLN A 745 27.38 -28.65 13.57
CA GLN A 745 26.90 -29.11 14.88
C GLN A 745 25.47 -29.61 14.88
N ILE A 746 24.53 -28.67 14.81
CA ILE A 746 23.10 -29.01 14.79
C ILE A 746 22.83 -30.24 13.94
N SER A 747 23.55 -30.35 12.84
CA SER A 747 23.37 -31.44 11.92
C SER A 747 23.67 -32.77 12.58
N SER A 748 24.52 -32.71 13.60
CA SER A 748 25.11 -33.91 14.21
C SER A 748 24.53 -34.22 15.58
N HIS A 749 23.58 -33.41 16.00
CA HIS A 749 22.84 -33.64 17.23
C HIS A 749 22.03 -34.93 17.16
N SER A 750 21.77 -35.52 18.33
CA SER A 750 21.02 -36.77 18.45
C SER A 750 19.51 -36.67 18.12
N ALA A 751 18.92 -35.51 18.39
CA ALA A 751 17.49 -35.35 18.17
C ALA A 751 17.21 -35.29 16.69
N VAL A 752 18.17 -34.76 15.96
CA VAL A 752 18.00 -34.37 14.57
C VAL A 752 18.21 -35.50 13.56
N GLN A 753 17.21 -35.70 12.71
CA GLN A 753 17.21 -36.78 11.76
C GLN A 753 17.86 -36.32 10.46
N ARG A 754 17.63 -35.05 10.12
CA ARG A 754 18.23 -34.46 8.93
C ARG A 754 18.20 -32.94 8.98
N VAL A 755 19.07 -32.33 8.20
CA VAL A 755 19.10 -30.88 8.04
C VAL A 755 19.16 -30.48 6.57
N VAL A 756 18.48 -29.40 6.23
CA VAL A 756 18.47 -28.87 4.88
C VAL A 756 18.74 -27.38 5.02
N VAL A 757 19.83 -26.93 4.43
CA VAL A 757 20.21 -25.53 4.54
C VAL A 757 20.70 -24.94 3.22
N ILE A 758 20.14 -23.79 2.85
CA ILE A 758 20.46 -23.14 1.60
C ILE A 758 19.81 -21.76 1.54
N GLY A 759 20.59 -20.76 1.16
CA GLY A 759 20.09 -19.40 1.12
C GLY A 759 19.56 -18.93 2.46
N THR A 760 18.31 -18.45 2.44
CA THR A 760 17.68 -17.87 3.61
C THR A 760 16.92 -18.89 4.45
N LEU A 761 17.09 -20.19 4.10
CA LEU A 761 16.35 -21.29 4.73
C LEU A 761 17.24 -22.18 5.59
N PHE A 762 16.84 -22.38 6.84
CA PHE A 762 17.39 -23.45 7.69
C PHE A 762 16.29 -24.36 8.25
N ALA A 763 16.31 -25.64 7.85
CA ALA A 763 15.30 -26.60 8.25
C ALA A 763 15.95 -27.79 8.91
N LEU A 764 15.32 -28.30 9.97
CA LEU A 764 15.71 -29.59 10.54
C LEU A 764 14.48 -30.44 10.77
N GLU A 765 14.62 -31.75 10.64
CA GLU A 765 13.56 -32.68 11.01
C GLU A 765 13.98 -33.45 12.25
N LEU A 766 13.09 -33.49 13.24
CA LEU A 766 13.35 -34.22 14.48
C LEU A 766 12.95 -35.68 14.37
N LYS A 767 13.61 -36.50 15.17
CA LYS A 767 13.26 -37.90 15.28
C LYS A 767 12.07 -38.08 16.22
N SER A 777 5.87 -33.40 16.97
CA SER A 777 5.71 -34.51 17.89
C SER A 777 6.09 -34.13 19.33
N LEU A 778 6.58 -35.13 20.05
CA LEU A 778 6.97 -34.97 21.44
C LEU A 778 7.82 -33.72 21.62
N TYR A 779 8.98 -33.73 20.98
CA TYR A 779 9.95 -32.65 21.13
C TYR A 779 9.51 -31.36 20.44
N ALA A 780 8.78 -31.47 19.34
CA ALA A 780 8.50 -30.32 18.48
C ALA A 780 7.80 -29.19 19.25
N LYS A 781 6.72 -29.55 19.92
CA LYS A 781 5.95 -28.58 20.70
C LYS A 781 6.87 -27.90 21.73
N SER A 782 7.74 -28.68 22.36
CA SER A 782 8.67 -28.14 23.34
C SER A 782 9.51 -27.02 22.73
N LEU A 783 10.19 -27.35 21.63
CA LEU A 783 11.15 -26.44 21.00
C LEU A 783 10.54 -25.09 20.61
N LEU A 784 9.45 -25.15 19.86
CA LEU A 784 8.67 -23.96 19.51
C LEU A 784 8.52 -22.98 20.68
N ILE A 785 8.09 -23.51 21.82
CA ILE A 785 7.88 -22.70 23.00
C ILE A 785 9.20 -22.10 23.51
N MET A 786 10.25 -22.90 23.50
CA MET A 786 11.51 -22.45 24.06
C MET A 786 12.12 -21.41 23.14
N LEU A 787 12.02 -21.66 21.84
CA LEU A 787 12.45 -20.67 20.86
C LEU A 787 11.71 -19.36 21.06
N ARG A 788 10.38 -19.42 21.22
CA ARG A 788 9.61 -18.20 21.45
C ARG A 788 10.11 -17.49 22.69
N GLU A 789 10.26 -18.23 23.77
CA GLU A 789 10.81 -17.69 24.99
C GLU A 789 12.08 -16.90 24.66
N ASP A 790 12.79 -17.33 23.62
CA ASP A 790 14.03 -16.68 23.22
C ASP A 790 13.83 -15.56 22.19
N GLY A 791 12.58 -15.17 21.95
CA GLY A 791 12.30 -14.14 20.97
C GLY A 791 12.36 -14.60 19.52
N ILE A 792 12.04 -15.87 19.30
CA ILE A 792 12.02 -16.42 17.95
C ILE A 792 10.67 -17.08 17.63
N PHE A 793 9.94 -16.47 16.71
CA PHE A 793 8.63 -16.94 16.29
C PHE A 793 8.77 -17.81 15.04
N THR A 794 8.35 -19.06 15.13
CA THR A 794 8.37 -19.95 13.96
C THR A 794 7.22 -20.97 13.99
N ARG A 795 6.76 -21.38 12.80
CA ARG A 795 5.60 -22.26 12.69
C ARG A 795 6.06 -23.69 12.35
N PRO A 796 5.67 -24.68 13.19
CA PRO A 796 6.11 -26.05 12.93
C PRO A 796 5.53 -26.57 11.62
N LEU A 797 6.15 -27.60 11.08
CA LEU A 797 5.66 -28.18 9.86
C LEU A 797 5.80 -29.69 10.02
N GLY A 798 4.90 -30.28 10.80
CA GLY A 798 5.07 -31.65 11.23
C GLY A 798 6.22 -31.74 12.20
N ASN A 799 7.14 -32.66 11.97
CA ASN A 799 8.31 -32.80 12.81
C ASN A 799 9.41 -31.88 12.34
N VAL A 800 9.14 -31.16 11.26
CA VAL A 800 10.08 -30.21 10.67
C VAL A 800 10.03 -28.82 11.35
N ILE A 801 11.19 -28.36 11.82
CA ILE A 801 11.32 -27.03 12.41
C ILE A 801 12.23 -26.20 11.54
N TYR A 802 11.82 -24.97 11.23
CA TYR A 802 12.63 -24.15 10.34
C TYR A 802 12.92 -22.69 10.76
N LEU A 803 13.95 -22.15 10.14
CA LEU A 803 14.34 -20.76 10.35
C LEU A 803 14.45 -20.18 8.97
N MET A 804 13.71 -19.11 8.72
CA MET A 804 13.71 -18.53 7.40
C MET A 804 13.91 -17.04 7.54
N CYS A 805 15.03 -16.54 7.05
CA CYS A 805 15.30 -15.09 7.15
C CYS A 805 14.88 -14.40 5.84
N GLY A 806 15.14 -13.10 5.74
CA GLY A 806 14.92 -12.36 4.50
C GLY A 806 16.19 -12.27 3.68
N PRO A 807 16.07 -11.91 2.41
CA PRO A 807 17.22 -11.78 1.49
C PRO A 807 18.30 -10.82 2.01
N CYS A 808 17.90 -9.87 2.86
CA CYS A 808 18.81 -8.83 3.33
C CYS A 808 19.24 -8.96 4.79
N THR A 809 18.88 -10.08 5.42
CA THR A 809 19.20 -10.31 6.84
C THR A 809 20.71 -10.50 7.00
N SER A 810 21.30 -9.89 8.03
CA SER A 810 22.73 -10.06 8.25
C SER A 810 23.07 -11.46 8.81
N PRO A 811 24.17 -12.05 8.33
CA PRO A 811 24.62 -13.33 8.88
C PRO A 811 24.81 -13.29 10.41
N GLU A 812 25.06 -12.10 10.98
CA GLU A 812 25.23 -11.93 12.43
C GLU A 812 23.95 -12.22 13.20
N ILE A 813 22.82 -11.97 12.56
CA ILE A 813 21.53 -12.28 13.15
C ILE A 813 21.18 -13.75 13.00
N CYS A 814 21.61 -14.35 11.89
CA CYS A 814 21.40 -15.76 11.66
C CYS A 814 22.24 -16.54 12.64
N ARG A 815 23.44 -16.05 12.90
CA ARG A 815 24.33 -16.73 13.82
C ARG A 815 23.71 -16.78 15.22
N ARG A 816 23.07 -15.69 15.63
CA ARG A 816 22.37 -15.66 16.90
C ARG A 816 21.19 -16.63 16.92
N LEU A 817 20.47 -16.72 15.81
CA LEU A 817 19.37 -17.69 15.71
C LEU A 817 19.84 -19.14 15.92
N LEU A 818 20.71 -19.63 15.04
CA LEU A 818 21.24 -20.98 15.15
C LEU A 818 21.77 -21.27 16.56
N THR A 819 22.40 -20.27 17.15
CA THR A 819 22.91 -20.43 18.52
C THR A 819 21.79 -20.78 19.50
N LYS A 820 20.76 -19.93 19.54
CA LYS A 820 19.60 -20.15 20.39
C LYS A 820 19.00 -21.52 20.11
N LEU A 821 18.93 -21.88 18.84
CA LEU A 821 18.31 -23.14 18.44
C LEU A 821 19.11 -24.33 18.94
N TYR A 822 20.43 -24.22 18.84
CA TYR A 822 21.34 -25.31 19.24
C TYR A 822 21.28 -25.54 20.76
N LYS A 823 21.32 -24.45 21.51
CA LYS A 823 21.14 -24.51 22.97
C LYS A 823 19.88 -25.30 23.34
N ARG A 824 18.77 -24.97 22.68
CA ARG A 824 17.49 -25.54 23.03
C ARG A 824 17.40 -27.04 22.70
N LEU A 825 18.10 -27.46 21.66
CA LEU A 825 18.27 -28.88 21.38
C LEU A 825 18.98 -29.52 22.56
N GLY A 826 19.93 -28.80 23.14
CA GLY A 826 20.73 -29.30 24.24
C GLY A 826 19.91 -29.91 25.35
N GLU A 827 18.61 -29.64 25.31
CA GLU A 827 17.67 -30.21 26.26
C GLU A 827 17.31 -31.64 25.82
N PHE A 828 17.99 -32.12 24.79
CA PHE A 828 17.64 -33.40 24.17
C PHE A 828 18.89 -34.24 23.97
N ASN A 829 19.79 -34.27 24.96
CA ASN A 829 20.96 -35.15 24.93
C ASN A 829 20.76 -36.50 25.63
N HIS B 29 -7.12 18.87 -20.99
CA HIS B 29 -6.15 18.57 -22.06
C HIS B 29 -4.78 19.23 -21.89
N LEU B 30 -3.96 18.68 -21.00
CA LEU B 30 -2.64 19.20 -20.70
C LEU B 30 -1.63 18.82 -21.77
N PRO B 31 -0.98 19.81 -22.36
CA PRO B 31 0.05 19.55 -23.39
C PRO B 31 1.39 19.26 -22.76
N LEU B 32 2.13 18.31 -23.32
CA LEU B 32 3.42 17.93 -22.77
C LEU B 32 4.56 18.21 -23.73
N ASN B 33 4.21 18.71 -24.91
CA ASN B 33 5.23 19.10 -25.89
C ASN B 33 6.25 19.97 -25.22
N HIS B 34 5.78 20.75 -24.25
CA HIS B 34 6.60 21.72 -23.55
C HIS B 34 6.54 21.54 -22.06
N PRO B 35 7.71 21.50 -21.42
CA PRO B 35 7.83 21.29 -19.98
C PRO B 35 7.07 22.35 -19.17
N THR B 36 6.35 21.87 -18.19
CA THR B 36 5.64 22.73 -17.25
C THR B 36 5.88 22.14 -15.88
N TYR B 37 6.45 22.92 -14.97
CA TYR B 37 6.77 22.41 -13.65
C TYR B 37 6.13 23.30 -12.59
N LEU B 38 5.69 22.68 -11.51
CA LEU B 38 5.33 23.40 -10.29
C LEU B 38 6.57 23.72 -9.48
N ILE B 39 6.59 24.90 -8.87
CA ILE B 39 7.69 25.26 -7.97
C ILE B 39 7.20 25.19 -6.52
N TRP B 40 7.68 24.20 -5.79
CA TRP B 40 7.25 23.93 -4.44
C TRP B 40 8.32 24.38 -3.46
N SER B 41 7.94 24.56 -2.20
CA SER B 41 8.89 24.86 -1.14
C SER B 41 8.48 24.26 0.21
N ALA B 42 9.44 24.06 1.09
CA ALA B 42 9.15 23.45 2.38
C ALA B 42 8.45 24.46 3.27
N ASN B 43 8.68 25.73 2.99
CA ASN B 43 8.09 26.80 3.76
C ASN B 43 8.04 28.05 2.93
N THR B 44 7.38 29.07 3.46
CA THR B 44 7.30 30.37 2.83
C THR B 44 8.62 31.11 3.00
N SER B 45 8.93 32.01 2.06
CA SER B 45 10.15 32.82 2.05
C SER B 45 11.47 32.05 2.09
N LEU B 46 11.55 30.97 1.31
CA LEU B 46 12.78 30.20 1.18
C LEU B 46 13.47 30.50 -0.14
N GLY B 47 12.77 31.19 -1.04
CA GLY B 47 13.35 31.57 -2.31
C GLY B 47 12.72 31.03 -3.57
N LYS B 48 11.51 30.50 -3.49
CA LYS B 48 10.84 30.02 -4.68
C LYS B 48 10.98 31.01 -5.84
N THR B 49 10.80 32.30 -5.55
CA THR B 49 10.75 33.33 -6.59
C THR B 49 12.15 33.60 -7.14
N LEU B 50 13.14 33.55 -6.25
CA LEU B 50 14.53 33.64 -6.65
C LEU B 50 14.95 32.52 -7.60
N VAL B 51 14.44 31.32 -7.35
CA VAL B 51 14.73 30.16 -8.19
C VAL B 51 14.01 30.26 -9.52
N SER B 52 12.74 30.66 -9.48
CA SER B 52 11.97 30.84 -10.70
C SER B 52 12.68 31.84 -11.59
N THR B 53 13.15 32.93 -11.00
CA THR B 53 13.88 33.98 -11.71
C THR B 53 15.19 33.49 -12.31
N GLY B 54 15.95 32.74 -11.52
CA GLY B 54 17.17 32.10 -11.97
C GLY B 54 16.96 31.17 -13.15
N ILE B 55 15.96 30.30 -13.04
CA ILE B 55 15.62 29.40 -14.14
C ILE B 55 15.14 30.18 -15.38
N ALA B 56 14.31 31.19 -15.17
CA ALA B 56 13.89 32.04 -16.29
C ALA B 56 15.05 32.70 -17.02
N ALA B 57 15.96 33.29 -16.28
CA ALA B 57 17.10 33.97 -16.89
C ALA B 57 18.00 32.97 -17.61
N SER B 58 18.17 31.79 -17.03
CA SER B 58 19.02 30.77 -17.61
C SER B 58 18.44 30.31 -18.92
N PHE B 59 17.13 30.36 -19.04
CA PHE B 59 16.41 29.87 -20.21
C PHE B 59 16.33 30.92 -21.31
N LEU B 60 16.01 32.14 -20.93
CA LEU B 60 15.83 33.21 -21.91
C LEU B 60 17.14 33.85 -22.38
N LEU B 61 18.12 33.92 -21.48
CA LEU B 61 19.36 34.66 -21.78
C LEU B 61 20.40 33.70 -22.31
N GLN B 62 19.91 32.76 -23.09
CA GLN B 62 20.75 31.81 -23.80
C GLN B 62 21.37 32.54 -24.98
N GLN B 63 22.66 32.33 -25.15
CA GLN B 63 23.43 33.10 -26.11
C GLN B 63 22.81 32.99 -27.49
N PRO B 64 22.33 31.78 -27.79
CA PRO B 64 22.03 31.33 -29.15
C PRO B 64 21.14 32.20 -30.03
N SER B 65 19.85 32.38 -29.70
CA SER B 65 18.99 33.25 -30.54
C SER B 65 17.48 33.36 -30.27
N SER B 66 16.79 32.22 -30.35
CA SER B 66 15.40 32.16 -30.83
C SER B 66 14.38 33.22 -30.35
N SER B 67 13.60 33.71 -31.30
CA SER B 67 12.39 34.44 -30.97
C SER B 67 11.39 33.36 -30.60
N ALA B 68 11.70 32.13 -31.03
CA ALA B 68 10.93 30.94 -30.65
C ALA B 68 10.99 30.66 -29.14
N THR B 69 12.06 31.11 -28.49
CA THR B 69 12.23 30.87 -27.06
C THR B 69 11.26 31.71 -26.20
N LYS B 70 10.53 31.04 -25.33
CA LYS B 70 9.53 31.72 -24.52
C LYS B 70 9.43 31.04 -23.17
N LEU B 71 9.47 31.84 -22.10
CA LEU B 71 9.22 31.34 -20.75
C LEU B 71 7.91 31.89 -20.18
N LEU B 72 6.97 30.99 -19.87
CA LEU B 72 5.72 31.35 -19.19
C LEU B 72 5.83 31.19 -17.66
N TYR B 73 5.80 32.30 -16.94
CA TYR B 73 5.84 32.26 -15.49
C TYR B 73 4.46 32.58 -14.91
N LEU B 74 3.91 31.63 -14.16
CA LEU B 74 2.58 31.79 -13.56
C LEU B 74 2.65 31.78 -12.04
N LYS B 75 1.99 32.76 -11.44
CA LYS B 75 1.77 32.77 -9.99
C LYS B 75 0.27 32.75 -9.78
N PRO B 76 -0.32 31.53 -9.69
CA PRO B 76 -1.78 31.39 -9.60
C PRO B 76 -2.35 32.15 -8.40
N ILE B 77 -1.65 32.12 -7.27
CA ILE B 77 -2.14 32.67 -6.01
C ILE B 77 -1.09 33.58 -5.40
N GLN B 78 -1.46 34.82 -5.14
CA GLN B 78 -0.57 35.78 -4.49
C GLN B 78 -1.34 36.51 -3.39
N THR B 79 -0.71 36.69 -2.24
CA THR B 79 -1.21 37.62 -1.24
C THR B 79 -0.10 38.59 -0.81
N GLY B 80 -0.45 39.53 0.08
CA GLY B 80 0.46 40.60 0.46
C GLY B 80 0.68 41.57 -0.69
N PHE B 81 -0.25 41.53 -1.65
CA PHE B 81 -0.23 42.31 -2.90
C PHE B 81 -1.12 43.56 -2.72
N PRO B 82 -0.69 44.70 -3.30
CA PRO B 82 0.41 44.87 -4.25
C PRO B 82 1.82 45.08 -3.65
N SER B 83 1.98 45.16 -2.34
CA SER B 83 3.32 45.40 -1.81
C SER B 83 4.21 44.18 -2.04
N ASP B 84 3.60 42.99 -2.04
CA ASP B 84 4.28 41.76 -2.44
C ASP B 84 3.78 41.29 -3.81
N SER B 85 4.65 41.37 -4.81
CA SER B 85 4.35 40.77 -6.10
C SER B 85 5.51 39.95 -6.66
N ASP B 86 5.41 38.62 -6.59
CA ASP B 86 6.44 37.74 -7.15
C ASP B 86 6.59 37.90 -8.66
N SER B 87 5.46 38.12 -9.32
CA SER B 87 5.40 38.41 -10.76
C SER B 87 6.19 39.64 -11.16
N ARG B 88 6.10 40.68 -10.36
CA ARG B 88 6.77 41.94 -10.67
C ARG B 88 8.24 41.74 -10.40
N PHE B 89 8.55 40.88 -9.43
CA PHE B 89 9.92 40.59 -9.12
C PHE B 89 10.60 39.85 -10.27
N VAL B 90 9.90 38.87 -10.84
CA VAL B 90 10.49 38.06 -11.90
C VAL B 90 10.72 38.94 -13.10
N PHE B 91 9.72 39.77 -13.38
CA PHE B 91 9.72 40.70 -14.50
C PHE B 91 10.88 41.67 -14.34
N SER B 92 11.00 42.22 -13.15
CA SER B 92 11.96 43.28 -12.86
C SER B 92 13.40 42.77 -12.98
N LYS B 93 13.70 41.66 -12.33
CA LYS B 93 15.05 41.06 -12.38
C LYS B 93 15.50 40.59 -13.77
N LEU B 94 14.57 40.12 -14.58
CA LEU B 94 14.92 39.72 -15.93
C LEU B 94 15.20 40.91 -16.83
N ASP B 95 14.49 42.02 -16.61
CA ASP B 95 14.90 43.26 -17.22
C ASP B 95 16.37 43.50 -16.89
N SER B 96 16.70 43.49 -15.60
CA SER B 96 18.05 43.83 -15.15
C SER B 96 19.14 42.86 -15.64
N LEU B 97 18.89 41.57 -15.50
CA LEU B 97 19.83 40.56 -15.99
C LEU B 97 20.02 40.64 -17.49
N SER B 98 18.96 41.02 -18.19
CA SER B 98 19.03 41.18 -19.64
C SER B 98 20.10 42.17 -19.97
N LEU B 99 19.95 43.38 -19.45
CA LEU B 99 20.95 44.42 -19.61
C LEU B 99 22.36 43.91 -19.28
N ARG B 100 22.53 43.46 -18.04
CA ARG B 100 23.78 42.89 -17.55
C ARG B 100 24.43 41.90 -18.54
N ARG B 101 23.61 41.07 -19.18
CA ARG B 101 24.12 40.07 -20.11
C ARG B 101 24.13 40.61 -21.54
N GLN B 102 23.70 41.86 -21.69
CA GLN B 102 23.53 42.45 -23.01
C GLN B 102 22.83 41.48 -23.96
N ILE B 103 21.72 40.92 -23.51
CA ILE B 103 20.87 40.08 -24.33
C ILE B 103 19.43 40.57 -24.21
N PRO B 104 18.90 41.15 -25.30
CA PRO B 104 17.52 41.67 -25.36
C PRO B 104 16.46 40.57 -25.23
N ILE B 105 15.35 40.91 -24.60
CA ILE B 105 14.21 40.00 -24.49
C ILE B 105 12.96 40.82 -24.34
N SER B 106 11.84 40.29 -24.84
CA SER B 106 10.54 40.88 -24.60
C SER B 106 10.11 40.47 -23.19
N ILE B 107 9.52 41.38 -22.45
CA ILE B 107 8.96 41.05 -21.13
C ILE B 107 7.58 41.66 -20.88
N SER B 108 6.73 40.92 -20.19
CA SER B 108 5.42 41.42 -19.83
C SER B 108 5.07 40.90 -18.46
N ASN B 109 4.30 41.69 -17.71
CA ASN B 109 3.77 41.26 -16.42
C ASN B 109 2.30 41.70 -16.30
N SER B 110 1.42 40.74 -16.07
CA SER B 110 0.00 41.04 -15.93
C SER B 110 -0.52 40.44 -14.65
N VAL B 111 -1.52 41.10 -14.07
CA VAL B 111 -2.31 40.55 -12.98
C VAL B 111 -3.78 40.45 -13.42
N LEU B 112 -4.32 39.24 -13.40
CA LEU B 112 -5.62 38.97 -14.01
C LEU B 112 -6.78 39.35 -13.08
N HIS B 113 -6.76 38.83 -11.86
CA HIS B 113 -7.84 39.12 -10.95
C HIS B 113 -7.28 39.55 -9.61
N SER B 114 -8.13 40.17 -8.81
CA SER B 114 -7.73 40.75 -7.53
C SER B 114 -8.93 41.01 -6.68
N SER B 115 -8.75 40.90 -5.36
CA SER B 115 -9.80 41.26 -4.43
C SER B 115 -10.02 42.74 -4.57
N LEU B 116 -11.20 43.21 -4.17
CA LEU B 116 -11.53 44.62 -4.21
C LEU B 116 -10.50 45.47 -3.46
N PRO B 117 -10.23 45.12 -2.20
CA PRO B 117 -9.21 45.85 -1.42
C PRO B 117 -7.90 46.02 -2.20
N ALA B 118 -7.31 44.91 -2.64
CA ALA B 118 -6.04 44.94 -3.37
C ALA B 118 -6.09 45.84 -4.61
N ALA B 119 -7.18 45.75 -5.39
CA ALA B 119 -7.37 46.62 -6.53
C ALA B 119 -7.31 48.10 -6.10
N LYS B 120 -7.94 48.43 -4.97
CA LYS B 120 -7.92 49.81 -4.54
C LYS B 120 -6.49 50.25 -4.17
N SER B 121 -5.67 49.32 -3.67
CA SER B 121 -4.31 49.64 -3.19
C SER B 121 -3.25 49.87 -4.25
N LEU B 122 -3.54 49.51 -5.48
CA LEU B 122 -2.58 49.80 -6.53
C LEU B 122 -2.52 51.31 -6.77
N GLY B 132 -16.66 41.30 -5.18
CA GLY B 132 -15.89 40.17 -4.69
C GLY B 132 -14.47 40.10 -5.23
N MET B 133 -14.21 39.11 -6.10
CA MET B 133 -12.98 39.05 -6.89
C MET B 133 -13.23 39.78 -8.19
N CYS B 134 -12.49 40.85 -8.43
CA CYS B 134 -12.70 41.63 -9.64
C CYS B 134 -11.59 41.52 -10.69
N SER B 135 -11.95 41.77 -11.95
CA SER B 135 -10.99 41.66 -13.05
C SER B 135 -10.14 42.92 -13.19
N LEU B 136 -8.87 42.72 -13.55
CA LEU B 136 -7.95 43.85 -13.70
C LEU B 136 -7.38 44.00 -15.13
N ASN B 137 -7.27 45.25 -15.58
CA ASN B 137 -6.74 45.54 -16.91
C ASN B 137 -5.29 45.93 -16.81
N PHE B 138 -4.53 45.14 -16.06
CA PHE B 138 -3.22 45.56 -15.56
C PHE B 138 -2.06 44.81 -16.20
N ARG B 139 -1.24 45.55 -16.94
CA ARG B 139 -0.13 44.97 -17.66
C ARG B 139 1.07 45.91 -17.70
N ASP B 140 2.25 45.32 -17.75
CA ASP B 140 3.48 46.03 -17.99
C ASP B 140 4.20 45.28 -19.11
N GLU B 141 4.56 45.97 -20.17
CA GLU B 141 5.24 45.36 -21.31
C GLU B 141 6.52 46.13 -21.65
N LYS B 142 7.58 45.41 -22.01
CA LYS B 142 8.71 46.00 -22.74
C LYS B 142 9.03 45.04 -23.89
N THR B 143 8.65 45.42 -25.11
CA THR B 143 8.79 44.50 -26.25
C THR B 143 10.09 44.73 -27.03
N VAL B 144 10.80 43.66 -27.39
CA VAL B 144 11.97 43.75 -28.28
C VAL B 144 11.76 42.82 -29.47
N THR B 145 11.92 43.34 -30.68
CA THR B 145 11.63 42.60 -31.90
C THR B 145 12.45 41.32 -32.04
N GLY B 146 11.79 40.19 -32.19
CA GLY B 146 12.48 38.96 -32.52
C GLY B 146 13.24 38.36 -31.37
N ALA B 147 13.07 38.95 -30.20
CA ALA B 147 13.75 38.51 -28.98
C ALA B 147 13.00 37.39 -28.28
N PRO B 148 13.73 36.60 -27.48
CA PRO B 148 13.04 35.59 -26.67
C PRO B 148 12.07 36.32 -25.74
N GLU B 149 11.10 35.60 -25.18
CA GLU B 149 10.00 36.24 -24.48
C GLU B 149 9.71 35.79 -23.04
N LEU B 150 9.57 36.76 -22.14
CA LEU B 150 9.13 36.49 -20.77
C LEU B 150 7.69 36.92 -20.58
N LEU B 151 6.84 35.99 -20.17
CA LEU B 151 5.45 36.33 -19.85
C LEU B 151 5.12 35.98 -18.42
N CYS B 152 5.11 36.99 -17.54
CA CYS B 152 4.70 36.75 -16.16
C CYS B 152 3.24 37.11 -15.95
N LYS B 153 2.50 36.24 -15.27
CA LYS B 153 1.10 36.45 -15.02
C LYS B 153 0.78 36.06 -13.60
N THR B 154 0.11 36.95 -12.87
CA THR B 154 -0.50 36.63 -11.57
C THR B 154 -2.02 36.42 -11.74
N LEU B 155 -2.53 35.24 -11.40
CA LEU B 155 -3.91 34.90 -11.74
C LEU B 155 -4.89 35.55 -10.78
N TYR B 156 -4.61 35.42 -9.49
CA TYR B 156 -5.49 35.95 -8.44
C TYR B 156 -4.65 36.47 -7.27
N ALA B 157 -4.97 37.68 -6.82
CA ALA B 157 -4.20 38.31 -5.76
C ALA B 157 -5.08 38.97 -4.68
N TRP B 158 -4.71 38.77 -3.42
CA TRP B 158 -5.38 39.39 -2.28
C TRP B 158 -4.43 40.39 -1.60
N GLU B 159 -4.94 41.31 -0.75
CA GLU B 159 -4.07 42.30 -0.07
C GLU B 159 -3.40 41.89 1.26
N ALA B 160 -4.16 41.34 2.20
CA ALA B 160 -3.53 40.87 3.44
C ALA B 160 -2.38 39.90 3.15
N ALA B 161 -1.35 39.91 3.99
CA ALA B 161 -0.19 39.04 3.80
C ALA B 161 -0.30 37.84 4.70
N ILE B 162 -1.27 36.98 4.41
CA ILE B 162 -1.56 35.80 5.22
C ILE B 162 -1.96 34.64 4.32
N SER B 163 -2.43 33.55 4.91
CA SER B 163 -2.77 32.38 4.11
C SER B 163 -3.92 32.71 3.19
N PRO B 164 -3.86 32.27 1.91
CA PRO B 164 -4.88 32.51 0.89
C PRO B 164 -6.28 32.15 1.36
N HIS B 165 -6.43 31.20 2.27
CA HIS B 165 -7.76 30.81 2.71
C HIS B 165 -8.29 31.87 3.64
N LEU B 166 -7.40 32.49 4.39
CA LEU B 166 -7.78 33.50 5.35
C LEU B 166 -8.09 34.82 4.65
N ALA B 167 -7.27 35.21 3.67
CA ALA B 167 -7.46 36.50 3.00
C ALA B 167 -8.75 36.47 2.19
N ALA B 168 -9.10 35.28 1.70
CA ALA B 168 -10.33 35.08 0.94
C ALA B 168 -11.61 35.40 1.77
N GLU B 169 -11.70 34.90 3.00
CA GLU B 169 -12.77 35.28 3.91
C GLU B 169 -12.71 36.79 4.24
N ARG B 170 -11.53 37.26 4.67
CA ARG B 170 -11.42 38.60 5.20
C ARG B 170 -11.72 39.69 4.17
N GLU B 171 -11.36 39.42 2.92
CA GLU B 171 -11.62 40.38 1.86
C GLU B 171 -12.84 40.01 0.98
N ASN B 172 -13.51 38.91 1.32
CA ASN B 172 -14.72 38.49 0.62
C ASN B 172 -14.47 38.29 -0.86
N ALA B 173 -13.32 37.73 -1.16
CA ALA B 173 -12.97 37.48 -2.55
C ALA B 173 -12.62 36.01 -2.61
N THR B 174 -13.45 35.24 -3.28
CA THR B 174 -13.29 33.80 -3.27
C THR B 174 -13.09 33.25 -4.66
N VAL B 175 -12.37 32.15 -4.74
CA VAL B 175 -12.17 31.47 -6.02
C VAL B 175 -12.12 29.98 -5.79
N GLU B 176 -13.09 29.27 -6.37
CA GLU B 176 -13.19 27.84 -6.19
C GLU B 176 -12.03 27.16 -6.88
N ASP B 177 -11.70 25.97 -6.38
CA ASP B 177 -10.58 25.21 -6.90
C ASP B 177 -10.60 24.97 -8.40
N SER B 178 -11.76 24.64 -8.97
CA SER B 178 -11.79 24.27 -10.37
C SER B 178 -11.56 25.47 -11.26
N VAL B 179 -11.97 26.65 -10.78
CA VAL B 179 -11.80 27.91 -11.51
C VAL B 179 -10.32 28.22 -11.64
N VAL B 180 -9.59 28.06 -10.54
CA VAL B 180 -8.14 28.21 -10.53
C VAL B 180 -7.46 27.23 -11.52
N LEU B 181 -7.84 25.96 -11.49
CA LEU B 181 -7.28 25.00 -12.44
C LEU B 181 -7.63 25.39 -13.87
N GLN B 182 -8.85 25.90 -14.08
CA GLN B 182 -9.26 26.31 -15.41
C GLN B 182 -8.44 27.51 -15.88
N MET B 183 -8.27 28.49 -15.01
CA MET B 183 -7.47 29.67 -15.35
C MET B 183 -6.08 29.25 -15.83
N ILE B 184 -5.48 28.32 -15.10
CA ILE B 184 -4.15 27.82 -15.41
C ILE B 184 -4.18 27.10 -16.76
N GLU B 185 -5.16 26.22 -16.93
CA GLU B 185 -5.29 25.48 -18.16
C GLU B 185 -5.38 26.46 -19.33
N LYS B 186 -6.23 27.47 -19.16
CA LYS B 186 -6.41 28.47 -20.20
C LYS B 186 -5.06 29.07 -20.56
N CYS B 187 -4.32 29.54 -19.56
CA CYS B 187 -3.00 30.15 -19.81
C CYS B 187 -2.03 29.24 -20.53
N LEU B 188 -1.97 27.98 -20.12
CA LEU B 188 -1.10 27.01 -20.78
C LEU B 188 -1.46 26.82 -22.26
N LYS B 189 -2.75 26.63 -22.54
CA LYS B 189 -3.20 26.31 -23.89
C LYS B 189 -3.10 27.54 -24.78
N GLU B 190 -3.33 28.69 -24.16
CA GLU B 190 -3.19 29.95 -24.85
C GLU B 190 -1.79 30.14 -25.44
N GLU B 191 -0.80 29.45 -24.84
CA GLU B 191 0.58 29.54 -25.30
C GLU B 191 1.14 28.24 -25.90
N MET B 192 0.28 27.26 -26.16
CA MET B 192 0.71 26.04 -26.84
C MET B 192 -0.43 25.30 -27.53
N ASP B 202 12.80 26.09 -26.93
CA ASP B 202 11.51 26.68 -27.26
C ASP B 202 10.75 27.18 -25.99
N LEU B 203 9.79 26.40 -25.48
CA LEU B 203 8.94 26.88 -24.40
C LEU B 203 9.11 26.18 -23.05
N LEU B 204 9.19 26.96 -21.99
CA LEU B 204 9.27 26.43 -20.63
C LEU B 204 8.29 27.17 -19.74
N CYS B 205 7.48 26.42 -19.01
CA CYS B 205 6.50 27.03 -18.15
C CYS B 205 6.68 26.69 -16.67
N LEU B 206 6.81 27.74 -15.85
CA LEU B 206 6.90 27.61 -14.40
C LEU B 206 5.63 28.04 -13.66
N VAL B 207 5.17 27.23 -12.72
CA VAL B 207 3.98 27.61 -11.95
C VAL B 207 4.34 27.68 -10.48
N GLU B 208 4.48 28.89 -9.98
CA GLU B 208 4.99 29.08 -8.64
C GLU B 208 3.88 29.07 -7.61
N THR B 209 3.97 28.14 -6.68
CA THR B 209 2.98 28.02 -5.65
C THR B 209 3.13 29.12 -4.61
N ALA B 210 2.28 29.09 -3.60
CA ALA B 210 2.26 30.15 -2.61
C ALA B 210 2.40 29.54 -1.22
N GLY B 211 3.55 29.71 -0.60
CA GLY B 211 3.79 29.21 0.73
C GLY B 211 4.36 27.81 0.71
N GLY B 212 4.04 27.01 1.71
CA GLY B 212 4.44 25.61 1.72
C GLY B 212 3.61 24.67 0.87
N VAL B 213 4.19 23.51 0.64
CA VAL B 213 3.58 22.39 -0.08
C VAL B 213 2.13 22.14 0.34
N ALA B 214 1.86 22.39 1.63
CA ALA B 214 0.60 22.01 2.25
C ALA B 214 -0.11 23.23 2.84
N SER B 215 0.27 24.41 2.36
CA SER B 215 -0.45 25.65 2.66
C SER B 215 -1.81 25.68 1.94
N PRO B 216 -2.86 26.12 2.65
CA PRO B 216 -4.20 26.18 2.03
C PRO B 216 -4.25 27.17 0.88
N GLY B 217 -4.97 26.81 -0.18
CA GLY B 217 -5.35 27.76 -1.20
C GLY B 217 -6.56 28.53 -0.72
N PRO B 218 -7.16 29.35 -1.61
CA PRO B 218 -8.23 30.28 -1.26
C PRO B 218 -9.39 29.58 -0.60
N SER B 219 -9.79 28.44 -1.15
CA SER B 219 -10.95 27.69 -0.67
C SER B 219 -10.68 26.89 0.57
N GLY B 220 -9.42 26.77 0.95
CA GLY B 220 -9.01 25.98 2.12
C GLY B 220 -8.25 24.72 1.72
N THR B 221 -8.57 24.21 0.53
CA THR B 221 -7.92 23.04 0.00
C THR B 221 -6.42 23.18 0.06
N LEU B 222 -5.72 22.17 0.56
CA LEU B 222 -4.27 22.24 0.61
C LEU B 222 -3.76 22.34 -0.83
N GLN B 223 -2.73 23.15 -1.04
CA GLN B 223 -2.20 23.32 -2.39
C GLN B 223 -1.72 22.04 -3.05
N CYS B 224 -1.05 21.18 -2.30
CA CYS B 224 -0.63 19.89 -2.85
C CYS B 224 -1.82 19.08 -3.37
N ASP B 225 -3.01 19.36 -2.86
CA ASP B 225 -4.21 18.62 -3.25
C ASP B 225 -4.96 19.32 -4.38
N LEU B 226 -4.96 20.64 -4.32
CA LEU B 226 -5.61 21.46 -5.32
C LEU B 226 -5.06 21.20 -6.73
N TYR B 227 -3.75 21.12 -6.85
CA TYR B 227 -3.12 20.89 -8.15
C TYR B 227 -3.05 19.42 -8.52
N ARG B 228 -3.47 18.54 -7.61
CA ARG B 228 -3.34 17.12 -7.85
C ARG B 228 -3.89 16.66 -9.20
N PRO B 229 -5.07 17.15 -9.60
CA PRO B 229 -5.67 16.69 -10.86
C PRO B 229 -4.76 16.87 -12.08
N PHE B 230 -3.86 17.83 -12.05
CA PHE B 230 -2.86 17.98 -13.11
C PHE B 230 -1.65 17.05 -12.96
N ARG B 231 -1.31 16.67 -11.73
CA ARG B 231 -0.11 15.88 -11.46
C ARG B 231 1.08 16.36 -12.32
N LEU B 232 1.33 17.66 -12.29
CA LEU B 232 2.50 18.25 -12.96
C LEU B 232 3.76 17.89 -12.20
N PRO B 233 4.87 17.67 -12.93
CA PRO B 233 6.16 17.41 -12.31
C PRO B 233 6.55 18.67 -11.59
N GLY B 234 7.58 18.60 -10.77
CA GLY B 234 7.91 19.75 -9.95
C GLY B 234 9.36 19.79 -9.47
N ILE B 235 9.70 20.91 -8.88
CA ILE B 235 10.91 21.00 -8.09
C ILE B 235 10.58 21.58 -6.71
N LEU B 236 11.51 21.43 -5.79
CA LEU B 236 11.27 21.72 -4.40
C LEU B 236 12.42 22.54 -3.86
N VAL B 237 12.14 23.79 -3.54
CA VAL B 237 13.10 24.67 -2.90
C VAL B 237 13.16 24.31 -1.43
N GLY B 238 14.32 23.86 -0.97
CA GLY B 238 14.46 23.38 0.39
C GLY B 238 14.95 24.46 1.33
N ASP B 239 15.38 24.02 2.50
CA ASP B 239 15.75 24.93 3.59
C ASP B 239 17.18 24.61 4.01
N GLY B 240 18.08 25.56 3.79
CA GLY B 240 19.47 25.37 4.18
C GLY B 240 19.80 25.85 5.57
N ARG B 241 18.80 26.30 6.32
CA ARG B 241 18.98 26.76 7.69
C ARG B 241 18.96 25.56 8.63
N LEU B 242 19.37 25.79 9.87
CA LEU B 242 19.26 24.78 10.90
C LEU B 242 17.79 24.32 11.03
N GLY B 243 17.58 23.02 10.87
CA GLY B 243 16.24 22.48 10.96
C GLY B 243 15.68 22.31 9.58
N GLY B 244 16.44 22.70 8.57
CA GLY B 244 16.02 22.59 7.18
C GLY B 244 16.06 21.19 6.56
N ILE B 245 16.88 20.29 7.09
CA ILE B 245 16.89 18.91 6.63
C ILE B 245 15.51 18.26 6.85
N SER B 246 15.02 18.32 8.08
CA SER B 246 13.68 17.84 8.41
C SER B 246 12.58 18.52 7.59
N GLY B 247 12.60 19.86 7.61
CA GLY B 247 11.65 20.64 6.85
C GLY B 247 11.54 20.12 5.43
N THR B 248 12.70 19.88 4.83
CA THR B 248 12.78 19.59 3.41
C THR B 248 12.31 18.19 3.08
N ILE B 249 12.72 17.23 3.91
CA ILE B 249 12.30 15.85 3.75
C ILE B 249 10.80 15.69 3.96
N ALA B 250 10.25 16.35 4.98
CA ALA B 250 8.82 16.31 5.23
C ALA B 250 8.05 16.87 4.02
N ALA B 251 8.40 18.07 3.60
CA ALA B 251 7.79 18.60 2.39
C ALA B 251 7.87 17.63 1.19
N TYR B 252 9.05 17.04 0.97
CA TYR B 252 9.23 16.12 -0.14
C TYR B 252 8.27 14.93 -0.04
N GLU B 253 8.11 14.42 1.18
CA GLU B 253 7.31 13.25 1.41
C GLU B 253 5.81 13.53 1.30
N SER B 254 5.38 14.73 1.62
CA SER B 254 3.98 15.10 1.47
C SER B 254 3.61 15.19 -0.02
N LEU B 255 4.59 15.61 -0.82
CA LEU B 255 4.46 15.63 -2.27
C LEU B 255 4.38 14.22 -2.89
N LYS B 256 5.30 13.34 -2.51
CA LYS B 256 5.30 11.97 -3.03
C LYS B 256 3.99 11.26 -2.63
N LEU B 257 3.54 11.54 -1.41
CA LEU B 257 2.40 10.88 -0.85
C LEU B 257 1.13 11.33 -1.56
N ARG B 258 1.23 12.43 -2.32
CA ARG B 258 0.18 12.90 -3.23
C ARG B 258 0.31 12.32 -4.63
N GLY B 259 1.42 11.65 -4.91
CA GLY B 259 1.64 11.05 -6.20
C GLY B 259 2.38 11.94 -7.18
N TYR B 260 3.07 12.94 -6.64
CA TYR B 260 3.83 13.89 -7.44
C TYR B 260 5.24 13.37 -7.67
N ASP B 261 5.87 13.87 -8.75
CA ASP B 261 7.29 13.62 -9.04
C ASP B 261 8.11 14.89 -8.85
N ILE B 262 9.31 14.74 -8.31
CA ILE B 262 10.18 15.89 -8.07
C ILE B 262 11.51 15.70 -8.82
N ALA B 263 11.78 16.58 -9.76
CA ALA B 263 12.96 16.39 -10.62
C ALA B 263 14.23 16.85 -9.93
N ALA B 264 14.08 17.75 -8.97
CA ALA B 264 15.24 18.33 -8.30
C ALA B 264 14.88 19.04 -7.01
N VAL B 265 15.89 19.21 -6.16
CA VAL B 265 15.78 19.94 -4.93
C VAL B 265 16.87 20.97 -4.94
N VAL B 266 16.55 22.18 -4.46
CA VAL B 266 17.54 23.25 -4.39
C VAL B 266 17.34 24.09 -3.13
N PHE B 267 18.43 24.62 -2.58
CA PHE B 267 18.31 25.49 -1.42
C PHE B 267 19.51 26.39 -1.25
N GLU B 268 19.30 27.48 -0.51
CA GLU B 268 20.37 28.41 -0.24
C GLU B 268 21.27 27.84 0.84
N ASP B 269 22.56 27.98 0.62
CA ASP B 269 23.58 27.56 1.57
C ASP B 269 23.61 28.50 2.81
N HIS B 270 23.56 27.91 4.00
CA HIS B 270 23.74 28.67 5.24
C HIS B 270 24.91 28.09 6.04
N GLY B 271 25.77 27.34 5.36
CA GLY B 271 26.98 26.82 5.97
C GLY B 271 26.87 25.52 6.76
N LEU B 272 25.71 24.86 6.71
CA LEU B 272 25.47 23.68 7.55
C LEU B 272 25.57 22.36 6.80
N VAL B 273 26.01 22.42 5.55
CA VAL B 273 26.21 21.22 4.76
C VAL B 273 24.95 20.35 4.77
N ASN B 274 23.79 20.96 4.63
CA ASN B 274 22.52 20.23 4.60
C ASN B 274 22.35 19.24 3.45
N GLU B 275 23.09 19.46 2.37
CA GLU B 275 22.85 18.65 1.17
C GLU B 275 23.24 17.20 1.38
N VAL B 276 24.18 16.96 2.29
CA VAL B 276 24.69 15.60 2.40
C VAL B 276 23.60 14.66 2.88
N PRO B 277 22.98 14.95 4.05
CA PRO B 277 21.85 14.12 4.51
C PRO B 277 20.76 13.97 3.45
N LEU B 278 20.39 15.08 2.79
CA LEU B 278 19.36 15.04 1.76
C LEU B 278 19.70 14.12 0.59
N THR B 279 20.89 14.29 0.02
CA THR B 279 21.37 13.41 -1.05
C THR B 279 21.39 11.96 -0.60
N SER B 280 21.85 11.72 0.62
CA SER B 280 21.87 10.37 1.14
C SER B 280 20.47 9.80 1.27
N TYR B 281 19.55 10.57 1.87
CA TYR B 281 18.14 10.19 1.97
C TYR B 281 17.55 9.93 0.59
N LEU B 282 17.85 10.81 -0.35
CA LEU B 282 17.34 10.69 -1.70
C LEU B 282 18.10 9.60 -2.45
N ARG B 283 19.13 9.07 -1.80
CA ARG B 283 19.97 8.04 -2.40
C ARG B 283 20.50 8.50 -3.76
N ASN B 284 20.84 9.77 -3.83
CA ASN B 284 21.31 10.39 -5.04
C ASN B 284 20.45 10.14 -6.28
N LYS B 285 19.16 9.85 -6.13
CA LYS B 285 18.29 9.59 -7.30
C LYS B 285 17.65 10.87 -7.83
N VAL B 286 17.82 11.96 -7.09
CA VAL B 286 17.32 13.27 -7.44
C VAL B 286 18.43 14.24 -7.14
N PRO B 287 18.77 15.10 -8.10
CA PRO B 287 19.83 16.07 -7.79
C PRO B 287 19.44 17.06 -6.69
N VAL B 288 20.40 17.34 -5.82
CA VAL B 288 20.31 18.33 -4.76
C VAL B 288 21.27 19.47 -5.10
N LEU B 289 20.74 20.64 -5.42
CA LEU B 289 21.61 21.76 -5.76
C LEU B 289 21.66 22.84 -4.70
N VAL B 290 22.84 23.41 -4.52
CA VAL B 290 23.10 24.41 -3.49
C VAL B 290 23.47 25.80 -4.03
N LEU B 291 22.56 26.76 -3.85
CA LEU B 291 22.82 28.15 -4.16
C LEU B 291 23.81 28.75 -3.15
N PRO B 292 24.64 29.71 -3.60
CA PRO B 292 25.51 30.44 -2.67
C PRO B 292 24.71 31.32 -1.71
N PRO B 293 25.30 31.68 -0.57
CA PRO B 293 24.50 32.46 0.37
C PRO B 293 24.03 33.71 -0.32
N VAL B 294 22.76 34.04 -0.13
CA VAL B 294 22.28 35.28 -0.69
C VAL B 294 22.90 36.42 0.12
N PRO B 295 23.30 37.50 -0.54
CA PRO B 295 23.93 38.65 0.14
C PRO B 295 23.12 39.15 1.34
N LYS B 296 23.81 39.45 2.43
CA LYS B 296 23.14 39.84 3.66
C LYS B 296 22.68 41.29 3.63
N ASP B 297 23.39 42.12 2.89
CA ASP B 297 22.99 43.50 2.70
C ASP B 297 21.62 43.62 2.03
N PRO B 298 20.65 44.24 2.72
CA PRO B 298 19.28 44.43 2.22
C PRO B 298 19.20 45.25 0.92
N SER B 299 20.12 46.20 0.73
CA SER B 299 20.17 47.07 -0.45
C SER B 299 20.70 46.37 -1.69
N ASP B 300 21.25 45.18 -1.52
CA ASP B 300 21.79 44.44 -2.63
C ASP B 300 20.77 44.10 -3.73
N ASP B 301 21.12 44.47 -4.97
N ASP B 301 21.13 44.41 -4.97
CA ASP B 301 20.39 44.16 -6.20
CA ASP B 301 20.25 44.17 -6.12
C ASP B 301 20.07 42.68 -6.28
C ASP B 301 20.16 42.68 -6.44
N LEU B 302 21.01 41.88 -5.82
CA LEU B 302 21.03 40.44 -6.04
C LEU B 302 21.50 40.05 -7.46
N ILE B 303 21.65 41.03 -8.35
CA ILE B 303 22.09 40.76 -9.72
C ILE B 303 23.42 39.99 -9.79
N GLU B 304 24.40 40.45 -9.03
CA GLU B 304 25.64 39.72 -9.00
C GLU B 304 25.45 38.34 -8.43
N TRP B 305 24.51 38.18 -7.51
CA TRP B 305 24.22 36.90 -6.91
C TRP B 305 23.64 36.00 -7.97
N PHE B 306 22.71 36.54 -8.76
CA PHE B 306 22.12 35.75 -9.83
C PHE B 306 23.20 35.26 -10.76
N VAL B 307 24.08 36.18 -11.16
CA VAL B 307 25.22 35.88 -12.00
C VAL B 307 26.08 34.78 -11.36
N GLU B 308 26.41 34.97 -10.09
CA GLU B 308 27.13 33.98 -9.32
C GLU B 308 26.42 32.60 -9.29
N SER B 309 25.10 32.59 -9.39
CA SER B 309 24.34 31.35 -9.26
C SER B 309 24.00 30.71 -10.60
N ASP B 310 24.49 31.29 -11.68
CA ASP B 310 24.16 30.81 -13.00
C ASP B 310 24.37 29.31 -13.16
N GLY B 311 25.50 28.81 -12.68
CA GLY B 311 25.80 27.39 -12.74
C GLY B 311 24.69 26.52 -12.15
N VAL B 312 24.22 26.88 -10.96
CA VAL B 312 23.14 26.13 -10.32
C VAL B 312 21.84 26.20 -11.11
N PHE B 313 21.43 27.38 -11.52
CA PHE B 313 20.19 27.53 -12.30
C PHE B 313 20.25 26.79 -13.66
N LYS B 314 21.38 26.85 -14.36
CA LYS B 314 21.48 26.10 -15.60
C LYS B 314 21.43 24.58 -15.38
N ALA B 315 22.03 24.08 -14.29
CA ALA B 315 21.89 22.67 -13.95
C ALA B 315 20.41 22.34 -13.75
N LEU B 316 19.76 23.18 -12.95
CA LEU B 316 18.35 23.05 -12.63
C LEU B 316 17.49 23.03 -13.89
N LYS B 317 17.68 24.03 -14.75
CA LYS B 317 17.01 24.10 -16.04
C LYS B 317 17.27 22.85 -16.88
N GLU B 318 18.54 22.46 -17.02
CA GLU B 318 18.86 21.22 -17.71
C GLU B 318 18.04 20.07 -17.13
N THR B 319 18.10 19.88 -15.82
CA THR B 319 17.36 18.82 -15.16
C THR B 319 15.86 18.85 -15.51
N MET B 320 15.29 20.05 -15.60
CA MET B 320 13.86 20.14 -15.87
C MET B 320 13.54 19.75 -17.29
N VAL B 321 14.29 20.32 -18.23
CA VAL B 321 14.13 20.03 -19.66
C VAL B 321 14.37 18.54 -20.01
N LEU B 322 15.41 17.95 -19.42
CA LEU B 322 15.73 16.54 -19.64
C LEU B 322 14.66 15.60 -19.10
N ALA B 323 14.31 15.80 -17.82
CA ALA B 323 13.35 14.96 -17.15
C ALA B 323 12.10 14.88 -18.00
N ASN B 324 11.73 16.01 -18.58
CA ASN B 324 10.53 16.08 -19.40
C ASN B 324 10.66 15.29 -20.71
N LEU B 325 11.79 15.42 -21.38
CA LEU B 325 12.04 14.67 -22.62
C LEU B 325 11.94 13.18 -22.32
N GLU B 326 12.76 12.75 -21.36
CA GLU B 326 12.77 11.39 -20.89
C GLU B 326 11.37 10.87 -20.55
N ARG B 327 10.56 11.71 -19.89
CA ARG B 327 9.17 11.34 -19.55
C ARG B 327 8.30 11.14 -20.78
N LEU B 328 8.40 12.05 -21.74
CA LEU B 328 7.60 11.96 -22.96
C LEU B 328 8.06 10.80 -23.84
N GLU B 329 9.35 10.48 -23.77
CA GLU B 329 9.89 9.40 -24.58
C GLU B 329 9.47 8.05 -24.03
N ARG B 330 9.43 7.91 -22.72
CA ARG B 330 8.89 6.67 -22.13
C ARG B 330 7.41 6.55 -22.49
N LEU B 331 6.68 7.64 -22.28
CA LEU B 331 5.29 7.67 -22.67
C LEU B 331 5.06 7.23 -24.12
N ASN B 332 5.89 7.71 -25.03
CA ASN B 332 5.71 7.34 -26.43
C ASN B 332 6.01 5.89 -26.75
N GLY B 333 6.67 5.17 -25.85
CA GLY B 333 7.11 3.81 -26.15
C GLY B 333 6.40 2.75 -25.34
N MET B 334 5.48 3.18 -24.49
CA MET B 334 4.83 2.26 -23.56
C MET B 334 3.79 1.34 -24.20
N ALA B 335 2.90 1.92 -25.00
CA ALA B 335 1.97 1.12 -25.78
C ALA B 335 2.67 -0.01 -26.56
N LYS B 336 3.74 0.32 -27.30
CA LYS B 336 4.41 -0.70 -28.09
C LYS B 336 4.98 -1.73 -27.16
N LEU B 337 5.76 -1.29 -26.20
CA LEU B 337 6.36 -2.20 -25.24
C LEU B 337 5.36 -3.15 -24.59
N ALA B 338 4.26 -2.60 -24.10
CA ALA B 338 3.20 -3.39 -23.51
C ALA B 338 2.80 -4.53 -24.46
N GLY B 339 2.66 -4.21 -25.74
CA GLY B 339 2.25 -5.19 -26.73
C GLY B 339 3.21 -6.37 -26.83
N GLU B 340 4.49 -6.12 -26.53
CA GLU B 340 5.52 -7.14 -26.70
C GLU B 340 5.73 -7.90 -25.40
N VAL B 341 5.45 -7.22 -24.30
CA VAL B 341 5.87 -7.71 -23.00
C VAL B 341 4.74 -8.22 -22.10
N PHE B 342 3.55 -7.64 -22.21
CA PHE B 342 2.43 -8.08 -21.40
C PHE B 342 1.68 -9.24 -22.05
N TRP B 343 1.10 -10.10 -21.23
CA TRP B 343 0.05 -11.00 -21.67
C TRP B 343 -1.19 -10.56 -20.88
N TRP B 344 -2.03 -9.76 -21.52
CA TRP B 344 -3.23 -9.24 -20.88
C TRP B 344 -4.25 -10.34 -20.68
N PRO B 345 -5.04 -10.26 -19.59
CA PRO B 345 -6.19 -11.14 -19.31
C PRO B 345 -7.38 -10.88 -20.24
N PHE B 346 -8.17 -11.92 -20.53
CA PHE B 346 -9.29 -11.79 -21.46
C PHE B 346 -9.00 -10.92 -22.67
N THR B 347 -7.88 -11.19 -23.35
CA THR B 347 -7.50 -10.37 -24.49
C THR B 347 -6.97 -11.23 -25.60
N GLN B 348 -7.64 -11.20 -26.75
CA GLN B 348 -7.10 -11.88 -27.91
C GLN B 348 -6.02 -11.02 -28.56
N HIS B 349 -4.75 -11.31 -28.25
CA HIS B 349 -3.67 -10.44 -28.66
C HIS B 349 -3.59 -10.18 -30.16
N LYS B 350 -3.83 -11.22 -30.95
CA LYS B 350 -3.82 -11.05 -32.40
C LYS B 350 -4.62 -9.83 -32.84
N LEU B 351 -5.74 -9.60 -32.15
CA LEU B 351 -6.66 -8.54 -32.52
C LEU B 351 -6.33 -7.15 -31.94
N VAL B 352 -5.26 -7.03 -31.17
CA VAL B 352 -4.99 -5.76 -30.50
C VAL B 352 -3.70 -5.12 -31.03
N HIS B 353 -3.82 -3.86 -31.44
CA HIS B 353 -2.69 -3.15 -32.02
C HIS B 353 -2.37 -1.90 -31.18
N GLN B 354 -1.10 -1.48 -31.24
CA GLN B 354 -0.57 -0.34 -30.48
C GLN B 354 -1.51 0.87 -30.40
N GLU B 355 -2.30 1.08 -31.44
CA GLU B 355 -3.22 2.21 -31.50
C GLU B 355 -4.39 2.09 -30.52
N THR B 356 -4.72 0.89 -30.07
CA THR B 356 -5.83 0.72 -29.13
C THR B 356 -5.38 0.39 -27.72
N VAL B 357 -4.07 0.35 -27.52
CA VAL B 357 -3.54 0.27 -26.19
C VAL B 357 -3.67 1.65 -25.55
N THR B 358 -4.14 1.69 -24.31
CA THR B 358 -4.37 2.93 -23.59
C THR B 358 -3.27 3.22 -22.58
N VAL B 359 -2.60 4.36 -22.72
CA VAL B 359 -1.50 4.71 -21.83
C VAL B 359 -2.04 5.52 -20.67
N ILE B 360 -2.06 4.91 -19.48
CA ILE B 360 -2.65 5.50 -18.27
C ILE B 360 -1.58 6.01 -17.33
N ASP B 361 -1.35 7.32 -17.37
CA ASP B 361 -0.27 7.97 -16.59
C ASP B 361 -0.54 8.09 -15.09
N SER B 362 -1.83 8.05 -14.73
CA SER B 362 -2.23 8.25 -13.35
C SER B 362 -3.74 8.23 -13.27
N ARG B 363 -4.24 8.14 -12.04
CA ARG B 363 -5.67 8.28 -11.79
C ARG B 363 -5.95 9.30 -10.66
N CYS B 364 -7.10 9.95 -10.74
CA CYS B 364 -7.52 10.90 -9.72
C CYS B 364 -9.02 10.79 -9.52
N GLY B 365 -9.42 10.19 -8.41
CA GLY B 365 -10.79 9.74 -8.27
C GLY B 365 -11.24 8.86 -9.44
N GLU B 366 -12.35 9.22 -10.05
CA GLU B 366 -12.91 8.40 -11.11
C GLU B 366 -12.22 8.58 -12.46
N ASN B 367 -11.28 9.52 -12.55
CA ASN B 367 -10.64 9.81 -13.84
C ASN B 367 -9.25 9.23 -14.02
N PHE B 368 -9.02 8.69 -15.21
CA PHE B 368 -7.70 8.28 -15.67
C PHE B 368 -7.06 9.52 -16.25
N SER B 369 -5.75 9.61 -16.22
CA SER B 369 -5.07 10.58 -17.05
C SER B 369 -4.43 9.81 -18.17
N ILE B 370 -4.99 10.00 -19.34
CA ILE B 370 -4.62 9.25 -20.52
C ILE B 370 -3.65 10.05 -21.38
N TYR B 371 -2.57 9.40 -21.82
CA TYR B 371 -1.61 10.02 -22.73
C TYR B 371 -1.90 9.64 -24.21
N LYS B 372 -2.02 10.64 -25.06
CA LYS B 372 -2.17 10.38 -26.49
C LYS B 372 -1.14 11.21 -27.25
N ALA B 373 -0.21 10.55 -27.92
CA ALA B 373 0.68 11.23 -28.84
C ALA B 373 -0.11 11.81 -30.00
N SER B 374 -1.12 11.06 -30.46
CA SER B 374 -1.91 11.45 -31.62
C SER B 374 -2.50 12.82 -31.39
N ASP B 375 -2.96 13.04 -30.16
CA ASP B 375 -3.39 14.35 -29.75
C ASP B 375 -2.21 15.30 -29.93
N ASN B 376 -1.75 15.90 -28.85
CA ASN B 376 -0.69 16.88 -28.94
C ASN B 376 0.37 16.49 -27.98
N SER B 377 0.75 15.20 -28.01
CA SER B 377 1.57 14.64 -26.95
C SER B 377 1.06 15.17 -25.62
N SER B 378 -0.20 14.87 -25.33
CA SER B 378 -0.89 15.51 -24.21
C SER B 378 -1.55 14.51 -23.23
N LEU B 379 -1.93 15.00 -22.06
CA LEU B 379 -2.65 14.19 -21.10
C LEU B 379 -4.05 14.74 -21.05
N SER B 380 -5.03 13.84 -21.05
CA SER B 380 -6.43 14.23 -21.00
C SER B 380 -7.15 13.29 -20.07
N GLN B 381 -8.26 13.76 -19.54
CA GLN B 381 -8.99 12.98 -18.57
C GLN B 381 -9.96 12.03 -19.26
N GLN B 382 -10.24 10.92 -18.60
CA GLN B 382 -11.27 9.99 -19.03
C GLN B 382 -11.94 9.34 -17.83
N PHE B 383 -13.26 9.40 -17.80
CA PHE B 383 -13.98 8.74 -16.73
C PHE B 383 -13.83 7.24 -16.86
N ASP B 384 -13.45 6.60 -15.76
CA ASP B 384 -13.31 5.17 -15.72
C ASP B 384 -14.73 4.54 -15.60
N ALA B 385 -15.46 4.58 -16.71
CA ALA B 385 -16.87 4.14 -16.74
C ALA B 385 -17.05 2.67 -16.44
N CYS B 386 -15.98 1.89 -16.58
CA CYS B 386 -16.06 0.46 -16.29
C CYS B 386 -15.62 0.18 -14.86
N ALA B 387 -15.23 1.24 -14.15
CA ALA B 387 -14.81 1.12 -12.76
C ALA B 387 -13.66 0.13 -12.60
N SER B 388 -12.78 0.10 -13.60
CA SER B 388 -11.67 -0.86 -13.69
C SER B 388 -12.09 -2.27 -13.29
N TRP B 389 -12.95 -2.88 -14.11
CA TRP B 389 -13.53 -4.19 -13.78
C TRP B 389 -14.25 -4.18 -12.46
N TRP B 390 -15.02 -3.12 -12.23
CA TRP B 390 -16.00 -3.09 -11.16
C TRP B 390 -15.34 -3.15 -9.77
N THR B 391 -14.15 -2.59 -9.69
CA THR B 391 -13.46 -2.45 -8.43
C THR B 391 -13.64 -1.03 -7.88
N GLN B 392 -14.03 -0.09 -8.73
CA GLN B 392 -13.80 1.32 -8.44
C GLN B 392 -14.84 2.04 -7.62
N GLY B 393 -14.35 3.02 -6.86
CA GLY B 393 -15.10 3.71 -5.84
C GLY B 393 -14.63 5.11 -5.45
N PRO B 394 -13.31 5.30 -5.16
CA PRO B 394 -12.84 6.52 -4.51
C PRO B 394 -12.95 7.79 -5.36
N ASP B 395 -13.45 8.88 -4.75
CA ASP B 395 -13.37 10.20 -5.34
C ASP B 395 -11.92 10.71 -5.14
N PRO B 396 -11.57 11.87 -5.70
CA PRO B 396 -10.19 12.31 -5.44
C PRO B 396 -9.85 12.39 -3.97
N THR B 397 -10.73 12.97 -3.15
CA THR B 397 -10.46 13.17 -1.71
C THR B 397 -10.21 11.87 -0.98
N PHE B 398 -11.05 10.87 -1.27
CA PHE B 398 -10.92 9.57 -0.63
C PHE B 398 -9.66 8.83 -1.10
N GLN B 399 -9.36 8.95 -2.41
CA GLN B 399 -8.12 8.38 -2.93
C GLN B 399 -6.89 8.81 -2.14
N ALA B 400 -6.85 10.09 -1.79
CA ALA B 400 -5.73 10.64 -1.07
C ALA B 400 -5.68 10.14 0.39
N GLU B 401 -6.84 10.06 1.03
CA GLU B 401 -6.96 9.49 2.38
C GLU B 401 -6.44 8.07 2.47
N LEU B 402 -6.86 7.26 1.50
CA LEU B 402 -6.47 5.87 1.43
C LEU B 402 -4.96 5.76 1.17
N ALA B 403 -4.44 6.61 0.29
CA ALA B 403 -3.02 6.59 -0.01
C ALA B 403 -2.20 6.64 1.25
N ARG B 404 -2.62 7.51 2.17
CA ARG B 404 -1.83 7.77 3.34
C ARG B 404 -2.10 6.73 4.44
N GLU B 405 -3.28 6.14 4.41
CA GLU B 405 -3.58 5.05 5.32
C GLU B 405 -2.82 3.80 4.88
N MET B 406 -2.63 3.68 3.58
CA MET B 406 -1.86 2.58 3.05
C MET B 406 -0.40 2.73 3.40
N GLY B 407 0.17 3.90 3.10
CA GLY B 407 1.53 4.20 3.50
C GLY B 407 1.79 3.79 4.94
N TYR B 408 0.90 4.20 5.83
CA TYR B 408 1.07 4.03 7.27
C TYR B 408 1.02 2.57 7.68
N THR B 409 0.09 1.85 7.08
CA THR B 409 -0.05 0.42 7.33
C THR B 409 1.18 -0.33 6.82
N ALA B 410 1.74 0.13 5.71
CA ALA B 410 2.95 -0.45 5.17
C ALA B 410 4.08 -0.26 6.14
N ALA B 411 4.22 0.97 6.66
CA ALA B 411 5.28 1.27 7.59
C ALA B 411 5.10 0.60 8.94
N ARG B 412 3.85 0.38 9.34
CA ARG B 412 3.59 -0.22 10.66
C ARG B 412 3.56 -1.77 10.69
N PHE B 413 3.09 -2.39 9.61
CA PHE B 413 2.82 -3.82 9.67
C PHE B 413 3.57 -4.63 8.61
N GLY B 414 3.83 -4.03 7.46
CA GLY B 414 4.24 -4.78 6.29
C GLY B 414 3.17 -5.84 6.07
N HIS B 415 3.59 -7.08 5.84
CA HIS B 415 2.69 -8.22 5.99
C HIS B 415 3.07 -9.00 7.24
N VAL B 416 2.07 -9.29 8.07
CA VAL B 416 2.31 -10.10 9.25
C VAL B 416 1.44 -11.36 9.20
N MET B 417 2.02 -12.47 9.63
CA MET B 417 1.45 -13.82 9.63
C MET B 417 0.05 -13.89 10.28
N PHE B 418 -0.96 -14.35 9.54
CA PHE B 418 -2.32 -14.33 10.07
C PHE B 418 -2.69 -15.48 11.02
N PRO B 419 -2.50 -16.73 10.59
CA PRO B 419 -2.97 -17.89 11.36
C PRO B 419 -2.63 -17.81 12.84
N GLU B 420 -3.67 -17.83 13.68
CA GLU B 420 -3.57 -17.82 15.15
C GLU B 420 -3.01 -16.53 15.76
N ASN B 421 -2.78 -15.54 14.90
CA ASN B 421 -2.37 -14.22 15.36
C ASN B 421 -3.52 -13.24 15.22
N VAL B 422 -3.40 -12.08 15.87
CA VAL B 422 -4.36 -10.97 15.71
C VAL B 422 -3.61 -9.66 15.55
N TYR B 423 -4.09 -8.79 14.68
CA TYR B 423 -3.49 -7.47 14.52
C TYR B 423 -4.55 -6.46 14.11
N GLU B 424 -4.42 -5.24 14.61
CA GLU B 424 -5.51 -4.25 14.53
C GLU B 424 -6.33 -4.19 13.23
N PRO B 425 -5.68 -3.94 12.08
CA PRO B 425 -6.51 -3.78 10.89
C PRO B 425 -7.29 -5.04 10.47
N ALA B 426 -6.75 -6.23 10.70
CA ALA B 426 -7.51 -7.45 10.42
C ALA B 426 -8.73 -7.49 11.33
N LEU B 427 -8.53 -7.20 12.61
CA LEU B 427 -9.60 -7.31 13.59
C LEU B 427 -10.67 -6.25 13.40
N LYS B 428 -10.23 -5.00 13.19
CA LYS B 428 -11.16 -3.93 12.91
C LYS B 428 -12.03 -4.30 11.73
N CYS B 429 -11.37 -4.69 10.64
CA CYS B 429 -12.05 -5.03 9.41
C CYS B 429 -13.09 -6.12 9.66
N ALA B 430 -12.69 -7.19 10.36
CA ALA B 430 -13.62 -8.27 10.70
C ALA B 430 -14.84 -7.79 11.49
N GLU B 431 -14.61 -6.98 12.52
CA GLU B 431 -15.69 -6.39 13.32
C GLU B 431 -16.62 -5.62 12.42
N LEU B 432 -16.04 -4.74 11.60
CA LEU B 432 -16.78 -3.90 10.66
C LEU B 432 -17.58 -4.72 9.64
N LEU B 433 -17.04 -5.85 9.20
CA LEU B 433 -17.77 -6.75 8.30
C LEU B 433 -19.00 -7.36 8.98
N LEU B 434 -18.78 -8.03 10.11
CA LEU B 434 -19.87 -8.54 10.95
C LEU B 434 -20.89 -7.51 11.49
N ASP B 435 -20.46 -6.28 11.84
CA ASP B 435 -21.40 -5.29 12.38
C ASP B 435 -22.27 -4.67 11.28
N GLY B 436 -21.91 -4.92 10.02
CA GLY B 436 -22.63 -4.35 8.91
C GLY B 436 -23.21 -5.41 8.00
N VAL B 437 -22.44 -5.71 6.97
CA VAL B 437 -22.80 -6.67 5.94
C VAL B 437 -23.26 -8.04 6.48
N GLY B 438 -22.59 -8.55 7.50
CA GLY B 438 -22.96 -9.84 8.04
C GLY B 438 -23.85 -9.76 9.26
N LYS B 439 -24.46 -8.60 9.48
CA LYS B 439 -25.32 -8.37 10.65
C LYS B 439 -26.59 -9.23 10.64
N GLY B 440 -26.82 -9.93 11.74
CA GLY B 440 -28.03 -10.73 11.87
C GLY B 440 -27.92 -12.12 11.27
N TRP B 441 -26.71 -12.57 10.98
CA TRP B 441 -26.50 -13.90 10.42
C TRP B 441 -25.07 -14.40 10.51
N ALA B 442 -24.12 -13.59 10.06
CA ALA B 442 -22.72 -14.03 10.03
C ALA B 442 -22.08 -13.85 11.40
N SER B 443 -21.19 -14.77 11.76
CA SER B 443 -20.40 -14.65 12.99
C SER B 443 -18.91 -14.96 12.79
N ARG B 444 -18.52 -15.42 11.62
CA ARG B 444 -17.12 -15.75 11.32
C ARG B 444 -16.63 -15.15 10.01
N VAL B 445 -15.37 -14.70 10.02
CA VAL B 445 -14.77 -14.11 8.83
C VAL B 445 -13.52 -14.85 8.36
N TYR B 446 -13.54 -15.28 7.09
CA TYR B 446 -12.42 -15.99 6.47
C TYR B 446 -11.79 -15.17 5.33
N PHE B 447 -10.54 -14.74 5.55
CA PHE B 447 -9.79 -13.95 4.57
C PHE B 447 -9.17 -14.78 3.45
N SER B 448 -9.18 -14.22 2.25
CA SER B 448 -8.62 -14.85 1.07
C SER B 448 -8.14 -13.69 0.24
N ASP B 449 -7.64 -13.96 -0.96
CA ASP B 449 -6.98 -12.91 -1.71
C ASP B 449 -7.87 -12.17 -2.70
N ASN B 450 -8.81 -12.88 -3.31
CA ASN B 450 -9.70 -12.29 -4.31
C ASN B 450 -11.05 -12.98 -4.38
N GLY B 451 -11.93 -12.49 -5.25
CA GLY B 451 -13.24 -13.10 -5.40
C GLY B 451 -13.15 -14.61 -5.58
N SER B 452 -12.44 -15.06 -6.62
CA SER B 452 -12.29 -16.48 -6.91
C SER B 452 -11.89 -17.34 -5.69
N THR B 453 -10.89 -16.90 -4.93
CA THR B 453 -10.48 -17.66 -3.75
C THR B 453 -11.56 -17.67 -2.66
N ALA B 454 -12.36 -16.62 -2.59
CA ALA B 454 -13.40 -16.56 -1.59
C ALA B 454 -14.53 -17.54 -1.96
N ILE B 455 -14.86 -17.59 -3.25
CA ILE B 455 -15.77 -18.61 -3.78
C ILE B 455 -15.23 -20.05 -3.55
N GLU B 456 -14.02 -20.34 -4.00
CA GLU B 456 -13.45 -21.68 -3.74
C GLU B 456 -13.59 -22.09 -2.29
N ILE B 457 -13.39 -21.15 -1.39
CA ILE B 457 -13.54 -21.37 0.07
C ILE B 457 -14.99 -21.52 0.52
N ALA B 458 -15.88 -20.71 -0.08
CA ALA B 458 -17.30 -20.81 0.20
C ALA B 458 -17.78 -22.22 -0.14
N LEU B 459 -17.43 -22.69 -1.34
CA LEU B 459 -17.84 -24.01 -1.80
C LEU B 459 -17.39 -25.10 -0.81
N LYS B 460 -16.17 -24.96 -0.29
CA LYS B 460 -15.65 -25.92 0.70
C LYS B 460 -16.42 -25.84 2.00
N MET B 461 -16.98 -24.68 2.31
CA MET B 461 -17.75 -24.54 3.55
C MET B 461 -19.16 -25.15 3.37
N ALA B 462 -19.85 -24.79 2.29
CA ALA B 462 -21.19 -25.33 2.04
C ALA B 462 -21.21 -26.85 1.99
N PHE B 463 -20.26 -27.45 1.27
CA PHE B 463 -20.22 -28.91 1.09
C PHE B 463 -19.96 -29.66 2.40
N ARG B 464 -19.13 -29.10 3.28
CA ARG B 464 -18.96 -29.67 4.63
C ARG B 464 -20.24 -29.57 5.44
N LYS B 465 -20.82 -28.40 5.43
CA LYS B 465 -21.99 -28.17 6.23
C LYS B 465 -23.01 -29.17 5.76
N PHE B 466 -23.11 -29.28 4.44
CA PHE B 466 -24.11 -30.13 3.83
C PHE B 466 -23.90 -31.59 4.14
N CYS B 467 -22.68 -32.09 3.99
CA CYS B 467 -22.41 -33.50 4.27
CA CYS B 467 -22.45 -33.50 4.26
C CYS B 467 -22.53 -33.82 5.77
N VAL B 468 -22.35 -32.82 6.61
CA VAL B 468 -22.45 -33.04 8.06
C VAL B 468 -23.90 -33.23 8.45
N ASP B 469 -24.77 -32.44 7.82
CA ASP B 469 -26.20 -32.50 8.10
C ASP B 469 -26.85 -33.76 7.49
N HIS B 470 -26.23 -34.30 6.45
CA HIS B 470 -26.78 -35.48 5.79
C HIS B 470 -25.86 -36.70 5.92
N ASN B 471 -25.08 -36.72 6.99
CA ASN B 471 -24.19 -37.84 7.29
C ASN B 471 -23.45 -38.43 6.09
N PHE B 472 -23.00 -37.59 5.18
CA PHE B 472 -22.22 -38.05 4.02
C PHE B 472 -20.75 -37.64 4.13
N ILE B 482 -19.79 -40.33 -2.43
CA ILE B 482 -20.91 -39.62 -3.03
C ILE B 482 -20.41 -38.51 -3.95
N VAL B 483 -21.29 -38.01 -4.81
CA VAL B 483 -20.96 -36.91 -5.72
C VAL B 483 -21.80 -35.67 -5.42
N VAL B 484 -21.13 -34.61 -5.01
CA VAL B 484 -21.80 -33.38 -4.60
C VAL B 484 -21.86 -32.34 -5.71
N LYS B 485 -23.05 -31.83 -5.96
CA LYS B 485 -23.29 -30.95 -7.08
C LYS B 485 -23.88 -29.66 -6.54
N VAL B 486 -23.66 -28.59 -7.29
CA VAL B 486 -24.09 -27.28 -6.89
C VAL B 486 -25.36 -26.94 -7.69
N ILE B 487 -26.18 -26.03 -7.16
CA ILE B 487 -27.28 -25.51 -7.95
C ILE B 487 -27.08 -24.00 -8.10
N ALA B 488 -27.22 -23.51 -9.32
CA ALA B 488 -26.90 -22.14 -9.65
C ALA B 488 -27.77 -21.65 -10.81
N LEU B 489 -27.66 -20.37 -11.14
CA LEU B 489 -28.40 -19.83 -12.27
C LEU B 489 -27.51 -19.58 -13.50
N ARG B 490 -27.93 -20.13 -14.64
CA ARG B 490 -27.20 -19.95 -15.88
C ARG B 490 -27.00 -18.49 -16.15
N GLY B 491 -25.75 -18.13 -16.41
CA GLY B 491 -25.37 -16.74 -16.60
C GLY B 491 -24.55 -16.23 -15.43
N SER B 492 -24.67 -16.88 -14.28
CA SER B 492 -23.90 -16.42 -13.13
C SER B 492 -22.41 -16.73 -13.31
N TYR B 493 -21.58 -15.85 -12.77
CA TYR B 493 -20.13 -15.94 -12.87
C TYR B 493 -19.62 -15.92 -11.45
N HIS B 494 -18.53 -16.64 -11.19
CA HIS B 494 -18.07 -16.81 -9.82
C HIS B 494 -16.56 -16.88 -9.63
N GLY B 495 -15.81 -16.37 -10.60
CA GLY B 495 -14.35 -16.52 -10.60
C GLY B 495 -13.78 -17.47 -11.67
N ASP B 496 -12.47 -17.38 -11.88
CA ASP B 496 -11.82 -18.06 -13.00
C ASP B 496 -10.93 -19.29 -12.65
N THR B 497 -10.68 -19.52 -11.38
CA THR B 497 -9.96 -20.72 -10.96
C THR B 497 -10.90 -21.92 -11.05
N LEU B 498 -10.35 -23.14 -11.09
CA LEU B 498 -11.14 -24.33 -11.45
C LEU B 498 -12.39 -24.64 -10.57
N GLY B 499 -12.29 -24.43 -9.27
CA GLY B 499 -13.44 -24.58 -8.38
C GLY B 499 -14.56 -23.59 -8.72
N ALA B 500 -14.18 -22.32 -8.86
CA ALA B 500 -15.09 -21.27 -9.25
C ALA B 500 -15.73 -21.49 -10.64
N MET B 501 -15.04 -22.20 -11.52
CA MET B 501 -15.57 -22.42 -12.85
C MET B 501 -16.68 -23.47 -12.78
N GLU B 502 -16.45 -24.50 -11.96
CA GLU B 502 -17.39 -25.61 -11.86
C GLU B 502 -18.79 -25.15 -11.49
N ALA B 503 -18.89 -24.05 -10.75
CA ALA B 503 -20.17 -23.51 -10.32
C ALA B 503 -20.79 -22.63 -11.39
N GLN B 504 -20.10 -22.55 -12.53
CA GLN B 504 -20.57 -21.79 -13.69
C GLN B 504 -21.12 -22.71 -14.80
N ALA B 505 -22.13 -22.24 -15.54
CA ALA B 505 -22.80 -23.09 -16.52
C ALA B 505 -21.96 -23.31 -17.78
N PRO B 506 -22.06 -24.51 -18.36
CA PRO B 506 -21.27 -24.90 -19.53
C PRO B 506 -21.61 -24.04 -20.74
N SER B 507 -20.79 -23.02 -20.96
CA SER B 507 -20.91 -22.21 -22.15
C SER B 507 -19.61 -22.31 -22.93
N PRO B 508 -19.61 -21.84 -24.18
CA PRO B 508 -18.38 -21.68 -24.96
C PRO B 508 -17.31 -20.86 -24.22
N TYR B 509 -17.74 -19.88 -23.42
CA TYR B 509 -16.83 -19.07 -22.62
C TYR B 509 -16.44 -19.79 -21.32
N THR B 510 -16.40 -21.12 -21.37
CA THR B 510 -16.02 -21.99 -20.24
C THR B 510 -16.18 -23.47 -20.57
N GLY B 511 -15.13 -24.06 -21.16
CA GLY B 511 -15.17 -25.44 -21.62
C GLY B 511 -13.80 -26.09 -21.68
N PHE B 512 -13.57 -26.91 -22.71
CA PHE B 512 -12.32 -27.66 -22.85
C PHE B 512 -11.13 -26.73 -23.16
N LEU B 513 -11.36 -25.76 -24.04
CA LEU B 513 -10.30 -24.85 -24.46
C LEU B 513 -9.80 -23.99 -23.32
N GLN B 514 -10.67 -23.78 -22.34
CA GLN B 514 -10.37 -22.85 -21.28
C GLN B 514 -9.74 -23.56 -20.07
N GLN B 515 -10.23 -24.75 -19.75
CA GLN B 515 -9.72 -25.58 -18.66
C GLN B 515 -10.21 -27.01 -18.87
N PRO B 516 -9.29 -27.91 -19.24
CA PRO B 516 -9.61 -29.30 -19.55
C PRO B 516 -10.19 -30.10 -18.38
N TRP B 517 -10.25 -29.51 -17.19
CA TRP B 517 -10.71 -30.26 -16.02
C TRP B 517 -12.11 -29.80 -15.58
N TYR B 518 -12.60 -28.76 -16.23
CA TYR B 518 -13.98 -28.33 -16.10
C TYR B 518 -14.91 -29.46 -16.49
N THR B 519 -15.95 -29.68 -15.69
CA THR B 519 -16.88 -30.77 -15.91
C THR B 519 -18.30 -30.25 -15.78
N GLY B 520 -18.44 -28.99 -15.39
CA GLY B 520 -19.74 -28.39 -15.16
C GLY B 520 -20.45 -29.10 -14.02
N ARG B 521 -19.85 -29.03 -12.84
CA ARG B 521 -20.30 -29.80 -11.68
C ARG B 521 -21.52 -29.19 -10.95
N GLY B 522 -22.61 -28.96 -11.69
CA GLY B 522 -23.81 -28.38 -11.12
C GLY B 522 -25.09 -28.49 -11.95
N LEU B 523 -26.23 -28.39 -11.26
CA LEU B 523 -27.56 -28.27 -11.85
C LEU B 523 -27.87 -26.78 -12.11
N PHE B 524 -28.00 -26.41 -13.38
CA PHE B 524 -28.11 -25.00 -13.76
C PHE B 524 -29.50 -24.64 -14.29
N LEU B 525 -30.12 -23.62 -13.71
CA LEU B 525 -31.45 -23.20 -14.10
C LEU B 525 -31.45 -21.83 -14.82
N ASP B 526 -32.46 -21.58 -15.66
CA ASP B 526 -32.59 -20.31 -16.35
C ASP B 526 -33.38 -19.32 -15.52
N PRO B 527 -32.75 -18.22 -15.11
CA PRO B 527 -33.45 -17.25 -14.28
C PRO B 527 -34.41 -16.41 -15.10
N PRO B 528 -35.51 -15.97 -14.49
CA PRO B 528 -36.27 -14.91 -15.16
C PRO B 528 -35.46 -13.65 -14.99
N THR B 529 -35.55 -12.71 -15.93
CA THR B 529 -34.85 -11.45 -15.79
C THR B 529 -35.84 -10.30 -15.73
N VAL B 530 -35.31 -9.14 -15.33
CA VAL B 530 -36.08 -7.93 -15.17
C VAL B 530 -35.31 -6.83 -15.90
N PHE B 531 -36.03 -6.01 -16.66
CA PHE B 531 -35.38 -4.93 -17.39
C PHE B 531 -36.35 -3.79 -17.63
N LEU B 532 -35.79 -2.59 -17.80
CA LEU B 532 -36.56 -1.43 -18.20
C LEU B 532 -36.57 -1.42 -19.73
N SER B 533 -37.66 -0.96 -20.32
CA SER B 533 -37.80 -0.91 -21.77
C SER B 533 -38.91 0.05 -22.11
N ASN B 534 -38.65 0.94 -23.06
CA ASN B 534 -39.64 1.95 -23.43
C ASN B 534 -40.32 2.59 -22.22
N GLY B 535 -39.53 2.91 -21.20
CA GLY B 535 -40.02 3.64 -20.05
C GLY B 535 -40.76 2.80 -19.04
N SER B 536 -40.67 1.47 -19.16
CA SER B 536 -41.39 0.60 -18.26
C SER B 536 -40.66 -0.70 -17.91
N TRP B 537 -40.66 -1.05 -16.63
CA TRP B 537 -40.02 -2.26 -16.16
C TRP B 537 -40.85 -3.49 -16.48
N ASN B 538 -40.16 -4.57 -16.82
CA ASN B 538 -40.77 -5.79 -17.34
C ASN B 538 -40.04 -7.04 -16.84
N ILE B 539 -40.73 -8.17 -16.89
CA ILE B 539 -40.12 -9.45 -16.56
C ILE B 539 -40.02 -10.26 -17.84
N SER B 540 -39.00 -11.10 -17.93
CA SER B 540 -38.87 -11.99 -19.08
C SER B 540 -38.64 -13.41 -18.60
N LEU B 541 -39.65 -14.27 -18.76
CA LEU B 541 -39.53 -15.66 -18.32
C LEU B 541 -38.80 -16.47 -19.39
N PRO B 542 -38.03 -17.48 -18.99
CA PRO B 542 -37.42 -18.40 -19.97
C PRO B 542 -38.41 -19.40 -20.55
N GLU B 543 -38.07 -20.03 -21.68
CA GLU B 543 -39.00 -20.92 -22.40
C GLU B 543 -39.58 -22.05 -21.53
N SER B 544 -38.75 -22.66 -20.70
CA SER B 544 -39.20 -23.68 -19.75
C SER B 544 -40.30 -23.13 -18.84
N PHE B 545 -40.26 -21.83 -18.60
CA PHE B 545 -41.17 -21.17 -17.68
C PHE B 545 -42.45 -20.79 -18.38
N SER B 546 -43.49 -20.54 -17.59
CA SER B 546 -44.77 -20.09 -18.11
C SER B 546 -45.40 -21.15 -19.01
N THR B 554 -45.31 -6.25 -16.27
CA THR B 554 -45.12 -4.80 -16.30
C THR B 554 -45.43 -4.13 -14.98
N PHE B 555 -44.46 -4.16 -14.08
CA PHE B 555 -44.56 -3.46 -12.82
C PHE B 555 -44.62 -1.95 -13.02
N THR B 556 -45.28 -1.28 -12.09
CA THR B 556 -45.41 0.16 -12.15
C THR B 556 -44.02 0.80 -12.13
N SER B 557 -43.18 0.32 -11.22
CA SER B 557 -41.84 0.88 -11.07
C SER B 557 -40.81 -0.21 -10.84
N ARG B 558 -39.54 0.17 -10.94
CA ARG B 558 -38.44 -0.73 -10.57
C ARG B 558 -38.63 -1.18 -9.13
N ASP B 559 -39.12 -0.27 -8.29
CA ASP B 559 -39.34 -0.54 -6.88
C ASP B 559 -40.32 -1.69 -6.67
N GLU B 560 -41.38 -1.70 -7.48
CA GLU B 560 -42.42 -2.73 -7.36
C GLU B 560 -41.87 -4.13 -7.50
N ILE B 561 -40.63 -4.25 -7.93
CA ILE B 561 -40.05 -5.55 -8.24
C ILE B 561 -39.45 -6.22 -7.02
N PHE B 562 -38.94 -5.40 -6.10
CA PHE B 562 -38.22 -5.89 -4.94
C PHE B 562 -39.15 -6.07 -3.75
N ASP B 563 -40.42 -5.78 -3.99
CA ASP B 563 -41.43 -5.71 -2.95
C ASP B 563 -41.84 -7.10 -2.43
N LYS B 564 -41.69 -7.30 -1.12
CA LYS B 564 -42.01 -8.59 -0.51
C LYS B 564 -43.50 -8.93 -0.60
N SER B 565 -44.31 -7.96 -1.02
CA SER B 565 -45.71 -8.24 -1.36
C SER B 565 -45.82 -9.26 -2.49
N ARG B 566 -44.68 -9.61 -3.10
CA ARG B 566 -44.70 -10.50 -4.27
C ARG B 566 -44.59 -11.95 -3.86
N ASP B 567 -44.31 -12.20 -2.59
CA ASP B 567 -44.31 -13.56 -2.08
C ASP B 567 -45.71 -14.16 -2.17
N ALA B 568 -46.72 -13.28 -2.19
CA ALA B 568 -48.11 -13.71 -2.20
C ALA B 568 -48.59 -13.86 -3.62
N SER B 569 -47.86 -13.22 -4.53
CA SER B 569 -48.16 -13.24 -5.96
C SER B 569 -48.19 -14.64 -6.60
N THR B 570 -48.77 -14.69 -7.79
CA THR B 570 -48.84 -15.91 -8.58
C THR B 570 -47.45 -16.45 -9.01
N LEU B 571 -46.57 -15.55 -9.44
CA LEU B 571 -45.21 -15.93 -9.81
C LEU B 571 -44.47 -16.57 -8.66
N ALA B 572 -44.85 -16.26 -7.45
CA ALA B 572 -44.15 -16.85 -6.31
C ALA B 572 -44.53 -18.33 -6.21
N ARG B 573 -45.80 -18.61 -6.51
CA ARG B 573 -46.31 -19.96 -6.45
C ARG B 573 -45.66 -20.80 -7.55
N ILE B 574 -45.59 -20.22 -8.74
CA ILE B 574 -45.08 -20.94 -9.91
C ILE B 574 -43.57 -21.14 -9.83
N TYR B 575 -42.87 -20.16 -9.26
CA TYR B 575 -41.44 -20.31 -8.98
C TYR B 575 -41.25 -21.49 -8.03
N SER B 576 -41.89 -21.41 -6.87
CA SER B 576 -41.83 -22.48 -5.86
C SER B 576 -41.98 -23.88 -6.46
N ALA B 577 -42.87 -24.01 -7.44
CA ALA B 577 -43.11 -25.30 -8.08
C ALA B 577 -41.99 -25.67 -9.04
N TYR B 578 -41.72 -24.82 -10.03
CA TYR B 578 -40.65 -25.08 -11.00
C TYR B 578 -39.40 -25.54 -10.26
N LEU B 579 -38.98 -24.74 -9.27
CA LEU B 579 -37.80 -25.07 -8.47
C LEU B 579 -38.01 -26.38 -7.74
N SER B 580 -39.12 -26.49 -7.02
CA SER B 580 -39.40 -27.67 -6.23
C SER B 580 -39.23 -28.99 -7.00
N LYS B 581 -39.57 -28.99 -8.29
CA LYS B 581 -39.48 -30.22 -9.11
C LYS B 581 -38.05 -30.73 -9.30
N HIS B 582 -37.18 -29.89 -9.87
CA HIS B 582 -35.78 -30.26 -10.03
C HIS B 582 -35.18 -30.66 -8.67
N LEU B 583 -35.53 -29.91 -7.62
CA LEU B 583 -34.97 -30.14 -6.28
C LEU B 583 -35.35 -31.50 -5.63
N GLN B 584 -36.28 -32.24 -6.23
CA GLN B 584 -36.57 -33.59 -5.79
C GLN B 584 -36.20 -34.60 -6.88
N ALA B 593 -25.44 -38.32 -6.96
CA ALA B 593 -25.48 -36.92 -7.38
C ALA B 593 -26.42 -36.09 -6.50
N HIS B 594 -25.86 -35.47 -5.47
CA HIS B 594 -26.67 -34.68 -4.53
C HIS B 594 -26.39 -33.18 -4.61
N VAL B 595 -27.45 -32.38 -4.53
CA VAL B 595 -27.29 -30.92 -4.52
C VAL B 595 -26.88 -30.47 -3.14
N GLY B 596 -25.63 -30.03 -3.02
CA GLY B 596 -25.06 -29.77 -1.71
C GLY B 596 -24.84 -28.30 -1.38
N ALA B 597 -25.26 -27.41 -2.29
CA ALA B 597 -25.03 -25.99 -2.12
C ALA B 597 -25.71 -25.22 -3.22
N LEU B 598 -26.28 -24.06 -2.84
CA LEU B 598 -26.83 -23.10 -3.79
C LEU B 598 -25.91 -21.89 -3.84
N ILE B 599 -25.55 -21.46 -5.05
CA ILE B 599 -24.75 -20.26 -5.21
C ILE B 599 -25.39 -19.32 -6.20
N ILE B 600 -25.40 -18.03 -5.86
CA ILE B 600 -26.02 -17.04 -6.71
C ILE B 600 -25.26 -15.71 -6.73
N GLU B 601 -25.42 -14.97 -7.83
CA GLU B 601 -25.18 -13.54 -7.83
C GLU B 601 -26.51 -12.85 -7.60
N PRO B 602 -26.78 -12.39 -6.37
CA PRO B 602 -28.03 -11.66 -6.11
C PRO B 602 -28.27 -10.49 -7.07
N VAL B 603 -29.52 -10.31 -7.49
CA VAL B 603 -29.99 -9.12 -8.22
C VAL B 603 -29.35 -8.89 -9.60
N ILE B 604 -28.04 -9.00 -9.70
CA ILE B 604 -27.38 -8.81 -10.99
C ILE B 604 -26.41 -9.91 -11.36
N HIS B 605 -26.61 -10.46 -12.56
CA HIS B 605 -25.61 -11.29 -13.22
C HIS B 605 -24.66 -10.36 -13.95
N GLY B 606 -23.49 -10.13 -13.36
CA GLY B 606 -22.55 -9.13 -13.82
C GLY B 606 -21.87 -9.49 -15.13
N ALA B 607 -20.94 -10.43 -15.06
CA ALA B 607 -20.24 -10.93 -16.24
C ALA B 607 -21.21 -11.48 -17.28
N GLY B 608 -22.32 -12.03 -16.80
CA GLY B 608 -23.34 -12.58 -17.68
C GLY B 608 -23.94 -11.56 -18.63
N GLY B 609 -23.60 -10.29 -18.45
CA GLY B 609 -24.08 -9.23 -19.32
C GLY B 609 -25.01 -8.27 -18.61
N MET B 610 -24.68 -7.94 -17.36
CA MET B 610 -25.46 -6.99 -16.58
C MET B 610 -26.94 -7.27 -16.67
N HIS B 611 -27.33 -8.50 -16.38
CA HIS B 611 -28.75 -8.85 -16.35
C HIS B 611 -29.26 -8.68 -14.94
N MET B 612 -30.44 -8.08 -14.81
CA MET B 612 -31.11 -8.10 -13.52
C MET B 612 -31.98 -9.35 -13.45
N VAL B 613 -31.73 -10.20 -12.45
CA VAL B 613 -32.61 -11.33 -12.18
C VAL B 613 -33.81 -10.85 -11.39
N ASP B 614 -34.89 -11.62 -11.40
CA ASP B 614 -36.04 -11.33 -10.57
C ASP B 614 -35.73 -11.68 -9.12
N PRO B 615 -35.65 -10.65 -8.26
CA PRO B 615 -35.44 -10.80 -6.81
C PRO B 615 -36.33 -11.91 -6.26
N LEU B 616 -37.60 -11.89 -6.65
CA LEU B 616 -38.56 -12.86 -6.16
C LEU B 616 -38.06 -14.26 -6.46
N PHE B 617 -37.56 -14.45 -7.67
CA PHE B 617 -37.09 -15.76 -8.08
C PHE B 617 -35.98 -16.26 -7.18
N GLN B 618 -35.04 -15.38 -6.86
CA GLN B 618 -33.92 -15.76 -6.01
C GLN B 618 -34.30 -16.02 -4.54
N ARG B 619 -35.16 -15.17 -3.96
CA ARG B 619 -35.59 -15.40 -2.58
C ARG B 619 -36.28 -16.75 -2.44
N VAL B 620 -37.25 -17.00 -3.32
CA VAL B 620 -37.92 -18.29 -3.34
C VAL B 620 -36.87 -19.41 -3.32
N LEU B 621 -35.99 -19.39 -4.31
CA LEU B 621 -34.92 -20.36 -4.41
C LEU B 621 -34.18 -20.51 -3.10
N VAL B 622 -33.75 -19.39 -2.52
CA VAL B 622 -33.08 -19.44 -1.23
C VAL B 622 -33.94 -20.19 -0.21
N ASN B 623 -35.23 -19.84 -0.15
CA ASN B 623 -36.12 -20.49 0.81
C ASN B 623 -36.33 -21.97 0.51
N GLU B 624 -36.53 -22.31 -0.78
CA GLU B 624 -36.57 -23.71 -1.20
C GLU B 624 -35.36 -24.56 -0.76
N CYS B 625 -34.15 -24.03 -0.93
CA CYS B 625 -32.94 -24.77 -0.54
C CYS B 625 -32.81 -24.84 0.97
N ARG B 626 -33.11 -23.75 1.66
CA ARG B 626 -33.02 -23.76 3.11
C ARG B 626 -33.96 -24.80 3.69
N ASN B 627 -35.13 -24.97 3.08
CA ASN B 627 -36.08 -26.00 3.49
C ASN B 627 -35.52 -27.39 3.38
N ARG B 628 -34.52 -27.58 2.49
CA ARG B 628 -33.93 -28.92 2.28
C ARG B 628 -32.56 -29.07 2.93
N LYS B 629 -32.23 -28.19 3.88
CA LYS B 629 -30.91 -28.17 4.50
C LYS B 629 -29.75 -28.11 3.49
N ILE B 630 -29.97 -27.38 2.39
CA ILE B 630 -28.93 -27.08 1.42
C ILE B 630 -28.36 -25.69 1.70
N PRO B 631 -27.08 -25.62 2.13
CA PRO B 631 -26.45 -24.34 2.49
C PRO B 631 -26.57 -23.35 1.35
N VAL B 632 -26.77 -22.07 1.70
CA VAL B 632 -26.95 -21.02 0.70
C VAL B 632 -25.74 -20.09 0.64
N ILE B 633 -25.19 -19.89 -0.56
CA ILE B 633 -24.06 -18.98 -0.73
C ILE B 633 -24.45 -17.72 -1.49
N PHE B 634 -24.23 -16.56 -0.87
CA PHE B 634 -24.35 -15.30 -1.60
C PHE B 634 -23.00 -14.82 -2.13
N ASP B 635 -22.85 -14.79 -3.45
CA ASP B 635 -21.65 -14.24 -4.06
C ASP B 635 -21.83 -12.76 -4.35
N GLU B 636 -21.34 -11.93 -3.41
CA GLU B 636 -21.48 -10.50 -3.49
C GLU B 636 -20.17 -9.80 -3.82
N VAL B 637 -19.30 -10.50 -4.54
CA VAL B 637 -18.03 -9.96 -5.01
C VAL B 637 -18.28 -8.72 -5.90
N PHE B 638 -19.26 -8.81 -6.78
CA PHE B 638 -19.72 -7.65 -7.54
C PHE B 638 -20.68 -6.76 -6.72
N THR B 639 -21.74 -7.35 -6.14
CA THR B 639 -22.82 -6.57 -5.54
C THR B 639 -22.46 -5.85 -4.25
N GLY B 640 -21.55 -6.41 -3.48
CA GLY B 640 -21.29 -5.84 -2.16
C GLY B 640 -20.78 -4.41 -2.16
N PHE B 641 -20.95 -3.75 -1.01
CA PHE B 641 -20.39 -2.43 -0.74
C PHE B 641 -20.74 -1.30 -1.69
N TRP B 642 -22.03 -1.20 -1.96
CA TRP B 642 -22.67 -0.02 -2.54
C TRP B 642 -22.76 -0.04 -4.07
N ARG B 643 -22.18 -1.06 -4.69
CA ARG B 643 -22.26 -1.20 -6.13
C ARG B 643 -23.70 -1.03 -6.63
N LEU B 644 -24.66 -1.57 -5.89
CA LEU B 644 -26.05 -1.52 -6.28
C LEU B 644 -26.89 -0.60 -5.37
N GLY B 645 -26.23 0.28 -4.62
CA GLY B 645 -26.93 1.23 -3.80
C GLY B 645 -27.24 0.77 -2.38
N VAL B 646 -26.88 -0.47 -2.07
CA VAL B 646 -26.90 -0.94 -0.68
C VAL B 646 -25.57 -1.57 -0.27
N GLU B 647 -25.37 -1.77 1.03
CA GLU B 647 -24.10 -2.33 1.51
C GLU B 647 -24.04 -3.83 1.28
N THR B 648 -25.22 -4.47 1.34
CA THR B 648 -25.36 -5.88 0.99
C THR B 648 -26.73 -6.13 0.39
N THR B 649 -26.79 -7.04 -0.59
CA THR B 649 -28.02 -7.30 -1.28
C THR B 649 -29.03 -8.12 -0.45
N THR B 650 -28.67 -8.48 0.77
CA THR B 650 -29.65 -9.09 1.68
C THR B 650 -30.69 -8.03 1.95
N GLU B 651 -30.26 -6.77 1.81
CA GLU B 651 -31.15 -5.62 1.90
C GLU B 651 -32.15 -5.65 0.75
N LEU B 652 -31.74 -6.19 -0.40
CA LEU B 652 -32.61 -6.18 -1.57
C LEU B 652 -33.43 -7.45 -1.72
N LEU B 653 -32.83 -8.58 -1.40
CA LEU B 653 -33.47 -9.89 -1.57
C LEU B 653 -34.34 -10.22 -0.39
N GLY B 654 -34.20 -9.42 0.67
CA GLY B 654 -34.95 -9.63 1.90
C GLY B 654 -34.74 -11.00 2.51
N CYS B 655 -33.55 -11.58 2.33
CA CYS B 655 -33.21 -12.85 2.98
C CYS B 655 -31.70 -13.00 3.20
N LYS B 656 -31.34 -13.83 4.19
CA LYS B 656 -29.96 -14.03 4.58
C LYS B 656 -29.38 -15.31 3.97
N PRO B 657 -28.05 -15.33 3.72
CA PRO B 657 -27.35 -16.54 3.28
C PRO B 657 -26.74 -17.27 4.49
N ASP B 658 -26.10 -18.42 4.25
CA ASP B 658 -25.32 -19.07 5.31
C ASP B 658 -23.85 -18.69 5.13
N ILE B 659 -23.50 -18.32 3.90
CA ILE B 659 -22.14 -17.99 3.53
C ILE B 659 -22.22 -16.87 2.50
N ALA B 660 -21.27 -15.95 2.53
CA ALA B 660 -21.23 -14.87 1.54
C ALA B 660 -19.81 -14.41 1.28
N CYS B 661 -19.58 -13.96 0.06
CA CYS B 661 -18.25 -13.57 -0.38
C CYS B 661 -18.25 -12.11 -0.81
N PHE B 662 -17.20 -11.38 -0.44
CA PHE B 662 -17.04 -10.01 -0.89
C PHE B 662 -15.62 -9.74 -1.36
N ALA B 663 -15.48 -8.80 -2.29
CA ALA B 663 -14.18 -8.24 -2.67
C ALA B 663 -14.42 -7.00 -3.51
N LYS B 664 -13.75 -6.90 -4.65
CA LYS B 664 -13.83 -5.70 -5.48
C LYS B 664 -13.96 -4.41 -4.64
N LEU B 665 -15.16 -3.86 -4.46
CA LEU B 665 -15.30 -2.61 -3.69
C LEU B 665 -14.99 -2.76 -2.22
N LEU B 666 -14.80 -4.00 -1.77
CA LEU B 666 -14.49 -4.25 -0.38
C LEU B 666 -13.33 -3.40 0.07
N THR B 667 -12.27 -3.38 -0.76
CA THR B 667 -11.07 -2.59 -0.49
C THR B 667 -11.14 -1.19 -1.10
N GLY B 668 -12.30 -0.79 -1.59
CA GLY B 668 -12.45 0.56 -2.13
C GLY B 668 -11.71 0.80 -3.42
N GLY B 669 -11.40 -0.27 -4.14
CA GLY B 669 -10.80 -0.18 -5.46
C GLY B 669 -9.31 0.08 -5.44
N MET B 670 -8.66 -0.21 -4.32
CA MET B 670 -7.26 0.17 -4.14
C MET B 670 -6.24 -0.97 -4.27
N VAL B 671 -6.68 -2.19 -3.95
CA VAL B 671 -5.78 -3.33 -3.73
C VAL B 671 -6.64 -4.60 -3.55
N PRO B 672 -6.08 -5.80 -3.83
CA PRO B 672 -6.86 -7.04 -3.63
C PRO B 672 -6.99 -7.50 -2.18
N LEU B 673 -8.21 -7.88 -1.82
CA LEU B 673 -8.50 -8.56 -0.58
C LEU B 673 -9.88 -9.19 -0.74
N ALA B 674 -10.05 -10.39 -0.22
CA ALA B 674 -11.37 -11.00 -0.28
C ALA B 674 -11.79 -11.57 1.08
N VAL B 675 -13.07 -11.82 1.20
CA VAL B 675 -13.58 -12.23 2.49
C VAL B 675 -14.76 -13.17 2.28
N THR B 676 -14.86 -14.15 3.15
CA THR B 676 -15.93 -15.11 3.09
C THR B 676 -16.50 -15.22 4.48
N LEU B 677 -17.73 -14.75 4.64
CA LEU B 677 -18.44 -14.77 5.92
C LEU B 677 -19.33 -16.01 6.05
N ALA B 678 -19.33 -16.61 7.24
CA ALA B 678 -20.12 -17.80 7.48
C ALA B 678 -20.92 -17.73 8.79
N THR B 679 -21.96 -18.55 8.86
CA THR B 679 -22.73 -18.76 10.08
C THR B 679 -21.90 -19.47 11.13
N ASP B 680 -22.28 -19.31 12.39
CA ASP B 680 -21.70 -20.13 13.46
C ASP B 680 -21.81 -21.63 13.15
N ALA B 681 -22.95 -22.06 12.60
CA ALA B 681 -23.15 -23.48 12.26
C ALA B 681 -22.26 -23.96 11.12
N VAL B 682 -22.04 -23.12 10.12
CA VAL B 682 -21.12 -23.49 9.04
C VAL B 682 -19.72 -23.61 9.65
N PHE B 683 -19.44 -22.72 10.59
CA PHE B 683 -18.16 -22.69 11.29
C PHE B 683 -17.97 -23.96 12.10
N ASP B 684 -19.08 -24.45 12.66
CA ASP B 684 -19.07 -25.61 13.55
C ASP B 684 -18.75 -26.96 12.89
N SER B 685 -18.98 -27.07 11.58
CA SER B 685 -18.80 -28.33 10.89
C SER B 685 -17.31 -28.63 10.66
N PHE B 686 -16.46 -27.71 11.08
CA PHE B 686 -15.03 -27.93 11.01
C PHE B 686 -14.44 -28.04 12.42
N SER B 687 -15.28 -28.03 13.43
CA SER B 687 -14.78 -28.19 14.79
C SER B 687 -14.62 -29.66 15.15
N GLY B 688 -13.39 -30.03 15.49
CA GLY B 688 -13.05 -31.41 15.80
C GLY B 688 -11.74 -31.46 16.53
N ASP B 689 -11.26 -32.67 16.83
CA ASP B 689 -9.99 -32.83 17.55
C ASP B 689 -8.83 -32.90 16.57
N SER B 690 -9.14 -33.25 15.33
CA SER B 690 -8.14 -33.37 14.27
C SER B 690 -7.83 -32.03 13.59
N LYS B 691 -6.58 -31.86 13.23
CA LYS B 691 -6.18 -30.77 12.34
C LYS B 691 -6.63 -31.13 10.94
N LEU B 692 -6.83 -32.42 10.69
CA LEU B 692 -7.38 -32.87 9.43
C LEU B 692 -8.78 -32.31 9.24
N LYS B 693 -9.50 -32.18 10.35
CA LYS B 693 -10.88 -31.70 10.34
C LYS B 693 -11.05 -30.22 9.95
N ALA B 694 -10.03 -29.41 10.22
CA ALA B 694 -10.02 -27.98 9.92
C ALA B 694 -10.10 -27.68 8.42
N LEU B 695 -10.53 -26.47 8.10
CA LEU B 695 -10.51 -26.01 6.71
C LEU B 695 -9.07 -25.66 6.31
N LEU B 696 -8.42 -26.59 5.60
CA LEU B 696 -7.01 -26.45 5.26
C LEU B 696 -6.89 -25.75 3.93
N HIS B 697 -7.24 -24.49 3.95
CA HIS B 697 -7.12 -23.63 2.79
C HIS B 697 -6.48 -22.35 3.31
N GLY B 698 -5.55 -21.79 2.56
CA GLY B 698 -4.74 -20.70 3.08
C GLY B 698 -3.81 -20.18 2.00
N HIS B 699 -3.83 -18.88 1.82
CA HIS B 699 -2.90 -18.23 0.93
C HIS B 699 -1.92 -17.48 1.81
N SER B 700 -0.66 -17.50 1.42
CA SER B 700 0.39 -16.95 2.25
C SER B 700 0.08 -15.51 2.73
N TYR B 701 -0.58 -14.72 1.89
CA TYR B 701 -0.91 -13.35 2.24
C TYR B 701 -2.31 -13.16 2.85
N SER B 702 -2.86 -14.23 3.41
CA SER B 702 -4.14 -14.18 4.12
C SER B 702 -4.25 -12.99 5.08
N ALA B 703 -5.29 -12.19 4.92
CA ALA B 703 -5.54 -11.01 5.74
C ALA B 703 -4.34 -10.08 5.81
N HIS B 704 -3.69 -9.85 4.70
CA HIS B 704 -2.57 -8.92 4.70
C HIS B 704 -3.00 -7.57 5.27
N ALA B 705 -2.23 -7.05 6.21
CA ALA B 705 -2.58 -5.83 6.88
C ALA B 705 -2.98 -4.72 5.89
N MET B 706 -2.36 -4.73 4.72
CA MET B 706 -2.57 -3.68 3.73
C MET B 706 -4.03 -3.63 3.27
N GLY B 707 -4.53 -4.73 2.71
CA GLY B 707 -5.92 -4.82 2.33
C GLY B 707 -6.87 -4.59 3.48
N CYS B 708 -6.58 -5.21 4.62
CA CYS B 708 -7.46 -5.13 5.81
C CYS B 708 -7.70 -3.70 6.27
N ALA B 709 -6.60 -2.97 6.45
CA ALA B 709 -6.63 -1.55 6.76
C ALA B 709 -7.44 -0.80 5.73
N THR B 710 -7.07 -0.98 4.45
CA THR B 710 -7.74 -0.33 3.34
C THR B 710 -9.23 -0.61 3.33
N ALA B 711 -9.61 -1.84 3.67
CA ALA B 711 -11.01 -2.26 3.66
C ALA B 711 -11.78 -1.63 4.82
N ALA B 712 -11.11 -1.51 5.96
CA ALA B 712 -11.73 -0.92 7.14
C ALA B 712 -12.01 0.55 6.88
N LYS B 713 -11.14 1.17 6.08
CA LYS B 713 -11.28 2.57 5.78
C LYS B 713 -12.44 2.74 4.80
N ALA B 714 -12.49 1.86 3.81
CA ALA B 714 -13.55 1.91 2.79
C ALA B 714 -14.93 1.58 3.36
N ILE B 715 -15.02 0.46 4.09
CA ILE B 715 -16.29 0.07 4.72
C ILE B 715 -16.93 1.23 5.48
N GLN B 716 -16.14 1.94 6.27
CA GLN B 716 -16.63 3.09 7.05
C GLN B 716 -16.96 4.29 6.14
N TRP B 717 -16.02 4.65 5.28
CA TRP B 717 -16.13 5.87 4.49
C TRP B 717 -17.32 5.86 3.55
N PHE B 718 -17.58 4.72 2.92
CA PHE B 718 -18.64 4.64 1.94
C PHE B 718 -20.01 4.76 2.62
N LYS B 719 -20.06 4.36 3.88
CA LYS B 719 -21.29 4.10 4.63
C LYS B 719 -21.70 5.34 5.39
N ASP B 720 -20.78 6.30 5.40
CA ASP B 720 -20.87 7.43 6.31
C ASP B 720 -21.37 8.67 5.60
N PRO B 721 -22.56 9.13 6.01
CA PRO B 721 -23.24 10.27 5.41
C PRO B 721 -22.37 11.54 5.33
N GLU B 722 -21.36 11.71 6.19
CA GLU B 722 -20.43 12.85 6.10
C GLU B 722 -19.32 12.65 5.08
N THR B 723 -18.88 11.40 4.86
CA THR B 723 -17.83 11.17 3.89
C THR B 723 -18.40 10.85 2.51
N ASN B 724 -19.64 10.36 2.50
CA ASN B 724 -20.31 10.02 1.24
C ASN B 724 -21.67 10.69 1.17
N HIS B 725 -21.74 11.78 0.42
CA HIS B 725 -22.94 12.60 0.36
C HIS B 725 -24.09 11.90 -0.39
N ASN B 726 -23.89 10.67 -0.83
CA ASN B 726 -24.96 9.97 -1.53
C ASN B 726 -25.73 9.07 -0.56
N ILE B 727 -25.25 8.99 0.68
CA ILE B 727 -25.94 8.16 1.64
C ILE B 727 -27.27 8.78 2.00
N THR B 728 -28.30 7.95 1.90
CA THR B 728 -29.69 8.32 2.17
C THR B 728 -29.96 8.56 3.66
N SER B 729 -31.04 9.29 3.94
CA SER B 729 -31.51 9.54 5.30
C SER B 729 -31.67 8.23 6.07
N GLN B 730 -32.24 7.24 5.41
CA GLN B 730 -32.34 5.92 6.00
C GLN B 730 -30.96 5.37 6.40
N GLY B 731 -29.94 5.72 5.61
CA GLY B 731 -28.56 5.29 5.86
C GLY B 731 -28.32 3.91 5.29
N LYS B 732 -29.40 3.34 4.75
CA LYS B 732 -29.44 1.97 4.28
C LYS B 732 -29.19 1.86 2.77
N THR B 733 -29.36 2.97 2.06
CA THR B 733 -29.31 2.95 0.60
C THR B 733 -28.70 4.22 0.02
N LEU B 734 -28.39 4.22 -1.27
CA LEU B 734 -27.93 5.43 -1.96
C LEU B 734 -29.08 6.07 -2.74
N ARG B 735 -29.08 7.40 -2.83
CA ARG B 735 -30.01 8.11 -3.69
C ARG B 735 -29.78 7.75 -5.17
N GLU B 736 -30.86 7.69 -5.94
CA GLU B 736 -30.75 7.44 -7.37
C GLU B 736 -29.68 8.35 -7.96
N LEU B 737 -28.88 7.82 -8.88
CA LEU B 737 -27.77 8.58 -9.41
C LEU B 737 -27.95 8.94 -10.88
N TRP B 738 -28.70 8.11 -11.59
CA TRP B 738 -28.87 8.20 -13.03
C TRP B 738 -30.18 8.89 -13.37
N ASP B 739 -30.07 10.04 -14.05
CA ASP B 739 -31.24 10.88 -14.38
C ASP B 739 -32.40 10.09 -14.96
N GLU B 740 -33.47 9.94 -14.15
CA GLU B 740 -34.61 9.09 -14.47
C GLU B 740 -35.19 9.32 -15.86
N GLU B 741 -35.26 10.58 -16.29
CA GLU B 741 -35.83 10.84 -17.59
C GLU B 741 -34.84 10.48 -18.67
N LEU B 742 -33.56 10.67 -18.37
CA LEU B 742 -32.55 10.28 -19.33
C LEU B 742 -32.60 8.77 -19.57
N VAL B 743 -32.67 7.99 -18.50
CA VAL B 743 -32.74 6.54 -18.68
C VAL B 743 -34.00 6.21 -19.49
N GLN B 744 -35.08 6.94 -19.20
CA GLN B 744 -36.33 6.71 -19.92
C GLN B 744 -36.07 6.81 -21.42
N GLN B 745 -35.51 7.93 -21.86
CA GLN B 745 -35.26 8.19 -23.26
C GLN B 745 -34.39 7.10 -23.88
N ILE B 746 -33.28 6.81 -23.22
CA ILE B 746 -32.35 5.82 -23.74
C ILE B 746 -33.03 4.47 -23.86
N SER B 747 -33.88 4.11 -22.90
CA SER B 747 -34.60 2.82 -22.99
C SER B 747 -35.65 2.79 -24.12
N SER B 748 -36.12 3.98 -24.49
CA SER B 748 -37.11 4.15 -25.57
C SER B 748 -36.50 4.24 -26.96
N HIS B 749 -35.18 4.18 -27.04
CA HIS B 749 -34.49 4.35 -28.31
C HIS B 749 -34.51 3.04 -29.10
N SER B 750 -34.53 3.15 -30.43
CA SER B 750 -34.68 1.99 -31.32
C SER B 750 -33.46 1.06 -31.35
N ALA B 751 -32.28 1.62 -31.13
CA ALA B 751 -31.09 0.79 -30.94
C ALA B 751 -31.21 -0.05 -29.65
N VAL B 752 -31.78 0.54 -28.60
CA VAL B 752 -31.74 -0.06 -27.27
C VAL B 752 -32.82 -1.13 -27.08
N GLN B 753 -32.37 -2.33 -26.76
CA GLN B 753 -33.26 -3.46 -26.51
C GLN B 753 -33.75 -3.54 -25.06
N ARG B 754 -32.88 -3.17 -24.11
CA ARG B 754 -33.23 -3.13 -22.70
C ARG B 754 -32.27 -2.27 -21.91
N VAL B 755 -32.72 -1.78 -20.76
CA VAL B 755 -31.87 -1.03 -19.84
C VAL B 755 -32.01 -1.62 -18.44
N VAL B 756 -30.89 -1.64 -17.73
CA VAL B 756 -30.83 -2.07 -16.34
C VAL B 756 -30.12 -0.97 -15.56
N VAL B 757 -30.81 -0.39 -14.59
CA VAL B 757 -30.21 0.69 -13.81
C VAL B 757 -30.53 0.57 -12.33
N ILE B 758 -29.48 0.67 -11.52
CA ILE B 758 -29.62 0.56 -10.08
C ILE B 758 -28.28 0.94 -9.40
N GLY B 759 -28.36 1.78 -8.38
CA GLY B 759 -27.17 2.24 -7.70
C GLY B 759 -26.16 2.86 -8.65
N THR B 760 -24.95 2.34 -8.62
CA THR B 760 -23.83 2.92 -9.36
C THR B 760 -23.69 2.32 -10.77
N LEU B 761 -24.69 1.54 -11.18
CA LEU B 761 -24.67 0.83 -12.46
C LEU B 761 -25.71 1.32 -13.47
N PHE B 762 -25.23 1.69 -14.65
CA PHE B 762 -26.13 1.89 -15.79
C PHE B 762 -25.74 0.99 -16.98
N ALA B 763 -26.64 0.09 -17.36
CA ALA B 763 -26.36 -0.84 -18.45
C ALA B 763 -27.44 -0.76 -19.50
N LEU B 764 -27.03 -0.86 -20.75
CA LEU B 764 -27.99 -1.01 -21.83
C LEU B 764 -27.51 -2.11 -22.75
N GLU B 765 -28.45 -2.82 -23.37
CA GLU B 765 -28.12 -3.80 -24.41
C GLU B 765 -28.65 -3.32 -25.76
N LEU B 766 -27.79 -3.34 -26.76
CA LEU B 766 -28.16 -2.91 -28.10
C LEU B 766 -28.79 -4.06 -28.90
N LYS B 767 -29.65 -3.74 -29.86
CA LYS B 767 -30.40 -4.77 -30.60
C LYS B 767 -29.54 -5.54 -31.62
N ALA B 768 -29.79 -6.85 -31.74
CA ALA B 768 -28.95 -7.72 -32.59
C ALA B 768 -28.97 -7.35 -34.08
N LEU B 778 -21.20 -4.81 -33.75
CA LEU B 778 -21.49 -3.99 -34.94
C LEU B 778 -21.49 -2.52 -34.58
N TYR B 779 -22.62 -2.08 -34.03
CA TYR B 779 -22.80 -0.71 -33.58
C TYR B 779 -21.97 -0.45 -32.34
N ALA B 780 -21.92 -1.46 -31.47
CA ALA B 780 -21.20 -1.43 -30.20
C ALA B 780 -19.82 -0.81 -30.30
N LYS B 781 -19.03 -1.32 -31.26
CA LYS B 781 -17.70 -0.79 -31.53
C LYS B 781 -17.78 0.73 -31.77
N SER B 782 -18.76 1.16 -32.54
CA SER B 782 -18.93 2.58 -32.83
C SER B 782 -19.03 3.37 -31.53
N LEU B 783 -20.00 3.01 -30.71
CA LEU B 783 -20.30 3.73 -29.48
C LEU B 783 -19.09 3.91 -28.57
N LEU B 784 -18.42 2.80 -28.27
CA LEU B 784 -17.20 2.80 -27.46
C LEU B 784 -16.23 3.91 -27.86
N ILE B 785 -15.96 3.98 -29.15
CA ILE B 785 -15.06 4.98 -29.70
C ILE B 785 -15.58 6.39 -29.52
N MET B 786 -16.87 6.56 -29.73
CA MET B 786 -17.45 7.88 -29.64
C MET B 786 -17.45 8.34 -28.20
N LEU B 787 -17.79 7.42 -27.30
CA LEU B 787 -17.75 7.70 -25.86
C LEU B 787 -16.34 8.11 -25.47
N ARG B 788 -15.35 7.32 -25.87
CA ARG B 788 -13.98 7.67 -25.57
C ARG B 788 -13.64 9.06 -26.07
N GLU B 789 -13.98 9.33 -27.32
CA GLU B 789 -13.80 10.65 -27.87
C GLU B 789 -14.36 11.70 -26.92
N ASP B 790 -15.40 11.31 -26.18
CA ASP B 790 -16.02 12.20 -25.20
C ASP B 790 -15.41 12.13 -23.80
N GLY B 791 -14.26 11.47 -23.66
CA GLY B 791 -13.64 11.36 -22.36
C GLY B 791 -14.30 10.35 -21.44
N ILE B 792 -14.90 9.32 -22.03
CA ILE B 792 -15.48 8.24 -21.25
C ILE B 792 -14.93 6.87 -21.65
N PHE B 793 -14.18 6.25 -20.74
CA PHE B 793 -13.60 4.94 -20.97
C PHE B 793 -14.52 3.86 -20.41
N THR B 794 -14.94 2.94 -21.27
CA THR B 794 -15.73 1.78 -20.82
C THR B 794 -15.42 0.50 -21.62
N ARG B 795 -15.65 -0.65 -21.01
CA ARG B 795 -15.36 -1.94 -21.65
C ARG B 795 -16.63 -2.67 -22.07
N PRO B 796 -16.77 -2.97 -23.36
CA PRO B 796 -18.01 -3.60 -23.81
C PRO B 796 -18.15 -4.98 -23.20
N LEU B 797 -19.36 -5.50 -23.21
CA LEU B 797 -19.60 -6.82 -22.68
C LEU B 797 -20.62 -7.46 -23.59
N GLY B 798 -20.15 -7.89 -24.77
CA GLY B 798 -21.03 -8.34 -25.82
C GLY B 798 -21.72 -7.15 -26.45
N ASN B 799 -23.05 -7.21 -26.55
CA ASN B 799 -23.81 -6.10 -27.06
C ASN B 799 -24.18 -5.17 -25.91
N VAL B 800 -23.77 -5.54 -24.70
CA VAL B 800 -24.04 -4.76 -23.50
C VAL B 800 -23.02 -3.64 -23.27
N ILE B 801 -23.51 -2.40 -23.15
CA ILE B 801 -22.67 -1.24 -22.86
C ILE B 801 -23.03 -0.68 -21.50
N TYR B 802 -22.04 -0.41 -20.66
CA TYR B 802 -22.35 0.05 -19.32
C TYR B 802 -21.59 1.26 -18.79
N LEU B 803 -22.19 1.90 -17.79
CA LEU B 803 -21.59 3.00 -17.08
C LEU B 803 -21.61 2.61 -15.63
N MET B 804 -20.45 2.63 -15.00
CA MET B 804 -20.38 2.24 -13.63
C MET B 804 -19.57 3.31 -12.90
N CYS B 805 -20.22 4.01 -11.97
CA CYS B 805 -19.53 5.02 -11.17
C CYS B 805 -19.13 4.43 -9.81
N GLY B 806 -18.57 5.26 -8.94
CA GLY B 806 -18.25 4.82 -7.59
C GLY B 806 -19.35 5.18 -6.62
N PRO B 807 -19.29 4.61 -5.41
CA PRO B 807 -20.30 4.90 -4.37
C PRO B 807 -20.38 6.39 -4.02
N CYS B 808 -19.32 7.15 -4.26
CA CYS B 808 -19.27 8.56 -3.84
C CYS B 808 -19.37 9.57 -5.01
N THR B 809 -19.63 9.06 -6.20
CA THR B 809 -19.70 9.89 -7.40
C THR B 809 -20.93 10.80 -7.36
N SER B 810 -20.76 12.08 -7.72
CA SER B 810 -21.89 13.00 -7.66
C SER B 810 -22.87 12.75 -8.81
N PRO B 811 -24.18 12.77 -8.52
CA PRO B 811 -25.19 12.62 -9.58
C PRO B 811 -25.03 13.60 -10.74
N GLU B 812 -24.45 14.77 -10.50
CA GLU B 812 -24.18 15.65 -11.61
C GLU B 812 -23.31 14.94 -12.65
N ILE B 813 -22.18 14.40 -12.18
CA ILE B 813 -21.24 13.73 -13.07
C ILE B 813 -21.92 12.61 -13.85
N CYS B 814 -22.81 11.88 -13.19
CA CYS B 814 -23.57 10.85 -13.86
C CYS B 814 -24.50 11.47 -14.90
N ARG B 815 -25.06 12.62 -14.57
CA ARG B 815 -25.95 13.31 -15.50
C ARG B 815 -25.19 13.66 -16.77
N ARG B 816 -23.94 14.10 -16.62
CA ARG B 816 -23.13 14.43 -17.78
C ARG B 816 -22.83 13.17 -18.60
N LEU B 817 -22.59 12.06 -17.92
CA LEU B 817 -22.33 10.79 -18.61
C LEU B 817 -23.52 10.38 -19.48
N LEU B 818 -24.67 10.12 -18.86
CA LEU B 818 -25.88 9.76 -19.59
C LEU B 818 -26.17 10.72 -20.73
N THR B 819 -25.92 12.00 -20.53
CA THR B 819 -26.10 12.97 -21.60
C THR B 819 -25.23 12.63 -22.82
N LYS B 820 -23.92 12.47 -22.58
CA LYS B 820 -23.00 12.15 -23.65
C LYS B 820 -23.42 10.85 -24.34
N LEU B 821 -23.83 9.88 -23.55
CA LEU B 821 -24.23 8.57 -24.07
C LEU B 821 -25.46 8.68 -24.95
N TYR B 822 -26.43 9.48 -24.52
CA TYR B 822 -27.70 9.63 -25.22
C TYR B 822 -27.45 10.31 -26.58
N LYS B 823 -26.64 11.36 -26.57
CA LYS B 823 -26.26 12.04 -27.82
C LYS B 823 -25.69 11.05 -28.84
N ARG B 824 -24.78 10.19 -28.37
CA ARG B 824 -24.09 9.27 -29.24
C ARG B 824 -25.02 8.21 -29.83
N LEU B 825 -26.04 7.83 -29.07
CA LEU B 825 -27.10 6.97 -29.62
C LEU B 825 -27.79 7.69 -30.77
N GLY B 826 -27.99 9.01 -30.60
CA GLY B 826 -28.65 9.83 -31.59
C GLY B 826 -28.12 9.61 -33.00
N GLU B 827 -26.98 8.93 -33.09
CA GLU B 827 -26.40 8.57 -34.36
C GLU B 827 -27.11 7.33 -34.89
N1 PLP C . 3.28 -23.08 -4.83
C2 PLP C . 4.32 -23.06 -3.92
C2A PLP C . 5.53 -23.91 -4.17
C3 PLP C . 4.25 -22.25 -2.79
O3 PLP C . 5.19 -22.25 -1.98
C4 PLP C . 3.12 -21.47 -2.55
C4A PLP C . 3.07 -20.61 -1.31
C5 PLP C . 2.07 -21.49 -3.48
C6 PLP C . 2.15 -22.29 -4.60
C5A PLP C . 0.84 -20.67 -3.28
O4P PLP C . 0.94 -19.25 -3.05
P PLP C . -0.18 -18.42 -2.28
O1P PLP C . 0.07 -18.77 -0.88
O2P PLP C . -1.51 -18.90 -2.76
O3P PLP C . 0.17 -17.04 -2.72
O1 TLA D . 11.34 22.40 20.39
O11 TLA D . 12.40 24.11 21.34
C1 TLA D . 12.29 22.91 21.06
C2 TLA D . 13.34 21.91 21.48
O2 TLA D . 14.11 22.26 22.61
C3 TLA D . 14.20 21.85 20.22
O3 TLA D . 14.47 23.10 19.73
C4 TLA D . 15.39 21.09 20.61
O4 TLA D . 15.60 20.07 19.90
O41 TLA D . 16.11 21.50 21.54
CN DTB E . 19.23 20.53 20.02
O DTB E . 19.60 19.95 21.04
N2 DTB E . 19.64 20.29 18.78
CR DTB E . 18.71 20.84 17.81
CS DTB E . 18.11 21.97 18.64
N1 DTB E . 18.34 21.50 20.00
CT DTB E . 18.86 23.28 18.41
CE DTB E . 19.43 21.33 16.55
CD DTB E . 19.59 20.26 15.46
CG DTB E . 18.40 20.06 14.50
CB DTB E . 18.66 20.51 13.05
CA DTB E . 18.65 19.38 12.03
C DTB E . 18.00 19.71 10.67
OI1 DTB E . 18.46 20.59 9.90
OI2 DTB E . 17.00 19.05 10.32
N1 PLP F . -17.96 -13.51 -8.58
C2 PLP F . -18.55 -12.36 -9.05
C2A PLP F . -20.03 -12.24 -9.06
C3 PLP F . -17.76 -11.32 -9.53
O3 PLP F . -18.30 -10.30 -9.95
C4 PLP F . -16.37 -11.43 -9.51
C4A PLP F . -15.53 -10.30 -10.02
C5 PLP F . -15.79 -12.60 -9.04
C6 PLP F . -16.59 -13.63 -8.57
C5A PLP F . -14.29 -12.76 -9.01
O4P PLP F . -13.45 -11.83 -8.29
P PLP F . -11.89 -11.62 -8.62
O1P PLP F . -11.97 -10.79 -9.86
O2P PLP F . -11.31 -12.96 -8.81
O3P PLP F . -11.42 -10.94 -7.40
CN DTB G . 1.87 34.67 -0.71
O DTB G . 1.23 35.28 -1.55
N2 DTB G . 1.37 34.18 0.40
CR DTB G . 2.22 33.12 0.90
CS DTB G . 3.57 33.57 0.34
N1 DTB G . 3.15 34.36 -0.81
CT DTB G . 4.32 34.44 1.34
CE DTB G . 2.12 33.17 2.41
CD DTB G . 0.96 32.26 2.78
CG DTB G . 1.48 30.94 3.33
CB DTB G . 0.61 30.37 4.45
CA DTB G . 1.40 29.23 5.09
C DTB G . 0.57 28.21 5.86
OI1 DTB G . 0.57 28.20 7.11
OI2 DTB G . -0.05 27.40 5.18
O1 TLA H . 5.74 33.52 -2.14
O11 TLA H . 4.94 31.54 -1.49
C1 TLA H . 5.85 32.36 -1.61
C2 TLA H . 7.20 32.07 -1.11
O2 TLA H . 7.49 32.66 0.09
C3 TLA H . 8.09 32.65 -2.21
O3 TLA H . 7.97 34.04 -2.29
C4 TLA H . 9.44 32.15 -1.82
O4 TLA H . 10.34 33.05 -1.87
O41 TLA H . 9.62 30.98 -1.48
#